data_3V06
# 
_entry.id   3V06 
# 
_audit_conform.dict_name       mmcif_pdbx.dic 
_audit_conform.dict_version    5.379 
_audit_conform.dict_location   http://mmcif.pdb.org/dictionaries/ascii/mmcif_pdbx.dic 
# 
loop_
_database_2.database_id 
_database_2.database_code 
_database_2.pdbx_database_accession 
_database_2.pdbx_DOI 
PDB   3V06         pdb_00003v06 10.2210/pdb3v06/pdb 
NDB   NA1502       ?            ?                   
RCSB  RCSB069428   ?            ?                   
WWPDB D_1000069428 ?            ?                   
# 
_pdbx_database_related.db_name        PDB 
_pdbx_database_related.db_id          3V07 
_pdbx_database_related.details        . 
_pdbx_database_related.content_type   unspecified 
# 
_pdbx_database_status.status_code                     REL 
_pdbx_database_status.entry_id                        3V06 
_pdbx_database_status.recvd_initial_deposition_date   2011-12-07 
_pdbx_database_status.deposit_site                    RCSB 
_pdbx_database_status.process_site                    RCSB 
_pdbx_database_status.status_code_sf                  REL 
_pdbx_database_status.status_code_mr                  ? 
_pdbx_database_status.SG_entry                        ? 
_pdbx_database_status.status_code_cs                  ? 
_pdbx_database_status.methods_development_category    ? 
_pdbx_database_status.pdb_format_compatible           Y 
_pdbx_database_status.status_code_nmr_data            ? 
# 
loop_
_audit_author.name 
_audit_author.pdbx_ordinal 
'Pallan, P.S.' 1 
'Egli, M.'     2 
# 
_citation.id                        primary 
_citation.title                     
;Insights from crystal structures into the opposite effects on RNA affinity caused by the s- and R-6'-methyl backbone modifications of 3'-fluoro hexitol nucleic Acid.
;
_citation.journal_abbrev            Biochemistry 
_citation.journal_volume            51 
_citation.page_first                7 
_citation.page_last                 9 
_citation.year                      2012 
_citation.journal_id_ASTM           BICHAW 
_citation.country                   US 
_citation.journal_id_ISSN           0006-2960 
_citation.journal_id_CSD            0033 
_citation.book_publisher            ? 
_citation.pdbx_database_id_PubMed   22229409 
_citation.pdbx_database_id_DOI      10.1021/bi201810r 
# 
loop_
_citation_author.citation_id 
_citation_author.name 
_citation_author.ordinal 
_citation_author.identifier_ORCID 
primary 'Pallan, P.S.'   1 ? 
primary 'Yu, J.'         2 ? 
primary 'Allerson, C.R.' 3 ? 
primary 'Swayze, E.E.'   4 ? 
primary 'Seth, P.'       5 ? 
primary 'Egli, M.'       6 ? 
# 
_cell.entry_id           3V06 
_cell.length_a           24.879 
_cell.length_b           45.222 
_cell.length_c           46.598 
_cell.angle_alpha        90.00 
_cell.angle_beta         90.00 
_cell.angle_gamma        90.00 
_cell.Z_PDB              8 
_cell.pdbx_unique_axis   ? 
_cell.length_a_esd       ? 
_cell.length_b_esd       ? 
_cell.length_c_esd       ? 
_cell.angle_alpha_esd    ? 
_cell.angle_beta_esd     ? 
_cell.angle_gamma_esd    ? 
# 
_symmetry.entry_id                         3V06 
_symmetry.space_group_name_H-M             'P 21 21 21' 
_symmetry.pdbx_full_space_group_name_H-M   ? 
_symmetry.cell_setting                     ? 
_symmetry.Int_Tables_number                19 
_symmetry.space_group_name_Hall            ? 
# 
loop_
_entity.id 
_entity.type 
_entity.src_method 
_entity.pdbx_description 
_entity.formula_weight 
_entity.pdbx_number_of_molecules 
_entity.pdbx_ec 
_entity.pdbx_mutation 
_entity.pdbx_fragment 
_entity.details 
1 polymer     syn 
;DNA (5'-D(*GP*CP*GP*TP*AP*(F5H)P*AP*CP*GP*C)-3')
;
3091.049 2  ? ? ? ? 
2 non-polymer syn 'STRONTIUM ION'                                    87.620   1  ? ? ? ? 
3 water       nat water                                              18.015   77 ? ? ? ? 
# 
_entity_poly.entity_id                      1 
_entity_poly.type                           polydeoxyribonucleotide 
_entity_poly.nstd_linkage                   no 
_entity_poly.nstd_monomer                   yes 
_entity_poly.pdbx_seq_one_letter_code       '(DG)(DC)(DG)(DT)(DA)(F5H)(DA)(DC)(DG)(DC)' 
_entity_poly.pdbx_seq_one_letter_code_can   GCGTAXACGC 
_entity_poly.pdbx_strand_id                 A,B 
_entity_poly.pdbx_target_identifier         ? 
# 
loop_
_entity_poly_seq.entity_id 
_entity_poly_seq.num 
_entity_poly_seq.mon_id 
_entity_poly_seq.hetero 
1 1  DG  n 
1 2  DC  n 
1 3  DG  n 
1 4  DT  n 
1 5  DA  n 
1 6  F5H n 
1 7  DA  n 
1 8  DC  n 
1 9  DG  n 
1 10 DC  n 
# 
_struct_ref.id                         1 
_struct_ref.db_name                    PDB 
_struct_ref.db_code                    3V06 
_struct_ref.pdbx_db_accession          3V06 
_struct_ref.entity_id                  1 
_struct_ref.pdbx_align_begin           ? 
_struct_ref.pdbx_seq_one_letter_code   ? 
_struct_ref.pdbx_db_isoform            ? 
# 
loop_
_struct_ref_seq.align_id 
_struct_ref_seq.ref_id 
_struct_ref_seq.pdbx_PDB_id_code 
_struct_ref_seq.pdbx_strand_id 
_struct_ref_seq.seq_align_beg 
_struct_ref_seq.pdbx_seq_align_beg_ins_code 
_struct_ref_seq.seq_align_end 
_struct_ref_seq.pdbx_seq_align_end_ins_code 
_struct_ref_seq.pdbx_db_accession 
_struct_ref_seq.db_align_beg 
_struct_ref_seq.pdbx_db_align_beg_ins_code 
_struct_ref_seq.db_align_end 
_struct_ref_seq.pdbx_db_align_end_ins_code 
_struct_ref_seq.pdbx_auth_seq_align_beg 
_struct_ref_seq.pdbx_auth_seq_align_end 
1 1 3V06 A 1 ? 10 ? 3V06 101 ? 110 ? 101 110 
2 1 3V06 B 1 ? 10 ? 3V06 201 ? 210 ? 201 210 
# 
loop_
_chem_comp.id 
_chem_comp.type 
_chem_comp.mon_nstd_flag 
_chem_comp.name 
_chem_comp.pdbx_synonyms 
_chem_comp.formula 
_chem_comp.formula_weight 
DA  'DNA linking' y "2'-DEOXYADENOSINE-5'-MONOPHOSPHATE" ? 'C10 H14 N5 O6 P'   331.222 
DC  'DNA linking' y "2'-DEOXYCYTIDINE-5'-MONOPHOSPHATE" ? 'C9 H14 N3 O7 P'    307.197 
DG  'DNA linking' y "2'-DEOXYGUANOSINE-5'-MONOPHOSPHATE" ? 'C10 H14 N5 O7 P'   347.221 
DT  'DNA linking' y "THYMIDINE-5'-MONOPHOSPHATE" ? 'C10 H15 N2 O8 P'   322.208 
F5H 'DNA linking' . 
'3,7-anhydro-1,5,6-trideoxy-5-fluoro-6-(5-methyl-2,4-dioxo-3,4-dihydropyrimidin-1(2H)-yl)-2-O-phosphono-D-glycero-L-altro-heptitol' 
? 'C12 H18 F N2 O8 P' 368.252 
HOH non-polymer   . WATER ? 'H2 O'              18.015  
SR  non-polymer   . 'STRONTIUM ION' ? 'Sr 2'              87.620  
# 
_exptl.entry_id          3V06 
_exptl.method            'X-RAY DIFFRACTION' 
_exptl.crystals_number   1 
# 
_exptl_crystal.id                    1 
_exptl_crystal.density_meas          ? 
_exptl_crystal.density_Matthews      2.12 
_exptl_crystal.density_percent_sol   41.98 
_exptl_crystal.description           ? 
_exptl_crystal.F_000                 ? 
_exptl_crystal.preparation           ? 
# 
_exptl_crystal_grow.crystal_id      1 
_exptl_crystal_grow.method          'VAPOR DIFFUSION, HANGING DROP' 
_exptl_crystal_grow.temp            291 
_exptl_crystal_grow.temp_details    ? 
_exptl_crystal_grow.pH              7.0 
_exptl_crystal_grow.pdbx_details    
;40 mM sodium cacodylate, 40 mM lithium chloride, 80 mM strontium chloride, 20 mM magnesium chloride, 12 mM spermine tetrahydrochloride, 10% v/v MPD, pH 7.0, VAPOR DIFFUSION, HANGING DROP, temperature 291K
;
_exptl_crystal_grow.pdbx_pH_range   ? 
# 
_diffrn.id                     1 
_diffrn.ambient_temp           100 
_diffrn.ambient_temp_details   ? 
_diffrn.crystal_id             1 
# 
_diffrn_detector.diffrn_id              1 
_diffrn_detector.detector               CCD 
_diffrn_detector.type                   'MARMOSAIC 225 mm CCD' 
_diffrn_detector.pdbx_collection_date   2010-07-01 
_diffrn_detector.details                ? 
# 
_diffrn_radiation.diffrn_id                        1 
_diffrn_radiation.wavelength_id                    1 
_diffrn_radiation.pdbx_monochromatic_or_laue_m_l   M 
_diffrn_radiation.monochromator                    'C(111)' 
_diffrn_radiation.pdbx_diffrn_protocol             'SINGLE WAVELENGTH' 
_diffrn_radiation.pdbx_scattering_type             x-ray 
# 
_diffrn_radiation_wavelength.id           1 
_diffrn_radiation_wavelength.wavelength   0.9787 
_diffrn_radiation_wavelength.wt           1.0 
# 
_diffrn_source.diffrn_id                   1 
_diffrn_source.source                      SYNCHROTRON 
_diffrn_source.type                        'APS BEAMLINE 21-ID-F' 
_diffrn_source.pdbx_synchrotron_site       APS 
_diffrn_source.pdbx_synchrotron_beamline   21-ID-F 
_diffrn_source.pdbx_wavelength             ? 
_diffrn_source.pdbx_wavelength_list        0.9787 
# 
_reflns.entry_id                     3V06 
_reflns.observed_criterion_sigma_I   0 
_reflns.observed_criterion_sigma_F   0 
_reflns.d_resolution_low             32.45 
_reflns.d_resolution_high            1.53 
_reflns.number_obs                   8157 
_reflns.number_all                   8268 
_reflns.percent_possible_obs         98.65 
_reflns.pdbx_Rmerge_I_obs            0.070 
_reflns.pdbx_Rsym_value              ? 
_reflns.pdbx_netI_over_sigmaI        46.3 
_reflns.B_iso_Wilson_estimate        ? 
_reflns.pdbx_redundancy              8.4 
_reflns.R_free_details               ? 
_reflns.limit_h_max                  ? 
_reflns.limit_h_min                  ? 
_reflns.limit_k_max                  ? 
_reflns.limit_k_min                  ? 
_reflns.limit_l_max                  ? 
_reflns.limit_l_min                  ? 
_reflns.observed_criterion_F_max     ? 
_reflns.observed_criterion_F_min     ? 
_reflns.pdbx_chi_squared             ? 
_reflns.pdbx_scaling_rejects         ? 
_reflns.pdbx_ordinal                 1 
_reflns.pdbx_diffrn_id               1 
# 
_reflns_shell.d_res_high             1.53 
_reflns_shell.d_res_low              1.57 
_reflns_shell.percent_possible_all   70.2 
_reflns_shell.Rmerge_I_obs           0.446 
_reflns_shell.pdbx_Rsym_value        ? 
_reflns_shell.meanI_over_sigI_obs    5.7 
_reflns_shell.pdbx_redundancy        8.5 
_reflns_shell.percent_possible_obs   ? 
_reflns_shell.number_unique_all      ? 
_reflns_shell.number_measured_all    ? 
_reflns_shell.number_measured_obs    ? 
_reflns_shell.number_unique_obs      ? 
_reflns_shell.pdbx_chi_squared       ? 
_reflns_shell.pdbx_ordinal           1 
_reflns_shell.pdbx_diffrn_id         1 
# 
_refine.entry_id                                 3V06 
_refine.ls_number_reflns_obs                     7780 
_refine.ls_number_reflns_all                     ? 
_refine.pdbx_ls_sigma_I                          0 
_refine.pdbx_ls_sigma_F                          0 
_refine.pdbx_data_cutoff_high_absF               ? 
_refine.pdbx_data_cutoff_low_absF                ? 
_refine.pdbx_data_cutoff_high_rms_absF           ? 
_refine.ls_d_res_low                             32.45 
_refine.ls_d_res_high                            1.53 
_refine.ls_percent_reflns_obs                    97.03 
_refine.ls_R_factor_obs                          0.16997 
_refine.ls_R_factor_all                          ? 
_refine.ls_R_factor_R_work                       0.16715 
_refine.ls_R_factor_R_free                       0.22693 
_refine.ls_R_factor_R_free_error                 ? 
_refine.ls_R_factor_R_free_error_details         ? 
_refine.ls_percent_reflns_R_free                 4.6 
_refine.ls_number_reflns_R_free                  377 
_refine.ls_number_parameters                     ? 
_refine.ls_number_restraints                     ? 
_refine.occupancy_min                            ? 
_refine.occupancy_max                            ? 
_refine.correlation_coeff_Fo_to_Fc               0.965 
_refine.correlation_coeff_Fo_to_Fc_free          0.955 
_refine.B_iso_mean                               18.482 
_refine.aniso_B[1][1]                            0.31 
_refine.aniso_B[2][2]                            -1.00 
_refine.aniso_B[3][3]                            0.69 
_refine.aniso_B[1][2]                            0.00 
_refine.aniso_B[1][3]                            0.00 
_refine.aniso_B[2][3]                            0.00 
_refine.solvent_model_details                    MASK 
_refine.solvent_model_param_ksol                 ? 
_refine.solvent_model_param_bsol                 ? 
_refine.pdbx_solvent_vdw_probe_radii             1.40 
_refine.pdbx_solvent_ion_probe_radii             0.80 
_refine.pdbx_solvent_shrinkage_radii             0.80 
_refine.pdbx_ls_cross_valid_method               THROUGHOUT 
_refine.details                                  ? 
_refine.pdbx_starting_model                      'PDB ENTRY 3EY2' 
_refine.pdbx_method_to_determine_struct          'MOLECULAR REPLACEMENT' 
_refine.pdbx_isotropic_thermal_model             ? 
_refine.pdbx_stereochemistry_target_values       'MAXIMUM LIKELIHOOD' 
_refine.pdbx_stereochem_target_val_spec_case     ? 
_refine.pdbx_R_Free_selection_details            RANDOM 
_refine.pdbx_overall_ESU_R                       0.100 
_refine.pdbx_overall_ESU_R_Free                  0.090 
_refine.overall_SU_ML                            0.050 
_refine.pdbx_overall_phase_error                 ? 
_refine.overall_SU_B                             2.963 
_refine.overall_SU_R_Cruickshank_DPI             ? 
_refine.ls_redundancy_reflns_obs                 ? 
_refine.B_iso_min                                ? 
_refine.B_iso_max                                ? 
_refine.overall_SU_R_free                        ? 
_refine.ls_wR_factor_R_free                      ? 
_refine.ls_wR_factor_R_work                      ? 
_refine.overall_FOM_free_R_set                   ? 
_refine.overall_FOM_work_R_set                   ? 
_refine.pdbx_diffrn_id                           1 
_refine.pdbx_refine_id                           'X-RAY DIFFRACTION' 
_refine.pdbx_TLS_residual_ADP_flag               ? 
_refine.pdbx_overall_SU_R_free_Cruickshank_DPI   ? 
_refine.pdbx_overall_SU_R_Blow_DPI               ? 
_refine.pdbx_overall_SU_R_free_Blow_DPI          ? 
# 
_refine_hist.pdbx_refine_id                   'X-RAY DIFFRACTION' 
_refine_hist.cycle_id                         LAST 
_refine_hist.pdbx_number_atoms_protein        0 
_refine_hist.pdbx_number_atoms_nucleic_acid   410 
_refine_hist.pdbx_number_atoms_ligand         1 
_refine_hist.number_atoms_solvent             77 
_refine_hist.number_atoms_total               488 
_refine_hist.d_res_high                       1.53 
_refine_hist.d_res_low                        32.45 
# 
loop_
_refine_ls_restr.type 
_refine_ls_restr.dev_ideal 
_refine_ls_restr.dev_ideal_target 
_refine_ls_restr.weight 
_refine_ls_restr.number 
_refine_ls_restr.pdbx_restraint_function 
_refine_ls_restr.pdbx_refine_id 
r_bond_refined_d     0.022 0.021 ? 460 ? 'X-RAY DIFFRACTION' 
r_angle_refined_deg  2.493 2.972 ? 714 ? 'X-RAY DIFFRACTION' 
r_chiral_restr       0.115 0.200 ? 82  ? 'X-RAY DIFFRACTION' 
r_gen_planes_refined 0.025 0.020 ? 210 ? 'X-RAY DIFFRACTION' 
r_scbond_it          3.588 3.000 ? 458 ? 'X-RAY DIFFRACTION' 
r_scangle_it         4.422 4.500 ? 704 ? 'X-RAY DIFFRACTION' 
r_rigid_bond_restr   2.724 3.000 ? 458 ? 'X-RAY DIFFRACTION' 
# 
_refine_ls_shell.pdbx_total_number_of_bins_used   20 
_refine_ls_shell.d_res_high                       1.53 
_refine_ls_shell.d_res_low                        1.569 
_refine_ls_shell.number_reflns_R_work             414 
_refine_ls_shell.R_factor_R_work                  0.167 
_refine_ls_shell.percent_reflns_obs               70.18 
_refine_ls_shell.R_factor_R_free                  0.248 
_refine_ls_shell.R_factor_R_free_error            ? 
_refine_ls_shell.percent_reflns_R_free            ? 
_refine_ls_shell.number_reflns_R_free             19 
_refine_ls_shell.number_reflns_all                ? 
_refine_ls_shell.R_factor_all                     ? 
_refine_ls_shell.number_reflns_obs                ? 
_refine_ls_shell.redundancy_reflns_obs            ? 
_refine_ls_shell.pdbx_refine_id                   'X-RAY DIFFRACTION' 
# 
_struct.entry_id                  3V06 
_struct.title                     
;Crystal structure of S-6'-Me-3'-fluoro hexitol nucleic acid
;
_struct.pdbx_model_details        ? 
_struct.pdbx_CASP_flag            ? 
_struct.pdbx_model_type_details   ? 
# 
_struct_keywords.entry_id        3V06 
_struct_keywords.pdbx_keywords   DNA 
_struct_keywords.text            
;A-form DNA, 3'-fluoro hexitol nucleic acid, FHNA, S-6'-Me-FHNA, antisense oligonucleotides, DNA
;
# 
loop_
_struct_asym.id 
_struct_asym.pdbx_blank_PDB_chainid_flag 
_struct_asym.pdbx_modified 
_struct_asym.entity_id 
_struct_asym.details 
A N N 1 ? 
B N N 1 ? 
C N N 2 ? 
D N N 3 ? 
E N N 3 ? 
# 
_struct_biol.id        1 
_struct_biol.details   ? 
# 
loop_
_struct_conn.id 
_struct_conn.conn_type_id 
_struct_conn.pdbx_leaving_atom_flag 
_struct_conn.pdbx_PDB_id 
_struct_conn.ptnr1_label_asym_id 
_struct_conn.ptnr1_label_comp_id 
_struct_conn.ptnr1_label_seq_id 
_struct_conn.ptnr1_label_atom_id 
_struct_conn.pdbx_ptnr1_label_alt_id 
_struct_conn.pdbx_ptnr1_PDB_ins_code 
_struct_conn.pdbx_ptnr1_standard_comp_id 
_struct_conn.ptnr1_symmetry 
_struct_conn.ptnr2_label_asym_id 
_struct_conn.ptnr2_label_comp_id 
_struct_conn.ptnr2_label_seq_id 
_struct_conn.ptnr2_label_atom_id 
_struct_conn.pdbx_ptnr2_label_alt_id 
_struct_conn.pdbx_ptnr2_PDB_ins_code 
_struct_conn.ptnr1_auth_asym_id 
_struct_conn.ptnr1_auth_comp_id 
_struct_conn.ptnr1_auth_seq_id 
_struct_conn.ptnr2_auth_asym_id 
_struct_conn.ptnr2_auth_comp_id 
_struct_conn.ptnr2_auth_seq_id 
_struct_conn.ptnr2_symmetry 
_struct_conn.pdbx_ptnr3_label_atom_id 
_struct_conn.pdbx_ptnr3_label_seq_id 
_struct_conn.pdbx_ptnr3_label_comp_id 
_struct_conn.pdbx_ptnr3_label_asym_id 
_struct_conn.pdbx_ptnr3_label_alt_id 
_struct_conn.pdbx_ptnr3_PDB_ins_code 
_struct_conn.details 
_struct_conn.pdbx_dist_value 
_struct_conn.pdbx_value_order 
_struct_conn.pdbx_role 
covale1  covale both ? A DA  5  "O3'" ? ? ? 1_555 A F5H 6  P  ? ? A DA  105 A F5H 106 1_555 ? ? ? ? ? ? ?            1.604 ? ? 
covale2  covale both ? A F5H 6  "O4'" ? ? ? 1_555 A DA  7  P  ? ? A F5H 106 A DA  107 1_555 ? ? ? ? ? ? ?            1.591 ? ? 
covale3  covale both ? B DA  5  "O3'" ? ? ? 1_555 B F5H 6  P  ? ? B DA  205 B F5H 206 1_555 ? ? ? ? ? ? ?            1.587 ? ? 
covale4  covale both ? B F5H 6  "O4'" ? ? ? 1_555 B DA  7  P  ? ? B F5H 206 B DA  207 1_555 ? ? ? ? ? ? ?            1.597 ? ? 
metalc1  metalc ?    ? C SR  .  SR    ? ? ? 1_555 D HOH .  O  ? ? A SR  201 A HOH 318 1_555 ? ? ? ? ? ? ?            2.476 ? ? 
metalc2  metalc ?    ? C SR  .  SR    ? ? ? 1_555 D HOH .  O  ? ? A SR  201 A HOH 334 1_555 ? ? ? ? ? ? ?            2.350 ? ? 
metalc3  metalc ?    ? C SR  .  SR    ? ? ? 1_555 D HOH .  O  ? ? A SR  201 A HOH 335 1_555 ? ? ? ? ? ? ?            2.459 ? ? 
metalc4  metalc ?    ? C SR  .  SR    ? ? ? 1_555 E HOH .  O  ? ? A SR  201 B HOH 317 1_555 ? ? ? ? ? ? ?            2.491 ? ? 
hydrog1  hydrog ?    ? A DG  1  N1    ? ? ? 1_555 B DC  10 N3 ? ? A DG  101 B DC  210 1_555 ? ? ? ? ? ? WATSON-CRICK ?     ? ? 
hydrog2  hydrog ?    ? A DG  1  N2    ? ? ? 1_555 B DC  10 O2 ? ? A DG  101 B DC  210 1_555 ? ? ? ? ? ? WATSON-CRICK ?     ? ? 
hydrog3  hydrog ?    ? A DG  1  O6    ? ? ? 1_555 B DC  10 N4 ? ? A DG  101 B DC  210 1_555 ? ? ? ? ? ? WATSON-CRICK ?     ? ? 
hydrog4  hydrog ?    ? A DC  2  N3    ? ? ? 1_555 B DG  9  N1 ? ? A DC  102 B DG  209 1_555 ? ? ? ? ? ? WATSON-CRICK ?     ? ? 
hydrog5  hydrog ?    ? A DC  2  N4    ? ? ? 1_555 B DG  9  O6 ? ? A DC  102 B DG  209 1_555 ? ? ? ? ? ? WATSON-CRICK ?     ? ? 
hydrog6  hydrog ?    ? A DC  2  O2    ? ? ? 1_555 B DG  9  N2 ? ? A DC  102 B DG  209 1_555 ? ? ? ? ? ? WATSON-CRICK ?     ? ? 
hydrog7  hydrog ?    ? A DG  3  N1    ? ? ? 1_555 B DC  8  N3 ? ? A DG  103 B DC  208 1_555 ? ? ? ? ? ? WATSON-CRICK ?     ? ? 
hydrog8  hydrog ?    ? A DG  3  N2    ? ? ? 1_555 B DC  8  O2 ? ? A DG  103 B DC  208 1_555 ? ? ? ? ? ? WATSON-CRICK ?     ? ? 
hydrog9  hydrog ?    ? A DG  3  O6    ? ? ? 1_555 B DC  8  N4 ? ? A DG  103 B DC  208 1_555 ? ? ? ? ? ? WATSON-CRICK ?     ? ? 
hydrog10 hydrog ?    ? A DT  4  N3    ? ? ? 1_555 B DA  7  N1 ? ? A DT  104 B DA  207 1_555 ? ? ? ? ? ? WATSON-CRICK ?     ? ? 
hydrog11 hydrog ?    ? A DT  4  O4    ? ? ? 1_555 B DA  7  N6 ? ? A DT  104 B DA  207 1_555 ? ? ? ? ? ? WATSON-CRICK ?     ? ? 
hydrog12 hydrog ?    ? A DA  7  N1    ? ? ? 1_555 B DT  4  N3 ? ? A DA  107 B DT  204 1_555 ? ? ? ? ? ? WATSON-CRICK ?     ? ? 
hydrog13 hydrog ?    ? A DA  7  N6    ? ? ? 1_555 B DT  4  O4 ? ? A DA  107 B DT  204 1_555 ? ? ? ? ? ? WATSON-CRICK ?     ? ? 
hydrog14 hydrog ?    ? A DC  8  N3    ? ? ? 1_555 B DG  3  N1 ? ? A DC  108 B DG  203 1_555 ? ? ? ? ? ? WATSON-CRICK ?     ? ? 
hydrog15 hydrog ?    ? A DC  8  N4    ? ? ? 1_555 B DG  3  O6 ? ? A DC  108 B DG  203 1_555 ? ? ? ? ? ? WATSON-CRICK ?     ? ? 
hydrog16 hydrog ?    ? A DC  8  O2    ? ? ? 1_555 B DG  3  N2 ? ? A DC  108 B DG  203 1_555 ? ? ? ? ? ? WATSON-CRICK ?     ? ? 
hydrog17 hydrog ?    ? A DG  9  N1    ? ? ? 1_555 B DC  2  N3 ? ? A DG  109 B DC  202 1_555 ? ? ? ? ? ? WATSON-CRICK ?     ? ? 
hydrog18 hydrog ?    ? A DG  9  N2    ? ? ? 1_555 B DC  2  O2 ? ? A DG  109 B DC  202 1_555 ? ? ? ? ? ? WATSON-CRICK ?     ? ? 
hydrog19 hydrog ?    ? A DG  9  O6    ? ? ? 1_555 B DC  2  N4 ? ? A DG  109 B DC  202 1_555 ? ? ? ? ? ? WATSON-CRICK ?     ? ? 
hydrog20 hydrog ?    ? A DC  10 N3    ? ? ? 1_555 B DG  1  N1 ? ? A DC  110 B DG  201 1_555 ? ? ? ? ? ? WATSON-CRICK ?     ? ? 
hydrog21 hydrog ?    ? A DC  10 N4    ? ? ? 1_555 B DG  1  O6 ? ? A DC  110 B DG  201 1_555 ? ? ? ? ? ? WATSON-CRICK ?     ? ? 
hydrog22 hydrog ?    ? A DC  10 O2    ? ? ? 1_555 B DG  1  N2 ? ? A DC  110 B DG  201 1_555 ? ? ? ? ? ? WATSON-CRICK ?     ? ? 
# 
loop_
_struct_conn_type.id 
_struct_conn_type.criteria 
_struct_conn_type.reference 
covale ? ? 
metalc ? ? 
hydrog ? ? 
# 
_struct_site.id                   AC1 
_struct_site.pdbx_evidence_code   Software 
_struct_site.pdbx_auth_asym_id    A 
_struct_site.pdbx_auth_comp_id    SR 
_struct_site.pdbx_auth_seq_id     201 
_struct_site.pdbx_auth_ins_code   ? 
_struct_site.pdbx_num_residues    4 
_struct_site.details              'BINDING SITE FOR RESIDUE SR A 201' 
# 
loop_
_struct_site_gen.id 
_struct_site_gen.site_id 
_struct_site_gen.pdbx_num_res 
_struct_site_gen.label_comp_id 
_struct_site_gen.label_asym_id 
_struct_site_gen.label_seq_id 
_struct_site_gen.pdbx_auth_ins_code 
_struct_site_gen.auth_comp_id 
_struct_site_gen.auth_asym_id 
_struct_site_gen.auth_seq_id 
_struct_site_gen.label_atom_id 
_struct_site_gen.label_alt_id 
_struct_site_gen.symmetry 
_struct_site_gen.details 
1 AC1 4 HOH D . ? HOH A 318 . ? 1_555 ? 
2 AC1 4 HOH D . ? HOH A 334 . ? 1_555 ? 
3 AC1 4 HOH D . ? HOH A 335 . ? 1_555 ? 
4 AC1 4 HOH E . ? HOH B 317 . ? 1_555 ? 
# 
_atom_sites.entry_id                    3V06 
_atom_sites.fract_transf_matrix[1][1]   -0.00347385 
_atom_sites.fract_transf_matrix[1][2]   -0.03283589 
_atom_sites.fract_transf_matrix[1][3]   0.02292105 
_atom_sites.fract_transf_matrix[2][1]   -0.00124762 
_atom_sites.fract_transf_matrix[2][2]   0.01272565 
_atom_sites.fract_transf_matrix[2][3]   0.01804123 
_atom_sites.fract_transf_matrix[3][1]   -0.02134539 
_atom_sites.fract_transf_matrix[3][2]   0.00082273 
_atom_sites.fract_transf_matrix[3][3]   -0.00205643 
_atom_sites.fract_transf_vector[1]      -0.132299 
_atom_sites.fract_transf_vector[2]      0.034894 
_atom_sites.fract_transf_vector[3]      -0.258242 
# 
loop_
_atom_type.symbol 
C  
F  
N  
O  
P  
SR 
# 
loop_
_atom_site.group_PDB 
_atom_site.id 
_atom_site.type_symbol 
_atom_site.label_atom_id 
_atom_site.label_alt_id 
_atom_site.label_comp_id 
_atom_site.label_asym_id 
_atom_site.label_entity_id 
_atom_site.label_seq_id 
_atom_site.pdbx_PDB_ins_code 
_atom_site.Cartn_x 
_atom_site.Cartn_y 
_atom_site.Cartn_z 
_atom_site.occupancy 
_atom_site.B_iso_or_equiv 
_atom_site.pdbx_formal_charge 
_atom_site.auth_seq_id 
_atom_site.auth_comp_id 
_atom_site.auth_asym_id 
_atom_site.auth_atom_id 
_atom_site.pdbx_PDB_model_num 
ATOM   1   O  "O5'" . DG  A 1 1  ? 4.407   -10.447 -1.482  1.00 31.91 ? 101 DG  A "O5'" 1 
ATOM   2   C  "C5'" . DG  A 1 1  ? 5.354   -10.711 -2.500  1.00 30.69 ? 101 DG  A "C5'" 1 
ATOM   3   C  "C4'" . DG  A 1 1  ? 4.698   -11.110 -3.808  1.00 26.00 ? 101 DG  A "C4'" 1 
ATOM   4   O  "O4'" . DG  A 1 1  ? 3.704   -12.159 -3.604  1.00 28.44 ? 101 DG  A "O4'" 1 
ATOM   5   C  "C3'" . DG  A 1 1  ? 3.943   -9.986  -4.483  1.00 23.48 ? 101 DG  A "C3'" 1 
ATOM   6   O  "O3'" . DG  A 1 1  ? 4.852   -9.141  -5.274  1.00 23.71 ? 101 DG  A "O3'" 1 
ATOM   7   C  "C2'" . DG  A 1 1  ? 2.886   -10.757 -5.307  1.00 24.79 ? 101 DG  A "C2'" 1 
ATOM   8   C  "C1'" . DG  A 1 1  ? 2.527   -11.939 -4.383  1.00 23.45 ? 101 DG  A "C1'" 1 
ATOM   9   N  N9    . DG  A 1 1  ? 1.366   -11.706 -3.474  1.00 21.97 ? 101 DG  A N9    1 
ATOM   10  C  C8    . DG  A 1 1  ? 1.298   -11.582 -2.124  1.00 22.76 ? 101 DG  A C8    1 
ATOM   11  N  N7    . DG  A 1 1  ? 0.093   -11.424 -1.626  1.00 19.45 ? 101 DG  A N7    1 
ATOM   12  C  C5    . DG  A 1 1  ? -0.741  -11.468 -2.739  1.00 19.07 ? 101 DG  A C5    1 
ATOM   13  C  C6    . DG  A 1 1  ? -2.172  -11.408 -2.861  1.00 19.50 ? 101 DG  A C6    1 
ATOM   14  O  O6    . DG  A 1 1  ? -3.027  -11.261 -1.966  1.00 20.10 ? 101 DG  A O6    1 
ATOM   15  N  N1    . DG  A 1 1  ? -2.560  -11.485 -4.221  1.00 15.64 ? 101 DG  A N1    1 
ATOM   16  C  C2    . DG  A 1 1  ? -1.705  -11.682 -5.260  1.00 16.37 ? 101 DG  A C2    1 
ATOM   17  N  N2    . DG  A 1 1  ? -2.238  -11.786 -6.465  1.00 16.58 ? 101 DG  A N2    1 
ATOM   18  N  N3    . DG  A 1 1  ? -0.392  -11.772 -5.153  1.00 16.42 ? 101 DG  A N3    1 
ATOM   19  C  C4    . DG  A 1 1  ? 0.026   -11.640 -3.861  1.00 18.21 ? 101 DG  A C4    1 
ATOM   20  P  P     . DC  A 1 2  ? 4.631   -7.584  -5.233  1.00 24.93 ? 102 DC  A P     1 
ATOM   21  O  OP1   . DC  A 1 2  ? 5.808   -7.094  -5.951  1.00 28.00 ? 102 DC  A OP1   1 
ATOM   22  O  OP2   . DC  A 1 2  ? 4.219   -6.995  -3.901  1.00 26.18 ? 102 DC  A OP2   1 
ATOM   23  O  "O5'" . DC  A 1 2  ? 3.396   -7.412  -6.229  1.00 22.70 ? 102 DC  A "O5'" 1 
ATOM   24  C  "C5'" . DC  A 1 2  ? 3.398   -7.816  -7.626  1.00 23.62 ? 102 DC  A "C5'" 1 
ATOM   25  C  "C4'" . DC  A 1 2  ? 1.927   -7.901  -8.025  1.00 17.57 ? 102 DC  A "C4'" 1 
ATOM   26  O  "O4'" . DC  A 1 2  ? 1.196   -8.883  -7.230  1.00 16.13 ? 102 DC  A "O4'" 1 
ATOM   27  C  "C3'" . DC  A 1 2  ? 1.101   -6.623  -7.801  1.00 17.31 ? 102 DC  A "C3'" 1 
ATOM   28  O  "O3'" . DC  A 1 2  ? 1.356   -5.744  -8.874  1.00 19.94 ? 102 DC  A "O3'" 1 
ATOM   29  C  "C2'" . DC  A 1 2  ? -0.301  -7.196  -8.018  1.00 16.58 ? 102 DC  A "C2'" 1 
ATOM   30  C  "C1'" . DC  A 1 2  ? -0.153  -8.464  -7.192  1.00 16.68 ? 102 DC  A "C1'" 1 
ATOM   31  N  N1    . DC  A 1 2  ? -0.539  -8.303  -5.748  1.00 15.95 ? 102 DC  A N1    1 
ATOM   32  C  C2    . DC  A 1 2  ? -1.919  -8.353  -5.420  1.00 13.74 ? 102 DC  A C2    1 
ATOM   33  O  O2    . DC  A 1 2  ? -2.691  -8.505  -6.403  1.00 14.12 ? 102 DC  A O2    1 
ATOM   34  N  N3    . DC  A 1 2  ? -2.333  -8.248  -4.117  1.00 12.13 ? 102 DC  A N3    1 
ATOM   35  C  C4    . DC  A 1 2  ? -1.420  -8.033  -3.145  1.00 14.00 ? 102 DC  A C4    1 
ATOM   36  N  N4    . DC  A 1 2  ? -1.874  -7.909  -1.878  1.00 18.07 ? 102 DC  A N4    1 
ATOM   37  C  C5    . DC  A 1 2  ? -0.009  -7.953  -3.473  1.00 17.36 ? 102 DC  A C5    1 
ATOM   38  C  C6    . DC  A 1 2  ? 0.369   -8.124  -4.751  1.00 16.27 ? 102 DC  A C6    1 
ATOM   39  P  P     . DG  A 1 3  ? 1.131   -4.175  -8.618  1.00 22.40 ? 103 DG  A P     1 
ATOM   40  O  OP1   . DG  A 1 3  ? 1.729   -3.514  -9.807  1.00 26.21 ? 103 DG  A OP1   1 
ATOM   41  O  OP2   . DG  A 1 3  ? 1.560   -3.830  -7.259  1.00 26.01 ? 103 DG  A OP2   1 
ATOM   42  O  "O5'" . DG  A 1 3  ? -0.478  -3.924  -8.521  1.00 18.87 ? 103 DG  A "O5'" 1 
ATOM   43  C  "C5'" . DG  A 1 3  ? -1.260  -4.107  -9.631  1.00 21.49 ? 103 DG  A "C5'" 1 
ATOM   44  C  "C4'" . DG  A 1 3  ? -2.711  -4.072  -9.305  1.00 18.32 ? 103 DG  A "C4'" 1 
ATOM   45  O  "O4'" . DG  A 1 3  ? -2.999  -5.125  -8.406  1.00 17.63 ? 103 DG  A "O4'" 1 
ATOM   46  C  "C3'" . DG  A 1 3  ? -3.323  -2.847  -8.656  1.00 15.65 ? 103 DG  A "C3'" 1 
ATOM   47  O  "O3'" . DG  A 1 3  ? -3.630  -1.914  -9.665  1.00 15.05 ? 103 DG  A "O3'" 1 
ATOM   48  C  "C2'" . DG  A 1 3  ? -4.625  -3.445  -8.090  1.00 13.95 ? 103 DG  A "C2'" 1 
ATOM   49  C  "C1'" . DG  A 1 3  ? -4.115  -4.752  -7.601  1.00 13.74 ? 103 DG  A "C1'" 1 
ATOM   50  N  N9    . DG  A 1 3  ? -3.684  -4.753  -6.182  1.00 15.25 ? 103 DG  A N9    1 
ATOM   51  C  C8    . DG  A 1 3  ? -2.462  -4.930  -5.633  1.00 15.68 ? 103 DG  A C8    1 
ATOM   52  N  N7    . DG  A 1 3  ? -2.440  -4.964  -4.377  1.00 14.01 ? 103 DG  A N7    1 
ATOM   53  C  C5    . DG  A 1 3  ? -3.759  -4.805  -3.982  1.00 13.88 ? 103 DG  A C5    1 
ATOM   54  C  C6    . DG  A 1 3  ? -4.370  -4.769  -2.685  1.00 13.99 ? 103 DG  A C6    1 
ATOM   55  O  O6    . DG  A 1 3  ? -3.849  -4.932  -1.572  1.00 14.94 ? 103 DG  A O6    1 
ATOM   56  N  N1    . DG  A 1 3  ? -5.764  -4.568  -2.844  1.00 15.10 ? 103 DG  A N1    1 
ATOM   57  C  C2    . DG  A 1 3  ? -6.470  -4.440  -4.024  1.00 13.35 ? 103 DG  A C2    1 
ATOM   58  N  N2    . DG  A 1 3  ? -7.756  -4.168  -3.923  1.00 12.70 ? 103 DG  A N2    1 
ATOM   59  N  N3    . DG  A 1 3  ? -5.903  -4.465  -5.247  1.00 13.50 ? 103 DG  A N3    1 
ATOM   60  C  C4    . DG  A 1 3  ? -4.559  -4.682  -5.129  1.00 11.88 ? 103 DG  A C4    1 
ATOM   61  P  P     . DT  A 1 4  ? -3.890  -0.371  -9.325  1.00 16.94 ? 104 DT  A P     1 
ATOM   62  O  OP1   . DT  A 1 4  ? -4.120  0.318   -10.647 1.00 17.68 ? 104 DT  A OP1   1 
ATOM   63  O  OP2   . DT  A 1 4  ? -2.929  0.117   -8.343  1.00 14.10 ? 104 DT  A OP2   1 
ATOM   64  O  "O5'" . DT  A 1 4  ? -5.285  -0.397  -8.551  1.00 15.03 ? 104 DT  A "O5'" 1 
ATOM   65  C  "C5'" . DT  A 1 4  ? -6.540  -0.322  -9.223  1.00 15.19 ? 104 DT  A "C5'" 1 
ATOM   66  C  "C4'" . DT  A 1 4  ? -7.643  -0.016  -8.218  1.00 13.62 ? 104 DT  A "C4'" 1 
ATOM   67  O  "O4'" . DT  A 1 4  ? -7.722  -1.009  -7.173  1.00 16.44 ? 104 DT  A "O4'" 1 
ATOM   68  C  "C3'" . DT  A 1 4  ? -7.396  1.259   -7.390  1.00 14.30 ? 104 DT  A "C3'" 1 
ATOM   69  O  "O3'" . DT  A 1 4  ? -7.755  2.424   -8.170  1.00 14.21 ? 104 DT  A "O3'" 1 
ATOM   70  C  "C2'" . DT  A 1 4  ? -8.237  1.038   -6.136  1.00 15.20 ? 104 DT  A "C2'" 1 
ATOM   71  C  "C1'" . DT  A 1 4  ? -8.059  -0.435  -5.890  1.00 14.67 ? 104 DT  A "C1'" 1 
ATOM   72  N  N1    . DT  A 1 4  ? -6.972  -0.767  -4.953  1.00 12.51 ? 104 DT  A N1    1 
ATOM   73  C  C2    . DT  A 1 4  ? -7.283  -0.939  -3.630  1.00 12.91 ? 104 DT  A C2    1 
ATOM   74  O  O2    . DT  A 1 4  ? -8.414  -0.708  -3.207  1.00 13.99 ? 104 DT  A O2    1 
ATOM   75  N  N3    . DT  A 1 4  ? -6.232  -1.242  -2.787  1.00 12.42 ? 104 DT  A N3    1 
ATOM   76  C  C4    . DT  A 1 4  ? -4.927  -1.433  -3.148  1.00 14.14 ? 104 DT  A C4    1 
ATOM   77  O  O4    . DT  A 1 4  ? -4.103  -1.726  -2.252  1.00 13.39 ? 104 DT  A O4    1 
ATOM   78  C  C5    . DT  A 1 4  ? -4.648  -1.217  -4.564  1.00 11.63 ? 104 DT  A C5    1 
ATOM   79  C  C7    . DT  A 1 4  ? -3.240  -1.317  -5.118  1.00 14.83 ? 104 DT  A C7    1 
ATOM   80  C  C6    . DT  A 1 4  ? -5.657  -0.894  -5.412  1.00 13.11 ? 104 DT  A C6    1 
ATOM   81  P  P     . DA  A 1 5  ? -6.999  3.802   -7.971  1.00 16.13 ? 105 DA  A P     1 
ATOM   82  O  OP1   . DA  A 1 5  ? -7.562  4.693   -9.019  1.00 19.51 ? 105 DA  A OP1   1 
ATOM   83  O  OP2   . DA  A 1 5  ? -5.532  3.603   -7.955  1.00 16.63 ? 105 DA  A OP2   1 
ATOM   84  O  "O5'" . DA  A 1 5  ? -7.518  4.155   -6.508  1.00 15.49 ? 105 DA  A "O5'" 1 
ATOM   85  C  "C5'" . DA  A 1 5  ? -6.675  4.892   -5.584  1.00 13.93 ? 105 DA  A "C5'" 1 
ATOM   86  C  "C4'" . DA  A 1 5  ? -7.333  4.772   -4.237  1.00 13.49 ? 105 DA  A "C4'" 1 
ATOM   87  O  "O4'" . DA  A 1 5  ? -7.456  3.401   -3.833  1.00 13.73 ? 105 DA  A "O4'" 1 
ATOM   88  C  "C3'" . DA  A 1 5  ? -6.543  5.423   -3.117  1.00 16.43 ? 105 DA  A "C3'" 1 
ATOM   89  O  "O3'" . DA  A 1 5  ? -6.669  6.860   -3.197  1.00 15.31 ? 105 DA  A "O3'" 1 
ATOM   90  C  "C2'" . DA  A 1 5  ? -7.205  4.787   -1.890  1.00 15.50 ? 105 DA  A "C2'" 1 
ATOM   91  C  "C1'" . DA  A 1 5  ? -7.303  3.314   -2.407  1.00 14.77 ? 105 DA  A "C1'" 1 
ATOM   92  N  N9    . DA  A 1 5  ? -6.126  2.533   -2.170  1.00 14.04 ? 105 DA  A N9    1 
ATOM   93  C  C8    . DA  A 1 5  ? -5.123  2.113   -3.027  1.00 14.20 ? 105 DA  A C8    1 
ATOM   94  N  N7    . DA  A 1 5  ? -4.219  1.407   -2.440  1.00 14.33 ? 105 DA  A N7    1 
ATOM   95  C  C5    . DA  A 1 5  ? -4.568  1.384   -1.080  1.00 12.72 ? 105 DA  A C5    1 
ATOM   96  C  C6    . DA  A 1 5  ? -3.940  0.854   0.076   1.00 12.23 ? 105 DA  A C6    1 
ATOM   97  N  N6    . DA  A 1 5  ? -2.815  0.136   0.078   1.00 14.32 ? 105 DA  A N6    1 
ATOM   98  N  N1    . DA  A 1 5  ? -4.637  1.016   1.219   1.00 13.28 ? 105 DA  A N1    1 
ATOM   99  C  C2    . DA  A 1 5  ? -5.773  1.709   1.284   1.00 12.98 ? 105 DA  A C2    1 
ATOM   100 N  N3    . DA  A 1 5  ? -6.396  2.263   0.273   1.00 14.15 ? 105 DA  A N3    1 
ATOM   101 C  C4    . DA  A 1 5  ? -5.758  2.067   -0.881  1.00 14.04 ? 105 DA  A C4    1 
HETATM 102 P  P     . F5H A 1 6  ? -5.563  7.780   -2.488  1.00 17.62 ? 106 F5H A P     1 
HETATM 103 N  N1    . F5H A 1 6  ? -4.292  4.822   2.362   1.00 14.87 ? 106 F5H A N1    1 
HETATM 104 C  C2    . F5H A 1 6  ? -3.428  4.127   3.141   1.00 14.67 ? 106 F5H A C2    1 
HETATM 105 O  O2    . F5H A 1 6  ? -3.553  4.052   4.352   1.00 15.01 ? 106 F5H A O2    1 
HETATM 106 N  N3    . F5H A 1 6  ? -2.402  3.488   2.584   1.00 14.73 ? 106 F5H A N3    1 
HETATM 107 C  C4    . F5H A 1 6  ? -2.193  3.551   1.240   1.00 12.93 ? 106 F5H A C4    1 
HETATM 108 O  O4    . F5H A 1 6  ? -1.120  2.880   0.776   1.00 15.18 ? 106 F5H A O4    1 
HETATM 109 C  C5    . F5H A 1 6  ? -3.040  4.287   0.368   1.00 12.32 ? 106 F5H A C5    1 
HETATM 110 C  C6    . F5H A 1 6  ? -4.091  4.900   0.999   1.00 12.86 ? 106 F5H A C6    1 
HETATM 111 C  C7    . F5H A 1 6  ? -2.828  4.351   -1.113  1.00 14.76 ? 106 F5H A C7    1 
HETATM 112 C  "C1'" . F5H A 1 6  ? -6.787  5.417   2.326   1.00 16.89 ? 106 F5H A "C1'" 1 
HETATM 113 O  O1P   . F5H A 1 6  ? -5.994  9.192   -2.808  1.00 20.34 ? 106 F5H A O1P   1 
HETATM 114 C  "C2'" . F5H A 1 6  ? -5.396  5.537   3.033   1.00 15.09 ? 106 F5H A "C2'" 1 
HETATM 115 O  O2P   . F5H A 1 6  ? -4.225  7.276   -2.877  1.00 17.50 ? 106 F5H A O2P   1 
HETATM 116 C  "C3'" . F5H A 1 6  ? -4.980  7.029   3.184   1.00 15.63 ? 106 F5H A "C3'" 1 
HETATM 117 F  "F3'" . F5H A 1 6  ? -5.837  7.561   4.092   1.00 17.97 ? 106 F5H A "F3'" 1 
HETATM 118 C  "C4'" . F5H A 1 6  ? -5.052  7.811   1.844   1.00 17.04 ? 106 F5H A "C4'" 1 
HETATM 119 O  "O4'" . F5H A 1 6  ? -4.971  9.234   2.091   1.00 18.75 ? 106 F5H A "O4'" 1 
HETATM 120 C  "C5'" . F5H A 1 6  ? -6.451  7.629   1.275   1.00 17.89 ? 106 F5H A "C5'" 1 
HETATM 121 O  "O5'" . F5H A 1 6  ? -6.742  6.208   1.162   1.00 17.38 ? 106 F5H A "O5'" 1 
HETATM 122 C  "C6'" . F5H A 1 6  ? -6.629  8.243   -0.117  1.00 18.19 ? 106 F5H A "C6'" 1 
HETATM 123 O  "O6'" . F5H A 1 6  ? -5.684  7.542   -0.956  1.00 17.43 ? 106 F5H A "O6'" 1 
HETATM 124 C  "C7'" . F5H A 1 6  ? -8.091  8.235   -0.587  1.00 18.15 ? 106 F5H A "C7'" 1 
ATOM   125 P  P     . DA  A 1 7  ? -3.579  10.004  2.047   1.00 17.80 ? 107 DA  A P     1 
ATOM   126 O  OP1   . DA  A 1 7  ? -3.898  11.431  2.118   1.00 20.15 ? 107 DA  A OP1   1 
ATOM   127 O  OP2   . DA  A 1 7  ? -2.711  9.560   0.965   1.00 18.30 ? 107 DA  A OP2   1 
ATOM   128 O  "O5'" . DA  A 1 7  ? -2.824  9.610   3.345   1.00 16.40 ? 107 DA  A "O5'" 1 
ATOM   129 C  "C5'" . DA  A 1 7  ? -3.355  9.832   4.636   1.00 16.91 ? 107 DA  A "C5'" 1 
ATOM   130 C  "C4'" . DA  A 1 7  ? -2.474  9.169   5.689   1.00 16.24 ? 107 DA  A "C4'" 1 
ATOM   131 O  "O4'" . DA  A 1 7  ? -2.606  7.746   5.521   1.00 15.14 ? 107 DA  A "O4'" 1 
ATOM   132 C  "C3'" . DA  A 1 7  ? -0.979  9.433   5.606   1.00 17.12 ? 107 DA  A "C3'" 1 
ATOM   133 O  "O3'" . DA  A 1 7  ? -0.594  10.785  6.116   1.00 18.68 ? 107 DA  A "O3'" 1 
ATOM   134 C  "C2'" . DA  A 1 7  ? -0.456  8.250   6.437   1.00 13.93 ? 107 DA  A "C2'" 1 
ATOM   135 C  "C1'" . DA  A 1 7  ? -1.394  7.156   5.888   1.00 15.76 ? 107 DA  A "C1'" 1 
ATOM   136 N  N9    . DA  A 1 7  ? -0.803  6.474   4.731   1.00 14.45 ? 107 DA  A N9    1 
ATOM   137 C  C8    . DA  A 1 7  ? -1.060  6.707   3.392   1.00 14.35 ? 107 DA  A C8    1 
ATOM   138 N  N7    . DA  A 1 7  ? -0.356  5.986   2.611   1.00 14.79 ? 107 DA  A N7    1 
ATOM   139 C  C5    . DA  A 1 7  ? 0.415   5.179   3.438   1.00 13.99 ? 107 DA  A C5    1 
ATOM   140 C  C6    . DA  A 1 7  ? 1.425   4.166   3.210   1.00 15.27 ? 107 DA  A C6    1 
ATOM   141 N  N6    . DA  A 1 7  ? 1.810   3.749   2.039   1.00 14.84 ? 107 DA  A N6    1 
ATOM   142 N  N1    . DA  A 1 7  ? 2.038   3.618   4.300   1.00 15.18 ? 107 DA  A N1    1 
ATOM   143 C  C2    . DA  A 1 7  ? 1.671   4.043   5.529   1.00 14.14 ? 107 DA  A C2    1 
ATOM   144 N  N3    . DA  A 1 7  ? 0.772   4.991   5.880   1.00 11.34 ? 107 DA  A N3    1 
ATOM   145 C  C4    . DA  A 1 7  ? 0.180   5.508   4.790   1.00 13.63 ? 107 DA  A C4    1 
ATOM   146 P  P     . DC  A 1 8  ? 0.668   11.546  5.498   1.00 19.04 ? 108 DC  A P     1 
ATOM   147 O  OP1   . DC  A 1 8  ? 0.555   12.856  6.148   1.00 21.70 ? 108 DC  A OP1   1 
ATOM   148 O  OP2   . DC  A 1 8  ? 0.743   11.374  4.026   1.00 20.41 ? 108 DC  A OP2   1 
ATOM   149 O  "O5'" . DC  A 1 8  ? 1.922   10.768  6.063   1.00 16.69 ? 108 DC  A "O5'" 1 
ATOM   150 C  "C5'" . DC  A 1 8  ? 2.148   10.728  7.527   1.00 18.75 ? 108 DC  A "C5'" 1 
ATOM   151 C  "C4'" . DC  A 1 8  ? 3.192   9.677   7.822   1.00 14.05 ? 108 DC  A "C4'" 1 
ATOM   152 O  "O4'" . DC  A 1 8  ? 2.683   8.428   7.354   1.00 14.15 ? 108 DC  A "O4'" 1 
ATOM   153 C  "C3'" . DC  A 1 8  ? 4.549   9.748   7.104   1.00 14.78 ? 108 DC  A "C3'" 1 
ATOM   154 O  "O3'" . DC  A 1 8  ? 5.356   10.760  7.785   1.00 14.52 ? 108 DC  A "O3'" 1 
ATOM   155 C  "C2'" . DC  A 1 8  ? 5.056   8.336   7.344   1.00 12.94 ? 108 DC  A "C2'" 1 
ATOM   156 C  "C1'" . DC  A 1 8  ? 3.749   7.556   7.058   1.00 14.05 ? 108 DC  A "C1'" 1 
ATOM   157 N  N1    . DC  A 1 8  ? 3.707   7.186   5.572   1.00 13.75 ? 108 DC  A N1    1 
ATOM   158 C  C2    . DC  A 1 8  ? 4.526   6.129   5.131   1.00 12.03 ? 108 DC  A C2    1 
ATOM   159 O  O2    . DC  A 1 8  ? 5.139   5.521   6.025   1.00 13.99 ? 108 DC  A O2    1 
ATOM   160 N  N3    . DC  A 1 8  ? 4.530   5.797   3.826   1.00 12.05 ? 108 DC  A N3    1 
ATOM   161 C  C4    . DC  A 1 8  ? 3.818   6.509   2.947   1.00 11.99 ? 108 DC  A C4    1 
ATOM   162 N  N4    . DC  A 1 8  ? 3.963   6.179   1.704   1.00 14.28 ? 108 DC  A N4    1 
ATOM   163 C  C5    . DC  A 1 8  ? 3.004   7.650   3.349   1.00 14.72 ? 108 DC  A C5    1 
ATOM   164 C  C6    . DC  A 1 8  ? 2.985   7.926   4.669   1.00 14.53 ? 108 DC  A C6    1 
ATOM   165 P  P     . DG  A 1 9  ? 6.656   11.376  7.102   1.00 16.27 ? 109 DG  A P     1 
ATOM   166 O  OP1   . DG  A 1 9  ? 7.071   12.452  8.024   1.00 18.10 ? 109 DG  A OP1   1 
ATOM   167 O  OP2   . DG  A 1 9  ? 6.437   11.736  5.692   1.00 19.82 ? 109 DG  A OP2   1 
ATOM   168 O  "O5'" . DG  A 1 9  ? 7.679   10.193  7.054   1.00 14.51 ? 109 DG  A "O5'" 1 
ATOM   169 C  "C5'" . DG  A 1 9  ? 8.397   9.795   8.222   1.00 14.37 ? 109 DG  A "C5'" 1 
ATOM   170 C  "C4'" . DG  A 1 9  ? 9.338   8.693   7.837   1.00 12.43 ? 109 DG  A "C4'" 1 
ATOM   171 O  "O4'" . DG  A 1 9  ? 8.642   7.535   7.271   1.00 14.27 ? 109 DG  A "O4'" 1 
ATOM   172 C  "C3'" . DG  A 1 9  ? 10.266  9.050   6.709   1.00 13.23 ? 109 DG  A "C3'" 1 
ATOM   173 O  "O3'" . DG  A 1 9  ? 11.357  9.860   7.241   1.00 15.50 ? 109 DG  A "O3'" 1 
ATOM   174 C  "C2'" . DG  A 1 9  ? 10.769  7.672   6.302   1.00 13.82 ? 109 DG  A "C2'" 1 
ATOM   175 C  "C1'" . DG  A 1 9  ? 9.487   6.958   6.257   1.00 12.25 ? 109 DG  A "C1'" 1 
ATOM   176 N  N9    . DG  A 1 9  ? 8.817   7.090   4.974   1.00 14.25 ? 109 DG  A N9    1 
ATOM   177 C  C8    . DG  A 1 9  ? 7.733   7.864   4.575   1.00 13.97 ? 109 DG  A C8    1 
ATOM   178 N  N7    . DG  A 1 9  ? 7.320   7.687   3.321   1.00 15.43 ? 109 DG  A N7    1 
ATOM   179 C  C5    . DG  A 1 9  ? 8.266   6.750   2.892   1.00 13.59 ? 109 DG  A C5    1 
ATOM   180 C  C6    . DG  A 1 9  ? 8.376   6.188   1.586   1.00 13.94 ? 109 DG  A C6    1 
ATOM   181 O  O6    . DG  A 1 9  ? 7.592   6.381   0.596   1.00 15.32 ? 109 DG  A O6    1 
ATOM   182 N  N1    . DG  A 1 9  ? 9.447   5.291   1.525   1.00 15.00 ? 109 DG  A N1    1 
ATOM   183 C  C2    . DG  A 1 9  ? 10.324  5.005   2.559   1.00 15.53 ? 109 DG  A C2    1 
ATOM   184 N  N2    . DG  A 1 9  ? 11.331  4.134   2.320   1.00 16.41 ? 109 DG  A N2    1 
ATOM   185 N  N3    . DG  A 1 9  ? 10.237  5.515   3.783   1.00 14.88 ? 109 DG  A N3    1 
ATOM   186 C  C4    . DG  A 1 9  ? 9.162   6.382   3.855   1.00 14.77 ? 109 DG  A C4    1 
ATOM   187 P  P     . DC  A 1 10 ? 12.003  10.964  6.259   1.00 16.34 ? 110 DC  A P     1 
ATOM   188 O  OP1   . DC  A 1 10 ? 12.923  11.647  7.076   1.00 19.27 ? 110 DC  A OP1   1 
ATOM   189 O  OP2   . DC  A 1 10 ? 10.993  11.777  5.498   1.00 17.05 ? 110 DC  A OP2   1 
ATOM   190 O  "O5'" . DC  A 1 10 ? 12.896  10.079  5.269   1.00 16.51 ? 110 DC  A "O5'" 1 
ATOM   191 C  "C5'" . DC  A 1 10 ? 13.935  9.207   5.699   1.00 15.98 ? 110 DC  A "C5'" 1 
ATOM   192 C  "C4'" . DC  A 1 10 ? 14.534  8.469   4.534   1.00 14.45 ? 110 DC  A "C4'" 1 
ATOM   193 O  "O4'" . DC  A 1 10 ? 13.551  7.600   3.975   1.00 14.05 ? 110 DC  A "O4'" 1 
ATOM   194 C  "C3'" . DC  A 1 10 ? 14.990  9.290   3.334   1.00 15.55 ? 110 DC  A "C3'" 1 
ATOM   195 O  "O3'" . DC  A 1 10 ? 16.307  9.873   3.509   1.00 13.98 ? 110 DC  A "O3'" 1 
ATOM   196 C  "C2'" . DC  A 1 10 ? 14.996  8.256   2.230   1.00 16.95 ? 110 DC  A "C2'" 1 
ATOM   197 C  "C1'" . DC  A 1 10 ? 13.763  7.441   2.580   1.00 14.89 ? 110 DC  A "C1'" 1 
ATOM   198 N  N1    . DC  A 1 10 ? 12.520  7.938   1.875   1.00 15.08 ? 110 DC  A N1    1 
ATOM   199 C  C2    . DC  A 1 10 ? 12.324  7.435   0.584   1.00 16.04 ? 110 DC  A C2    1 
ATOM   200 O  O2    . DC  A 1 10 ? 13.162  6.655   0.081   1.00 16.15 ? 110 DC  A O2    1 
ATOM   201 N  N3    . DC  A 1 10 ? 11.223  7.820   -0.072  1.00 15.55 ? 110 DC  A N3    1 
ATOM   202 C  C4    . DC  A 1 10 ? 10.342  8.695   0.480   1.00 15.86 ? 110 DC  A C4    1 
ATOM   203 N  N4    . DC  A 1 10 ? 9.237   9.041   -0.264  1.00 17.01 ? 110 DC  A N4    1 
ATOM   204 C  C5    . DC  A 1 10 ? 10.533  9.210   1.824   1.00 15.83 ? 110 DC  A C5    1 
ATOM   205 C  C6    . DC  A 1 10 ? 11.617  8.803   2.501   1.00 12.90 ? 110 DC  A C6    1 
ATOM   206 O  "O5'" . DG  B 1 1  ? 7.397   3.409   -8.427  1.00 33.41 ? 201 DG  B "O5'" 1 
ATOM   207 C  "C5'" . DG  B 1 1  ? 8.491   3.160   -9.428  1.00 30.88 ? 201 DG  B "C5'" 1 
ATOM   208 C  "C4'" . DG  B 1 1  ? 9.853   2.833   -8.783  1.00 27.37 ? 201 DG  B "C4'" 1 
ATOM   209 O  "O4'" . DG  B 1 1  ? 10.521  4.108   -8.537  1.00 26.60 ? 201 DG  B "O4'" 1 
ATOM   210 C  "C3'" . DG  B 1 1  ? 9.800   2.150   -7.397  1.00 25.91 ? 201 DG  B "C3'" 1 
ATOM   211 O  "O3'" . DG  B 1 1  ? 9.877   0.745   -7.511  1.00 21.66 ? 201 DG  B "O3'" 1 
ATOM   212 C  "C2'" . DG  B 1 1  ? 11.059  2.678   -6.711  1.00 23.95 ? 201 DG  B "C2'" 1 
ATOM   213 C  "C1'" . DG  B 1 1  ? 11.055  4.110   -7.233  1.00 25.90 ? 201 DG  B "C1'" 1 
ATOM   214 N  N9    . DG  B 1 1  ? 10.277  5.071   -6.390  1.00 23.20 ? 201 DG  B N9    1 
ATOM   215 C  C8    . DG  B 1 1  ? 9.150   5.795   -6.716  1.00 23.33 ? 201 DG  B C8    1 
ATOM   216 N  N7    . DG  B 1 1  ? 8.757   6.617   -5.790  1.00 23.08 ? 201 DG  B N7    1 
ATOM   217 C  C5    . DG  B 1 1  ? 9.660   6.422   -4.737  1.00 21.11 ? 201 DG  B C5    1 
ATOM   218 C  C6    . DG  B 1 1  ? 9.765   7.060   -3.461  1.00 19.57 ? 201 DG  B C6    1 
ATOM   219 O  O6    . DG  B 1 1  ? 8.975   7.883   -2.970  1.00 20.71 ? 201 DG  B O6    1 
ATOM   220 N  N1    . DG  B 1 1  ? 10.887  6.625   -2.712  1.00 17.54 ? 201 DG  B N1    1 
ATOM   221 C  C2    . DG  B 1 1  ? 11.763  5.675   -3.164  1.00 17.46 ? 201 DG  B C2    1 
ATOM   222 N  N2    . DG  B 1 1  ? 12.752  5.370   -2.307  1.00 17.43 ? 201 DG  B N2    1 
ATOM   223 N  N3    . DG  B 1 1  ? 11.691  5.092   -4.366  1.00 18.93 ? 201 DG  B N3    1 
ATOM   224 C  C4    . DG  B 1 1  ? 10.631  5.532   -5.106  1.00 20.24 ? 201 DG  B C4    1 
ATOM   225 P  P     . DC  B 1 2  ? 9.330   -0.241  -6.453  1.00 21.93 ? 202 DC  B P     1 
ATOM   226 O  OP1   . DC  B 1 2  ? 9.455   -1.621  -7.004  1.00 25.40 ? 202 DC  B OP1   1 
ATOM   227 O  OP2   . DC  B 1 2  ? 7.977   0.179   -5.979  1.00 25.25 ? 202 DC  B OP2   1 
ATOM   228 O  "O5'" . DC  B 1 2  ? 10.325  -0.122  -5.207  1.00 20.40 ? 202 DC  B "O5'" 1 
ATOM   229 C  "C5'" . DC  B 1 2  ? 11.645  -0.720  -5.210  1.00 18.45 ? 202 DC  B "C5'" 1 
ATOM   230 C  "C4'" . DC  B 1 2  ? 12.280  -0.260  -3.898  1.00 19.18 ? 202 DC  B "C4'" 1 
ATOM   231 O  "O4'" . DC  B 1 2  ? 12.329  1.179   -3.779  1.00 19.60 ? 202 DC  B "O4'" 1 
ATOM   232 C  "C3'" . DC  B 1 2  ? 11.529  -0.692  -2.644  1.00 18.21 ? 202 DC  B "C3'" 1 
ATOM   233 O  "O3'" . DC  B 1 2  ? 11.735  -2.073  -2.379  1.00 18.01 ? 202 DC  B "O3'" 1 
ATOM   234 C  "C2'" . DC  B 1 2  ? 12.191  0.205   -1.599  1.00 16.43 ? 202 DC  B "C2'" 1 
ATOM   235 C  "C1'" . DC  B 1 2  ? 12.214  1.491   -2.389  1.00 15.15 ? 202 DC  B "C1'" 1 
ATOM   236 N  N1    . DC  B 1 2  ? 10.955  2.361   -2.264  1.00 15.72 ? 202 DC  B N1    1 
ATOM   237 C  C2    . DC  B 1 2  ? 10.848  3.201   -1.122  1.00 14.43 ? 202 DC  B C2    1 
ATOM   238 O  O2    . DC  B 1 2  ? 11.703  3.091   -0.203  1.00 14.48 ? 202 DC  B O2    1 
ATOM   239 N  N3    . DC  B 1 2  ? 9.751   3.985   -0.997  1.00 14.62 ? 202 DC  B N3    1 
ATOM   240 C  C4    . DC  B 1 2  ? 8.815   4.034   -1.940  1.00 15.87 ? 202 DC  B C4    1 
ATOM   241 N  N4    . DC  B 1 2  ? 7.775   4.855   -1.786  1.00 16.43 ? 202 DC  B N4    1 
ATOM   242 C  C5    . DC  B 1 2  ? 8.898   3.215   -3.118  1.00 17.65 ? 202 DC  B C5    1 
ATOM   243 C  C6    . DC  B 1 2  ? 9.977   2.415   -3.243  1.00 15.36 ? 202 DC  B C6    1 
ATOM   244 P  P     . DG  B 1 3  ? 10.624  -2.879  -1.596  1.00 20.41 ? 203 DG  B P     1 
ATOM   245 O  OP1   . DG  B 1 3  ? 11.156  -4.237  -1.362  1.00 21.33 ? 203 DG  B OP1   1 
ATOM   246 O  OP2   . DG  B 1 3  ? 9.322   -2.709  -2.221  1.00 22.74 ? 203 DG  B OP2   1 
ATOM   247 O  "O5'" . DG  B 1 3  ? 10.545  -2.130  -0.213  1.00 18.67 ? 203 DG  B "O5'" 1 
ATOM   248 C  "C5'" . DG  B 1 3  ? 11.624  -2.274  0.752   1.00 18.04 ? 203 DG  B "C5'" 1 
ATOM   249 C  "C4'" . DG  B 1 3  ? 11.273  -1.512  1.991   1.00 16.10 ? 203 DG  B "C4'" 1 
ATOM   250 O  "O4'" . DG  B 1 3  ? 11.167  -0.092  1.669   1.00 18.00 ? 203 DG  B "O4'" 1 
ATOM   251 C  "C3'" . DG  B 1 3  ? 9.907   -1.749  2.561   1.00 16.93 ? 203 DG  B "C3'" 1 
ATOM   252 O  "O3'" . DG  B 1 3  ? 9.920   -2.975  3.306   1.00 17.86 ? 203 DG  B "O3'" 1 
ATOM   253 C  "C2'" . DG  B 1 3  ? 9.817   -0.532  3.506   1.00 17.49 ? 203 DG  B "C2'" 1 
ATOM   254 C  "C1'" . DG  B 1 3  ? 10.303  0.556   2.583   1.00 16.60 ? 203 DG  B "C1'" 1 
ATOM   255 N  N9    . DG  B 1 3  ? 9.212   1.221   1.841   1.00 17.02 ? 203 DG  B N9    1 
ATOM   256 C  C8    . DG  B 1 3  ? 8.798   1.096   0.533   1.00 15.96 ? 203 DG  B C8    1 
ATOM   257 N  N7    . DG  B 1 3  ? 7.710   1.793   0.222   1.00 17.54 ? 203 DG  B N7    1 
ATOM   258 C  C5    . DG  B 1 3  ? 7.430   2.423   1.412   1.00 16.30 ? 203 DG  B C5    1 
ATOM   259 C  C6    . DG  B 1 3  ? 6.410   3.362   1.727   1.00 15.54 ? 203 DG  B C6    1 
ATOM   260 O  O6    . DG  B 1 3  ? 5.530   3.812   0.995   1.00 16.12 ? 203 DG  B O6    1 
ATOM   261 N  N1    . DG  B 1 3  ? 6.431   3.795   3.058   1.00 13.93 ? 203 DG  B N1    1 
ATOM   262 C  C2    . DG  B 1 3  ? 7.356   3.410   3.971   1.00 13.48 ? 203 DG  B C2    1 
ATOM   263 N  N2    . DG  B 1 3  ? 7.219   3.851   5.239   1.00 14.86 ? 203 DG  B N2    1 
ATOM   264 N  N3    . DG  B 1 3  ? 8.349   2.533   3.693   1.00 15.03 ? 203 DG  B N3    1 
ATOM   265 C  C4    . DG  B 1 3  ? 8.326   2.111   2.407   1.00 14.72 ? 203 DG  B C4    1 
ATOM   266 P  P     . DT  B 1 4  ? 8.608   -3.772  3.659   1.00 18.14 ? 204 DT  B P     1 
ATOM   267 O  OP1   . DT  B 1 4  ? 9.107   -5.021  4.314   1.00 20.54 ? 204 DT  B OP1   1 
ATOM   268 O  OP2   . DT  B 1 4  ? 7.781   -3.793  2.435   1.00 18.02 ? 204 DT  B OP2   1 
ATOM   269 O  "O5'" . DT  B 1 4  ? 7.851   -2.878  4.759   1.00 16.97 ? 204 DT  B "O5'" 1 
ATOM   270 C  "C5'" . DT  B 1 4  ? 8.393   -2.772  6.075   1.00 18.87 ? 204 DT  B "C5'" 1 
ATOM   271 C  "C4'" . DT  B 1 4  ? 7.483   -1.901  6.913   1.00 18.28 ? 204 DT  B "C4'" 1 
ATOM   272 O  "O4'" . DT  B 1 4  ? 7.541   -0.561  6.376   1.00 17.20 ? 204 DT  B "O4'" 1 
ATOM   273 C  "C3'" . DT  B 1 4  ? 6.003   -2.195  6.895   1.00 20.92 ? 204 DT  B "C3'" 1 
ATOM   274 O  "O3'" . DT  B 1 4  ? 5.725   -3.374  7.720   1.00 18.82 ? 204 DT  B "O3'" 1 
ATOM   275 C  "C2'" . DT  B 1 4  ? 5.427   -0.875  7.370   1.00 19.20 ? 204 DT  B "C2'" 1 
ATOM   276 C  "C1'" . DT  B 1 4  ? 6.347   0.134   6.619   1.00 15.42 ? 204 DT  B "C1'" 1 
ATOM   277 N  N1    . DT  B 1 4  ? 5.638   0.447   5.301   1.00 16.12 ? 204 DT  B N1    1 
ATOM   278 C  C2    . DT  B 1 4  ? 4.608   1.436   5.347   1.00 15.15 ? 204 DT  B C2    1 
ATOM   279 O  O2    . DT  B 1 4  ? 4.276   1.966   6.406   1.00 17.26 ? 204 DT  B O2    1 
ATOM   280 N  N3    . DT  B 1 4  ? 3.962   1.721   4.160   1.00 13.46 ? 204 DT  B N3    1 
ATOM   281 C  C4    . DT  B 1 4  ? 4.217   1.103   2.946   1.00 13.71 ? 204 DT  B C4    1 
ATOM   282 O  O4    . DT  B 1 4  ? 3.568   1.455   1.972   1.00 16.54 ? 204 DT  B O4    1 
ATOM   283 C  C5    . DT  B 1 4  ? 5.296   0.091   2.933   1.00 13.90 ? 204 DT  B C5    1 
ATOM   284 C  C7    . DT  B 1 4  ? 5.647   -0.619  1.635   1.00 15.90 ? 204 DT  B C7    1 
ATOM   285 C  C6    . DT  B 1 4  ? 5.950   -0.182  4.077   1.00 16.10 ? 204 DT  B C6    1 
ATOM   286 P  P     . DA  B 1 5  ? 4.532   -4.326  7.363   1.00 20.43 ? 205 DA  B P     1 
ATOM   287 O  OP1   . DA  B 1 5  ? 4.690   -5.535  8.272   1.00 23.96 ? 205 DA  B OP1   1 
ATOM   288 O  OP2   . DA  B 1 5  ? 4.416   -4.455  5.893   1.00 22.16 ? 205 DA  B OP2   1 
ATOM   289 O  "O5'" . DA  B 1 5  ? 3.261   -3.498  7.814   1.00 18.50 ? 205 DA  B "O5'" 1 
ATOM   290 C  "C5'" . DA  B 1 5  ? 3.080   -3.257  9.205   1.00 20.15 ? 205 DA  B "C5'" 1 
ATOM   291 C  "C4'" . DA  B 1 5  ? 2.053   -2.176  9.434   1.00 18.39 ? 205 DA  B "C4'" 1 
ATOM   292 O  "O4'" . DA  B 1 5  ? 2.523   -1.020  8.675   1.00 17.54 ? 205 DA  B "O4'" 1 
ATOM   293 C  "C3'" . DA  B 1 5  ? 0.663   -2.443  8.870   1.00 17.18 ? 205 DA  B "C3'" 1 
ATOM   294 O  "O3'" . DA  B 1 5  ? -0.025  -3.257  9.814   1.00 17.49 ? 205 DA  B "O3'" 1 
ATOM   295 C  "C2'" . DA  B 1 5  ? 0.118   -1.028  8.708   1.00 14.91 ? 205 DA  B "C2'" 1 
ATOM   296 C  "C1'" . DA  B 1 5  ? 1.373   -0.299  8.238   1.00 16.82 ? 205 DA  B "C1'" 1 
ATOM   297 N  N9    . DA  B 1 5  ? 1.379   -0.301  6.753   1.00 15.80 ? 205 DA  B N9    1 
ATOM   298 C  C8    . DA  B 1 5  ? 2.116   -1.005  5.876   1.00 14.86 ? 205 DA  B C8    1 
ATOM   299 N  N7    . DA  B 1 5  ? 1.865   -0.768  4.614   1.00 13.98 ? 205 DA  B N7    1 
ATOM   300 C  C5    . DA  B 1 5  ? 0.902   0.248   4.671   1.00 13.02 ? 205 DA  B C5    1 
ATOM   301 C  C6    . DA  B 1 5  ? 0.192   0.964   3.682   1.00 13.94 ? 205 DA  B C6    1 
ATOM   302 N  N6    . DA  B 1 5  ? 0.373   0.795   2.354   1.00 14.32 ? 205 DA  B N6    1 
ATOM   303 N  N1    . DA  B 1 5  ? -0.765  1.843   4.103   1.00 13.76 ? 205 DA  B N1    1 
ATOM   304 C  C2    . DA  B 1 5  ? -0.949  2.025   5.446   1.00 14.92 ? 205 DA  B C2    1 
ATOM   305 N  N3    . DA  B 1 5  ? -0.320  1.444   6.452   1.00 13.46 ? 205 DA  B N3    1 
ATOM   306 C  C4    . DA  B 1 5  ? 0.595   0.550   6.003   1.00 14.68 ? 205 DA  B C4    1 
HETATM 307 P  P     . F5H B 1 6  ? -1.391  -3.954  9.403   1.00 18.93 ? 206 F5H B P     1 
HETATM 308 N  N1    . F5H B 1 6  ? -4.084  -0.078  5.982   1.00 15.07 ? 206 F5H B N1    1 
HETATM 309 C  C2    . F5H B 1 6  ? -4.495  0.350   4.759   1.00 15.53 ? 206 F5H B C2    1 
HETATM 310 O  O2    . F5H B 1 6  ? -5.453  1.108   4.661   1.00 16.95 ? 206 F5H B O2    1 
HETATM 311 N  N3    . F5H B 1 6  ? -3.844  -0.036  3.635   1.00 14.53 ? 206 F5H B N3    1 
HETATM 312 C  C4    . F5H B 1 6  ? -2.806  -0.914  3.681   1.00 13.55 ? 206 F5H B C4    1 
HETATM 313 O  O4    . F5H B 1 6  ? -2.208  -1.287  2.586   1.00 15.94 ? 206 F5H B O4    1 
HETATM 314 C  C5    . F5H B 1 6  ? -2.338  -1.428  4.921   1.00 14.17 ? 206 F5H B C5    1 
HETATM 315 C  C6    . F5H B 1 6  ? -3.017  -0.960  6.042   1.00 14.25 ? 206 F5H B C6    1 
HETATM 316 C  C7    . F5H B 1 6  ? -1.197  -2.427  5.110   1.00 13.46 ? 206 F5H B C7    1 
HETATM 317 C  "C1'" . F5H B 1 6  ? -3.815  0.891   8.256   1.00 16.12 ? 206 F5H B "C1'" 1 
HETATM 318 O  O1P   . F5H B 1 6  ? -1.809  -4.773  10.594  1.00 21.99 ? 206 F5H B O1P   1 
HETATM 319 C  "C2'" . F5H B 1 6  ? -4.792  0.386   7.212   1.00 16.20 ? 206 F5H B "C2'" 1 
HETATM 320 O  O2P   . F5H B 1 6  ? -1.218  -4.514  8.032   1.00 21.89 ? 206 F5H B O2P   1 
HETATM 321 C  "C3'" . F5H B 1 6  ? -5.716  -0.656  7.775   1.00 17.96 ? 206 F5H B "C3'" 1 
HETATM 322 F  "F3'" . F5H B 1 6  ? -6.516  0.011   8.681   1.00 21.08 ? 206 F5H B "F3'" 1 
HETATM 323 C  "C4'" . F5H B 1 6  ? -4.968  -1.770  8.500   1.00 17.66 ? 206 F5H B "C4'" 1 
HETATM 324 O  "O4'" . F5H B 1 6  ? -5.930  -2.538  9.229   1.00 18.75 ? 206 F5H B "O4'" 1 
HETATM 325 C  "C5'" . F5H B 1 6  ? -4.057  -1.154  9.562   1.00 16.74 ? 206 F5H B "C5'" 1 
HETATM 326 O  "O5'" . F5H B 1 6  ? -3.197  -0.178  8.982   1.00 15.97 ? 206 F5H B "O5'" 1 
HETATM 327 C  "C6'" . F5H B 1 6  ? -3.224  -2.219  10.265  1.00 16.65 ? 206 F5H B "C6'" 1 
HETATM 328 O  "O6'" . F5H B 1 6  ? -2.382  -2.772  9.242   1.00 17.38 ? 206 F5H B "O6'" 1 
HETATM 329 C  "C7'" . F5H B 1 6  ? -2.362  -1.592  11.337  1.00 16.16 ? 206 F5H B "C7'" 1 
ATOM   330 P  P     . DA  B 1 7  ? -6.569  -3.859  8.600   1.00 22.36 ? 207 DA  B P     1 
ATOM   331 O  OP1   . DA  B 1 7  ? -5.547  -4.638  7.822   1.00 24.74 ? 207 DA  B OP1   1 
ATOM   332 O  OP2   . DA  B 1 7  ? -7.248  -4.541  9.752   1.00 24.59 ? 207 DA  B OP2   1 
ATOM   333 O  "O5'" . DA  B 1 7  ? -7.592  -3.343  7.523   1.00 21.73 ? 207 DA  B "O5'" 1 
ATOM   334 C  "C5'" . DA  B 1 7  ? -8.841  -2.724  7.911   1.00 22.04 ? 207 DA  B "C5'" 1 
ATOM   335 C  "C4'" . DA  B 1 7  ? -9.567  -2.155  6.712   1.00 21.87 ? 207 DA  B "C4'" 1 
ATOM   336 O  "O4'" . DA  B 1 7  ? -8.752  -1.169  6.027   1.00 20.35 ? 207 DA  B "O4'" 1 
ATOM   337 C  "C3'" . DA  B 1 7  ? -9.865  -3.189  5.641   1.00 20.39 ? 207 DA  B "C3'" 1 
ATOM   338 O  "O3'" . DA  B 1 7  ? -10.978 -4.013  6.046   1.00 22.63 ? 207 DA  B "O3'" 1 
ATOM   339 C  "C2'" . DA  B 1 7  ? -10.180 -2.263  4.452   1.00 19.41 ? 207 DA  B "C2'" 1 
ATOM   340 C  "C1'" . DA  B 1 7  ? -9.067  -1.195  4.634   1.00 18.71 ? 207 DA  B "C1'" 1 
ATOM   341 N  N9    . DA  B 1 7  ? -7.868  -1.594  3.880   1.00 15.37 ? 207 DA  B N9    1 
ATOM   342 C  C8    . DA  B 1 7  ? -6.784  -2.300  4.327   1.00 14.57 ? 207 DA  B C8    1 
ATOM   343 N  N7    . DA  B 1 7  ? -5.857  -2.552  3.440   1.00 14.38 ? 207 DA  B N7    1 
ATOM   344 C  C5    . DA  B 1 7  ? -6.432  -2.015  2.258   1.00 12.99 ? 207 DA  B C5    1 
ATOM   345 C  C6    . DA  B 1 7  ? -5.936  -1.889  0.944   1.00 12.23 ? 207 DA  B C6    1 
ATOM   346 N  N6    . DA  B 1 7  ? -4.768  -2.432  0.517   1.00 12.62 ? 207 DA  B N6    1 
ATOM   347 N  N1    . DA  B 1 7  ? -6.772  -1.325  0.020   1.00 14.16 ? 207 DA  B N1    1 
ATOM   348 C  C2    . DA  B 1 7  ? -7.933  -0.751  0.362   1.00 13.62 ? 207 DA  B C2    1 
ATOM   349 N  N3    . DA  B 1 7  ? -8.445  -0.804  1.615   1.00 16.17 ? 207 DA  B N3    1 
ATOM   350 C  C4    . DA  B 1 7  ? -7.649  -1.387  2.524   1.00 13.47 ? 207 DA  B C4    1 
ATOM   351 P  P     . DC  B 1 8  ? -11.078 -5.521  5.599   1.00 25.35 ? 208 DC  B P     1 
ATOM   352 O  OP1   . DC  B 1 8  ? -12.294 -5.975  6.292   1.00 27.34 ? 208 DC  B OP1   1 
ATOM   353 O  OP2   . DC  B 1 8  ? -9.777  -6.218  5.729   1.00 25.61 ? 208 DC  B OP2   1 
ATOM   354 O  "O5'" . DC  B 1 8  ? -11.377 -5.524  4.034   1.00 21.46 ? 208 DC  B "O5'" 1 
ATOM   355 C  "C5'" . DC  B 1 8  ? -12.520 -4.942  3.499   1.00 20.24 ? 208 DC  B "C5'" 1 
ATOM   356 C  "C4'" . DC  B 1 8  ? -12.359 -4.649  2.032   1.00 19.94 ? 208 DC  B "C4'" 1 
ATOM   357 O  "O4'" . DC  B 1 8  ? -11.277 -3.733  1.862   1.00 17.60 ? 208 DC  B "O4'" 1 
ATOM   358 C  "C3'" . DC  B 1 8  ? -12.060 -5.852  1.130   1.00 21.59 ? 208 DC  B "C3'" 1 
ATOM   359 O  "O3'" . DC  B 1 8  ? -13.221 -6.693  0.897   1.00 25.41 ? 208 DC  B "O3'" 1 
ATOM   360 C  "C2'" . DC  B 1 8  ? -11.575 -5.056  -0.068  1.00 15.73 ? 208 DC  B "C2'" 1 
ATOM   361 C  "C1'" . DC  B 1 8  ? -10.734 -3.914  0.582   1.00 15.89 ? 208 DC  B "C1'" 1 
ATOM   362 N  N1    . DC  B 1 8  ? -9.322  -4.363  0.717   1.00 15.78 ? 208 DC  B N1    1 
ATOM   363 C  C2    . DC  B 1 8  ? -8.497  -4.327  -0.428  1.00 13.70 ? 208 DC  B C2    1 
ATOM   364 O  O2    . DC  B 1 8  ? -8.952  -3.855  -1.426  1.00 16.21 ? 208 DC  B O2    1 
ATOM   365 N  N3    . DC  B 1 8  ? -7.200  -4.749  -0.367  1.00 15.34 ? 208 DC  B N3    1 
ATOM   366 C  C4    . DC  B 1 8  ? -6.725  -5.246  0.775   1.00 14.49 ? 208 DC  B C4    1 
ATOM   367 N  N4    . DC  B 1 8  ? -5.441  -5.683  0.780   1.00 16.49 ? 208 DC  B N4    1 
ATOM   368 C  C5    . DC  B 1 8  ? -7.532  -5.369  2.004   1.00 14.98 ? 208 DC  B C5    1 
ATOM   369 C  C6    . DC  B 1 8  ? -8.799  -4.892  1.901   1.00 15.30 ? 208 DC  B C6    1 
ATOM   370 P  P     . DG  B 1 9  ? -12.882 -8.223  0.406   1.00 23.81 ? 209 DG  B P     1 
ATOM   371 O  OP1   . DG  B 1 9  ? -14.241 -8.767  0.451   1.00 28.38 ? 209 DG  B OP1   1 
ATOM   372 O  OP2   . DG  B 1 9  ? -11.700 -8.863  1.103   1.00 26.32 ? 209 DG  B OP2   1 
ATOM   373 O  "O5'" . DG  B 1 9  ? -12.372 -8.167  -1.136  1.00 21.14 ? 209 DG  B "O5'" 1 
ATOM   374 C  "C5'" . DG  B 1 9  ? -13.147 -7.697  -2.174  1.00 20.23 ? 209 DG  B "C5'" 1 
ATOM   375 C  "C4'" . DG  B 1 9  ? -12.262 -7.380  -3.378  1.00 16.83 ? 209 DG  B "C4'" 1 
ATOM   376 O  "O4'" . DG  B 1 9  ? -11.148 -6.580  -2.934  1.00 14.19 ? 209 DG  B "O4'" 1 
ATOM   377 C  "C3'" . DG  B 1 9  ? -11.637 -8.561  -4.082  1.00 16.11 ? 209 DG  B "C3'" 1 
ATOM   378 O  "O3'" . DG  B 1 9  ? -12.640 -9.104  -5.000  1.00 17.06 ? 209 DG  B "O3'" 1 
ATOM   379 C  "C2'" . DG  B 1 9  ? -10.486 -7.925  -4.840  1.00 13.77 ? 209 DG  B "C2'" 1 
ATOM   380 C  "C1'" . DG  B 1 9  ? -10.089 -6.924  -3.788  1.00 13.74 ? 209 DG  B "C1'" 1 
ATOM   381 N  N9    . DG  B 1 9  ? -8.988  -7.366  -2.891  1.00 14.10 ? 209 DG  B N9    1 
ATOM   382 C  C8    . DG  B 1 9  ? -8.968  -7.580  -1.526  1.00 13.85 ? 209 DG  B C8    1 
ATOM   383 N  N7    . DG  B 1 9  ? -7.767  -7.886  -1.097  1.00 13.48 ? 209 DG  B N7    1 
ATOM   384 C  C5    . DG  B 1 9  ? -6.918  -7.885  -2.200  1.00 11.59 ? 209 DG  B C5    1 
ATOM   385 C  C6    . DG  B 1 9  ? -5.545  -8.147  -2.354  1.00 12.36 ? 209 DG  B C6    1 
ATOM   386 O  O6    . DG  B 1 9  ? -4.694  -8.361  -1.472  1.00 13.95 ? 209 DG  B O6    1 
ATOM   387 N  N1    . DG  B 1 9  ? -5.152  -8.056  -3.680  1.00 13.03 ? 209 DG  B N1    1 
ATOM   388 C  C2    . DG  B 1 9  ? -5.954  -7.748  -4.757  1.00 12.90 ? 209 DG  B C2    1 
ATOM   389 N  N2    . DG  B 1 9  ? -5.330  -7.810  -5.950  1.00 13.98 ? 209 DG  B N2    1 
ATOM   390 N  N3    . DG  B 1 9  ? -7.255  -7.513  -4.630  1.00 12.64 ? 209 DG  B N3    1 
ATOM   391 C  C4    . DG  B 1 9  ? -7.671  -7.627  -3.342  1.00 11.44 ? 209 DG  B C4    1 
ATOM   392 P  P     . DC  B 1 10 ? -12.521 -10.671 -5.370  1.00 18.23 ? 210 DC  B P     1 
ATOM   393 O  OP1   . DC  B 1 10 ? -13.677 -10.841 -6.232  1.00 19.68 ? 210 DC  B OP1   1 
ATOM   394 O  OP2   . DC  B 1 10 ? -12.285 -11.531 -4.181  1.00 18.68 ? 210 DC  B OP2   1 
ATOM   395 O  "O5'" . DC  B 1 10 ? -11.224 -10.811 -6.294  1.00 18.59 ? 210 DC  B "O5'" 1 
ATOM   396 C  "C5'" . DC  B 1 10 ? -11.221 -10.187 -7.620  1.00 15.84 ? 210 DC  B "C5'" 1 
ATOM   397 C  "C4'" . DC  B 1 10 ? -9.865  -10.499 -8.179  1.00 14.43 ? 210 DC  B "C4'" 1 
ATOM   398 O  "O4'" . DC  B 1 10 ? -8.816  -9.891  -7.351  1.00 13.63 ? 210 DC  B "O4'" 1 
ATOM   399 C  "C3'" . DC  B 1 10 ? -9.427  -11.967 -8.181  1.00 15.43 ? 210 DC  B "C3'" 1 
ATOM   400 O  "O3'" . DC  B 1 10 ? -9.935  -12.623 -9.382  1.00 18.77 ? 210 DC  B "O3'" 1 
ATOM   401 C  "C2'" . DC  B 1 10 ? -7.916  -11.927 -8.201  1.00 14.70 ? 210 DC  B "C2'" 1 
ATOM   402 C  "C1'" . DC  B 1 10 ? -7.625  -10.688 -7.464  1.00 14.82 ? 210 DC  B "C1'" 1 
ATOM   403 N  N1    . DC  B 1 10 ? -7.198  -10.925 -5.993  1.00 14.36 ? 210 DC  B N1    1 
ATOM   404 C  C2    . DC  B 1 10 ? -5.839  -11.161 -5.754  1.00 14.72 ? 210 DC  B C2    1 
ATOM   405 O  O2    . DC  B 1 10 ? -5.096  -11.202 -6.725  1.00 14.27 ? 210 DC  B O2    1 
ATOM   406 N  N3    . DC  B 1 10 ? -5.414  -11.287 -4.485  1.00 14.26 ? 210 DC  B N3    1 
ATOM   407 C  C4    . DC  B 1 10 ? -6.325  -11.235 -3.491  1.00 13.08 ? 210 DC  B C4    1 
ATOM   408 N  N4    . DC  B 1 10 ? -5.845  -11.296 -2.211  1.00 14.43 ? 210 DC  B N4    1 
ATOM   409 C  C5    . DC  B 1 10 ? -7.733  -11.050 -3.720  1.00 14.88 ? 210 DC  B C5    1 
ATOM   410 C  C6    . DC  B 1 10 ? -8.132  -10.853 -4.976  1.00 13.14 ? 210 DC  B C6    1 
HETATM 411 SR SR    . SR  C 2 .  ? 0.433   -2.889  -1.059  1.00 28.98 ? 201 SR  A SR    1 
HETATM 412 O  O     . HOH D 3 .  ? -0.042  6.421   -0.010  1.00 17.65 ? 301 HOH A O     1 
HETATM 413 O  O     . HOH D 3 .  ? -2.218  7.870   -1.126  1.00 19.57 ? 302 HOH A O     1 
HETATM 414 O  O     . HOH D 3 .  ? -8.340  7.157   -8.198  1.00 19.86 ? 303 HOH A O     1 
HETATM 415 O  O     . HOH D 3 .  ? -4.399  3.819   6.922   1.00 22.29 ? 304 HOH A O     1 
HETATM 416 O  O     . HOH D 3 .  ? 8.755   11.588  3.917   1.00 21.86 ? 305 HOH A O     1 
HETATM 417 O  O     . HOH D 3 .  ? 1.039   -12.042 -7.755  1.00 20.28 ? 306 HOH A O     1 
HETATM 418 O  O     . HOH D 3 .  ? 0.013   2.055   -1.395  1.00 27.44 ? 307 HOH A O     1 
HETATM 419 O  O     . HOH D 3 .  ? -1.606  1.380   -3.511  1.00 23.98 ? 308 HOH A O     1 
HETATM 420 O  O     . HOH D 3 .  ? -2.865  -9.329  -9.113  1.00 19.63 ? 309 HOH A O     1 
HETATM 421 O  O     . HOH D 3 .  ? 2.250   8.007   -0.088  1.00 22.30 ? 310 HOH A O     1 
HETATM 422 O  O     . HOH D 3 .  ? -3.835  2.056   -6.437  1.00 17.54 ? 311 HOH A O     1 
HETATM 423 O  O     . HOH D 3 .  ? 14.518  10.268  8.759   1.00 25.59 ? 312 HOH A O     1 
HETATM 424 O  O     . HOH D 3 .  ? 5.570   9.463   2.094   1.00 25.53 ? 313 HOH A O     1 
HETATM 425 O  O     . HOH D 3 .  ? 12.510  4.642   5.253   1.00 22.83 ? 314 HOH A O     1 
HETATM 426 O  O     . HOH D 3 .  ? -8.812  7.572   -5.532  1.00 23.69 ? 315 HOH A O     1 
HETATM 427 O  O     . HOH D 3 .  ? -2.896  6.013   -4.997  1.00 30.06 ? 316 HOH A O     1 
HETATM 428 O  O     . HOH D 3 .  ? 1.666   6.426   -2.101  1.00 19.80 ? 317 HOH A O     1 
HETATM 429 O  O     . HOH D 3 .  ? -0.007  -4.452  -2.929  1.00 26.30 ? 318 HOH A O     1 
HETATM 430 O  O     . HOH D 3 .  ? 10.214  14.205  6.170   1.00 28.19 ? 319 HOH A O     1 
HETATM 431 O  O     . HOH D 3 .  ? -8.529  3.339   -11.323 1.00 27.39 ? 320 HOH A O     1 
HETATM 432 O  O     . HOH D 3 .  ? 3.592   11.079  2.923   1.00 27.05 ? 321 HOH A O     1 
HETATM 433 O  O     . HOH D 3 .  ? -10.182 5.776   1.318   1.00 24.41 ? 322 HOH A O     1 
HETATM 434 O  O     . HOH D 3 .  ? 13.558  7.454   8.817   1.00 23.75 ? 323 HOH A O     1 
HETATM 435 O  O     . HOH D 3 .  ? -9.760  0.996   -11.048 1.00 29.10 ? 324 HOH A O     1 
HETATM 436 O  O     . HOH D 3 .  ? 7.441   11.028  1.166   1.00 29.33 ? 325 HOH A O     1 
HETATM 437 O  O     . HOH D 3 .  ? -6.257  11.626  -1.962  1.00 36.09 ? 326 HOH A O     1 
HETATM 438 O  O     . HOH D 3 .  ? -0.115  8.743   -2.809  1.00 34.26 ? 327 HOH A O     1 
HETATM 439 O  O     . HOH D 3 .  ? -2.897  -7.118  -10.830 1.00 28.41 ? 328 HOH A O     1 
HETATM 440 O  O     . HOH D 3 .  ? -7.664  9.803   -4.708  1.00 30.36 ? 329 HOH A O     1 
HETATM 441 O  O     . HOH D 3 .  ? -11.268 7.557   -0.208  1.00 34.98 ? 330 HOH A O     1 
HETATM 442 O  O     . HOH D 3 .  ? -9.459  7.508   3.404   1.00 35.46 ? 331 HOH A O     1 
HETATM 443 O  O     . HOH D 3 .  ? -9.710  8.479   -10.219 1.00 20.89 ? 332 HOH A O     1 
HETATM 444 O  O     . HOH D 3 .  ? -3.396  5.171   -11.972 1.00 18.52 ? 333 HOH A O     1 
HETATM 445 O  O     . HOH D 3 .  ? -1.373  -1.732  -2.021  1.00 20.70 ? 334 HOH A O     1 
HETATM 446 O  O     . HOH D 3 .  ? -1.480  -4.263  -0.354  1.00 20.74 ? 335 HOH A O     1 
HETATM 447 O  O     . HOH D 3 .  ? -9.078  3.383   0.668   1.00 18.69 ? 336 HOH A O     1 
HETATM 448 O  O     . HOH D 3 .  ? -0.409  0.006   -7.450  1.00 29.24 ? 337 HOH A O     1 
HETATM 449 O  O     . HOH D 3 .  ? 0.121   9.810   1.626   1.00 27.38 ? 338 HOH A O     1 
HETATM 450 O  O     . HOH D 3 .  ? 5.796   7.993   -0.426  1.00 25.49 ? 339 HOH A O     1 
HETATM 451 O  O     . HOH D 3 .  ? 0.823   -3.259  -12.603 1.00 26.90 ? 340 HOH A O     1 
HETATM 452 O  O     . HOH D 3 .  ? -5.307  -4.217  -11.632 1.00 29.53 ? 341 HOH A O     1 
HETATM 453 O  O     . HOH D 3 .  ? -7.329  -2.904  -12.053 1.00 26.98 ? 342 HOH A O     1 
HETATM 454 O  O     . HOH D 3 .  ? -2.063  3.661   -5.349  1.00 28.01 ? 343 HOH A O     1 
HETATM 455 O  O     . HOH D 3 .  ? 11.313  12.650  9.381   1.00 26.35 ? 344 HOH A O     1 
HETATM 456 O  O     . HOH D 3 .  ? 8.875   14.143  9.157   0.50 18.85 ? 345 HOH A O     1 
HETATM 457 O  O     . HOH D 3 .  ? -1.781  -5.157  2.104   1.00 29.50 ? 346 HOH A O     1 
HETATM 458 O  O     . HOH D 3 .  ? -4.962  -1.160  -15.094 1.00 29.27 ? 347 HOH A O     1 
HETATM 459 O  O     . HOH E 3 .  ? -3.299  -4.789  6.420   1.00 25.34 ? 301 HOH B O     1 
HETATM 460 O  O     . HOH E 3 .  ? 5.020   -3.871  3.322   1.00 20.54 ? 302 HOH B O     1 
HETATM 461 O  O     . HOH E 3 .  ? -3.859  -4.581  3.805   1.00 18.74 ? 303 HOH B O     1 
HETATM 462 O  O     . HOH E 3 .  ? -8.535  -10.851 -11.243 1.00 18.68 ? 304 HOH B O     1 
HETATM 463 O  O     . HOH E 3 .  ? -7.896  2.734   4.436   1.00 34.25 ? 305 HOH B O     1 
HETATM 464 O  O     . HOH E 3 .  ? -4.760  -11.257 -9.421  1.00 16.85 ? 306 HOH B O     1 
HETATM 465 O  O     . HOH E 3 .  ? -0.730  2.286   9.083   1.00 19.02 ? 307 HOH B O     1 
HETATM 466 O  O     . HOH E 3 .  ? 6.129   1.131   -1.847  1.00 22.80 ? 308 HOH B O     1 
HETATM 467 O  O     . HOH E 3 .  ? -10.010 1.340   2.286   1.00 26.54 ? 309 HOH B O     1 
HETATM 468 O  O     . HOH E 3 .  ? -7.139  -8.895  1.483   1.00 32.88 ? 310 HOH B O     1 
HETATM 469 O  O     . HOH E 3 .  ? -12.578 -12.986 -9.343  1.00 25.37 ? 311 HOH B O     1 
HETATM 470 O  O     . HOH E 3 .  ? 2.713   -2.485  2.630   1.00 23.21 ? 312 HOH B O     1 
HETATM 471 O  O     . HOH E 3 .  ? -4.486  -9.202  1.052   1.00 30.44 ? 313 HOH B O     1 
HETATM 472 O  O     . HOH E 3 .  ? -6.437  -9.337  -10.402 1.00 15.96 ? 314 HOH B O     1 
HETATM 473 O  O     . HOH E 3 .  ? 11.636  -2.134  -8.569  1.00 27.66 ? 315 HOH B O     1 
HETATM 474 O  O     . HOH E 3 .  ? 3.476   0.562   -0.447  1.00 29.96 ? 316 HOH B O     1 
HETATM 475 O  O     . HOH E 3 .  ? -0.120  -2.358  1.311   1.00 27.39 ? 317 HOH B O     1 
HETATM 476 O  O     . HOH E 3 .  ? 7.340   -0.933  -3.240  1.00 36.28 ? 318 HOH B O     1 
HETATM 477 O  O     . HOH E 3 .  ? 5.710   4.399   -4.186  1.00 41.65 ? 319 HOH B O     1 
HETATM 478 O  O     . HOH E 3 .  ? 7.188   -2.952  -0.303  1.00 38.96 ? 320 HOH B O     1 
HETATM 479 O  O     . HOH E 3 .  ? 7.722   -7.370  5.017   1.00 26.15 ? 321 HOH B O     1 
HETATM 480 O  O     . HOH E 3 .  ? 11.158  -7.114  2.434   1.00 36.83 ? 322 HOH B O     1 
HETATM 481 O  O     . HOH E 3 .  ? -10.106 -10.895 -1.080  1.00 26.89 ? 323 HOH B O     1 
HETATM 482 O  O     . HOH E 3 .  ? -6.751  -6.148  5.576   0.50 19.83 ? 324 HOH B O     1 
HETATM 483 O  O     . HOH E 3 .  ? 5.027   -7.268  5.110   0.50 45.82 ? 325 HOH B O     1 
HETATM 484 O  O     . HOH E 3 .  ? 11.946  -5.996  -3.283  0.50 23.07 ? 326 HOH B O     1 
HETATM 485 O  O     . HOH E 3 .  ? 12.253  -3.827  6.575   0.50 23.82 ? 327 HOH B O     1 
HETATM 486 O  O     . HOH E 3 .  ? -4.954  -7.088  3.535   0.50 23.18 ? 328 HOH B O     1 
HETATM 487 O  O     . HOH E 3 .  ? 5.858   10.652  -4.822  0.50 23.44 ? 329 HOH B O     1 
HETATM 488 O  O     . HOH E 3 .  ? -3.101  -4.772  13.063  0.50 22.96 ? 330 HOH B O     1 
# 
loop_
_atom_site_anisotrop.id 
_atom_site_anisotrop.type_symbol 
_atom_site_anisotrop.pdbx_label_atom_id 
_atom_site_anisotrop.pdbx_label_alt_id 
_atom_site_anisotrop.pdbx_label_comp_id 
_atom_site_anisotrop.pdbx_label_asym_id 
_atom_site_anisotrop.pdbx_label_seq_id 
_atom_site_anisotrop.pdbx_PDB_ins_code 
_atom_site_anisotrop.U[1][1] 
_atom_site_anisotrop.U[2][2] 
_atom_site_anisotrop.U[3][3] 
_atom_site_anisotrop.U[1][2] 
_atom_site_anisotrop.U[1][3] 
_atom_site_anisotrop.U[2][3] 
_atom_site_anisotrop.pdbx_auth_seq_id 
_atom_site_anisotrop.pdbx_auth_comp_id 
_atom_site_anisotrop.pdbx_auth_asym_id 
_atom_site_anisotrop.pdbx_auth_atom_id 
1   O  "O5'" . DG  A 1  ? 0.4080 0.4858 0.3184 -0.0326 -0.0893 -0.0572 101 DG  A "O5'" 
2   C  "C5'" . DG  A 1  ? 0.3605 0.4327 0.3727 -0.0339 -0.0517 -0.0303 101 DG  A "C5'" 
3   C  "C4'" . DG  A 1  ? 0.3029 0.3622 0.3228 -0.0181 -0.0567 0.0105  101 DG  A "C4'" 
4   O  "O4'" . DG  A 1  ? 0.3216 0.3789 0.3801 0.0049  -0.0549 0.0590  101 DG  A "O4'" 
5   C  "C3'" . DG  A 1  ? 0.2528 0.3132 0.3261 -0.0329 -0.0279 -0.0052 101 DG  A "C3'" 
6   O  "O3'" . DG  A 1  ? 0.2158 0.3198 0.3653 0.0017  -0.0276 0.0165  101 DG  A "O3'" 
7   C  "C2'" . DG  A 1  ? 0.3043 0.3394 0.2979 -0.0345 -0.0477 -0.0007 101 DG  A "C2'" 
8   C  "C1'" . DG  A 1  ? 0.2704 0.3498 0.2706 -0.0092 -0.0623 0.0396  101 DG  A "C1'" 
9   N  N9    . DG  A 1  ? 0.2882 0.3089 0.2375 -0.0090 -0.0463 0.0043  101 DG  A N9    
10  C  C8    . DG  A 1  ? 0.2498 0.3560 0.2588 0.0050  -0.0356 0.0192  101 DG  A C8    
11  N  N7    . DG  A 1  ? 0.2185 0.3001 0.2202 0.0134  -0.0192 -0.0370 101 DG  A N7    
12  C  C5    . DG  A 1  ? 0.2428 0.2609 0.2206 0.0082  -0.0243 -0.0080 101 DG  A C5    
13  C  C6    . DG  A 1  ? 0.2350 0.2751 0.2308 -0.0142 -0.0290 -0.0354 101 DG  A C6    
14  O  O6    . DG  A 1  ? 0.2518 0.2768 0.2350 -0.0304 -0.0378 -0.0534 101 DG  A O6    
15  N  N1    . DG  A 1  ? 0.2324 0.1653 0.1964 0.0166  -0.0212 -0.0404 101 DG  A N1    
16  C  C2    . DG  A 1  ? 0.2018 0.1929 0.2272 -0.0041 -0.0111 0.0113  101 DG  A C2    
17  N  N2    . DG  A 1  ? 0.2507 0.1710 0.2080 0.0042  -0.0431 0.0004  101 DG  A N2    
18  N  N3    . DG  A 1  ? 0.2153 0.1909 0.2174 -0.0152 -0.0019 0.0169  101 DG  A N3    
19  C  C4    . DG  A 1  ? 0.2435 0.2266 0.2218 -0.0028 -0.0013 0.0189  101 DG  A C4    
20  P  P     . DC  A 2  ? 0.2536 0.3919 0.3014 -0.0276 -0.0168 -0.0292 102 DC  A P     
21  O  OP1   . DC  A 2  ? 0.3340 0.4181 0.3114 -0.0533 0.0302  -0.0430 102 DC  A OP1   
22  O  OP2   . DC  A 2  ? 0.2503 0.4421 0.3021 0.0015  -0.0256 -0.0527 102 DC  A OP2   
23  O  "O5'" . DC  A 2  ? 0.2493 0.3235 0.2895 -0.0196 -0.0297 -0.0208 102 DC  A "O5'" 
24  C  "C5'" . DC  A 2  ? 0.2888 0.3424 0.2659 -0.0241 -0.0291 -0.0231 102 DC  A "C5'" 
25  C  "C4'" . DC  A 2  ? 0.2231 0.1986 0.2458 0.0050  0.0005  0.0133  102 DC  A "C4'" 
26  O  "O4'" . DC  A 2  ? 0.1763 0.2256 0.2108 0.0100  0.0119  -0.0177 102 DC  A "O4'" 
27  C  "C3'" . DC  A 2  ? 0.1865 0.2053 0.2657 0.0211  0.0064  0.0114  102 DC  A "C3'" 
28  O  "O3'" . DC  A 2  ? 0.2635 0.2073 0.2868 0.0102  0.0142  -0.0088 102 DC  A "O3'" 
29  C  "C2'" . DC  A 2  ? 0.1804 0.2119 0.2375 0.0314  0.0015  0.0121  102 DC  A "C2'" 
30  C  "C1'" . DC  A 2  ? 0.1990 0.1815 0.2531 0.0294  0.0149  -0.0076 102 DC  A "C1'" 
31  N  N1    . DC  A 2  ? 0.1884 0.2098 0.2074 0.0054  0.0027  0.0186  102 DC  A N1    
32  C  C2    . DC  A 2  ? 0.1554 0.1884 0.1781 0.0194  -0.0133 -0.0046 102 DC  A C2    
33  O  O2    . DC  A 2  ? 0.1728 0.1639 0.1995 0.0066  -0.0059 -0.0181 102 DC  A O2    
34  N  N3    . DC  A 2  ? 0.1462 0.1602 0.1542 0.0055  -0.0180 0.0058  102 DC  A N3    
35  C  C4    . DC  A 2  ? 0.1674 0.1936 0.1708 0.0341  -0.0175 0.0016  102 DC  A C4    
36  N  N4    . DC  A 2  ? 0.2218 0.2583 0.2065 0.0366  -0.0161 0.0017  102 DC  A N4    
37  C  C5    . DC  A 2  ? 0.2163 0.2417 0.2014 0.0112  0.0091  -0.0073 102 DC  A C5    
38  C  C6    . DC  A 2  ? 0.1985 0.2067 0.2130 0.0243  0.0016  0.0123  102 DC  A C6    
39  P  P     . DG  A 3  ? 0.2767 0.2497 0.3246 0.0234  0.0151  0.0045  103 DG  A P     
40  O  OP1   . DG  A 3  ? 0.2925 0.3088 0.3945 -0.0467 -0.0041 0.0212  103 DG  A OP1   
41  O  OP2   . DG  A 3  ? 0.3726 0.2299 0.3857 -0.0147 -0.0182 -0.0343 103 DG  A OP2   
42  O  "O5'" . DG  A 3  ? 0.2144 0.2391 0.2634 -0.0179 -0.0061 0.0100  103 DG  A "O5'" 
43  C  "C5'" . DG  A 3  ? 0.2583 0.2576 0.3006 -0.0168 -0.0053 -0.0108 103 DG  A "C5'" 
44  C  "C4'" . DG  A 3  ? 0.2451 0.2271 0.2239 0.0040  0.0231  0.0237  103 DG  A "C4'" 
45  O  "O4'" . DG  A 3  ? 0.2304 0.2333 0.2062 0.0206  0.0368  0.0124  103 DG  A "O4'" 
46  C  "C3'" . DG  A 3  ? 0.1631 0.2233 0.2079 -0.0060 0.0216  0.0279  103 DG  A "C3'" 
47  O  "O3'" . DG  A 3  ? 0.1913 0.2042 0.1761 -0.0113 -0.0054 0.0032  103 DG  A "O3'" 
48  C  "C2'" . DG  A 3  ? 0.1730 0.1563 0.2004 0.0069  0.0237  0.0042  103 DG  A "C2'" 
49  C  "C1'" . DG  A 3  ? 0.1752 0.1880 0.1587 0.0271  0.0331  0.0012  103 DG  A "C1'" 
50  N  N9    . DG  A 3  ? 0.1908 0.1901 0.1983 0.0024  0.0056  -0.0073 103 DG  A N9    
51  C  C8    . DG  A 3  ? 0.2319 0.1543 0.2092 -0.0197 -0.0056 -0.0078 103 DG  A C8    
52  N  N7    . DG  A 3  ? 0.1811 0.1883 0.1630 -0.0005 0.0039  -0.0098 103 DG  A N7    
53  C  C5    . DG  A 3  ? 0.1760 0.1557 0.1956 0.0187  0.0060  -0.0060 103 DG  A C5    
54  C  C6    . DG  A 3  ? 0.1796 0.1698 0.1820 -0.0253 -0.0186 -0.0037 103 DG  A C6    
55  O  O6    . DG  A 3  ? 0.1992 0.1717 0.1964 0.0253  0.0131  0.0001  103 DG  A O6    
56  N  N1    . DG  A 3  ? 0.2065 0.1625 0.2045 0.0009  -0.0119 -0.0008 103 DG  A N1    
57  C  C2    . DG  A 3  ? 0.1768 0.1597 0.1706 -0.0137 0.0050  -0.0098 103 DG  A C2    
58  N  N2    . DG  A 3  ? 0.1602 0.1096 0.2126 -0.0220 -0.0056 -0.0124 103 DG  A N2    
59  N  N3    . DG  A 3  ? 0.1902 0.1719 0.1506 0.0026  -0.0173 0.0096  103 DG  A N3    
60  C  C4    . DG  A 3  ? 0.1536 0.1330 0.1646 -0.0070 0.0160  0.0105  103 DG  A C4    
61  P  P     . DT  A 4  ? 0.2223 0.2175 0.2036 0.0103  0.0196  0.0086  104 DT  A P     
62  O  OP1   . DT  A 4  ? 0.2340 0.2200 0.2173 0.0301  0.0425  -0.0185 104 DT  A OP1   
63  O  OP2   . DT  A 4  ? 0.1753 0.1505 0.2095 0.0156  0.0352  0.0050  104 DT  A OP2   
64  O  "O5'" . DT  A 4  ? 0.2071 0.1664 0.1974 0.0239  0.0094  -0.0098 104 DT  A "O5'" 
65  C  "C5'" . DT  A 4  ? 0.1635 0.2200 0.1934 0.0340  0.0083  -0.0198 104 DT  A "C5'" 
66  C  "C4'" . DT  A 4  ? 0.1762 0.1883 0.1529 0.0034  0.0173  -0.0107 104 DT  A "C4'" 
67  O  "O4'" . DT  A 4  ? 0.2046 0.2168 0.2031 -0.0133 -0.0175 -0.0103 104 DT  A "O4'" 
68  C  "C3'" . DT  A 4  ? 0.1706 0.1647 0.2080 0.0241  0.0027  0.0065  104 DT  A "C3'" 
69  O  "O3'" . DT  A 4  ? 0.1890 0.1874 0.1634 0.0013  -0.0173 0.0224  104 DT  A "O3'" 
70  C  "C2'" . DT  A 4  ? 0.1980 0.1692 0.2100 0.0091  0.0117  -0.0225 104 DT  A "C2'" 
71  C  "C1'" . DT  A 4  ? 0.1942 0.1815 0.1814 0.0300  -0.0208 -0.0199 104 DT  A "C1'" 
72  N  N1    . DT  A 4  ? 0.1519 0.1478 0.1757 0.0053  0.0028  -0.0156 104 DT  A N1    
73  C  C2    . DT  A 4  ? 0.1447 0.1632 0.1825 -0.0164 0.0000  0.0156  104 DT  A C2    
74  O  O2    . DT  A 4  ? 0.1590 0.2028 0.1697 0.0109  0.0232  -0.0152 104 DT  A O2    
75  N  N3    . DT  A 4  ? 0.1447 0.1462 0.1810 0.0145  0.0056  -0.0160 104 DT  A N3    
76  C  C4    . DT  A 4  ? 0.1683 0.1783 0.1905 -0.0161 -0.0078 -0.0075 104 DT  A C4    
77  O  O4    . DT  A 4  ? 0.1805 0.1569 0.1711 -0.0011 -0.0028 -0.0085 104 DT  A O4    
78  C  C5    . DT  A 4  ? 0.1524 0.1249 0.1645 0.0042  -0.0212 0.0037  104 DT  A C5    
79  C  C7    . DT  A 4  ? 0.1716 0.1541 0.2374 0.0031  -0.0064 -0.0244 104 DT  A C7    
80  C  C6    . DT  A 4  ? 0.1323 0.1641 0.2016 0.0102  -0.0066 -0.0047 104 DT  A C6    
81  P  P     . DA  A 5  ? 0.1986 0.2103 0.2040 0.0027  -0.0107 0.0151  105 DA  A P     
82  O  OP1   . DA  A 5  ? 0.3130 0.2469 0.1814 0.0198  -0.0334 -0.0177 105 DA  A OP1   
83  O  OP2   . DA  A 5  ? 0.2177 0.2019 0.2121 0.0316  0.0275  0.0153  105 DA  A OP2   
84  O  "O5'" . DA  A 5  ? 0.1990 0.1828 0.2066 -0.0149 -0.0122 -0.0096 105 DA  A "O5'" 
85  C  "C5'" . DA  A 5  ? 0.1822 0.2155 0.1315 -0.0249 -0.0221 -0.0161 105 DA  A "C5'" 
86  C  "C4'" . DA  A 5  ? 0.1823 0.1780 0.1521 -0.0021 -0.0227 0.0172  105 DA  A "C4'" 
87  O  "O4'" . DA  A 5  ? 0.1820 0.1681 0.1712 0.0072  -0.0235 -0.0148 105 DA  A "O4'" 
88  C  "C3'" . DA  A 5  ? 0.2447 0.1757 0.2036 -0.0383 -0.0333 -0.0245 105 DA  A "C3'" 
89  O  "O3'" . DA  A 5  ? 0.2033 0.1928 0.1854 -0.0172 -0.0444 -0.0184 105 DA  A "O3'" 
90  C  "C2'" . DA  A 5  ? 0.2247 0.1760 0.1880 -0.0290 -0.0482 -0.0021 105 DA  A "C2'" 
91  C  "C1'" . DA  A 5  ? 0.2198 0.1519 0.1893 0.0212  -0.0329 -0.0238 105 DA  A "C1'" 
92  N  N9    . DA  A 5  ? 0.1981 0.1732 0.1619 -0.0113 -0.0220 -0.0169 105 DA  A N9    
93  C  C8    . DA  A 5  ? 0.1722 0.1652 0.2021 -0.0341 -0.0328 -0.0163 105 DA  A C8    
94  N  N7    . DA  A 5  ? 0.2072 0.1657 0.1713 -0.0291 -0.0177 -0.0095 105 DA  A N7    
95  C  C5    . DA  A 5  ? 0.1693 0.1452 0.1688 -0.0237 -0.0007 0.0052  105 DA  A C5    
96  C  C6    . DA  A 5  ? 0.1430 0.1517 0.1701 -0.0327 -0.0215 -0.0134 105 DA  A C6    
97  N  N6    . DA  A 5  ? 0.1677 0.1590 0.2171 -0.0322 -0.0086 0.0332  105 DA  A N6    
98  N  N1    . DA  A 5  ? 0.1470 0.1629 0.1943 -0.0202 0.0008  -0.0158 105 DA  A N1    
99  C  C2    . DA  A 5  ? 0.1570 0.1362 0.1999 -0.0047 -0.0199 0.0305  105 DA  A C2    
100 N  N3    . DA  A 5  ? 0.1568 0.2117 0.1690 -0.0077 -0.0102 -0.0020 105 DA  A N3    
101 C  C4    . DA  A 5  ? 0.2083 0.1468 0.1780 -0.0197 -0.0079 -0.0204 105 DA  A C4    
102 P  P     . F5H A 6  ? 0.2494 0.1991 0.2209 -0.0203 -0.0362 -0.0030 106 F5H A P     
103 N  N1    . F5H A 6  ? 0.1844 0.2037 0.1769 -0.0026 -0.0216 0.0022  106 F5H A N1    
104 C  C2    . F5H A 6  ? 0.1575 0.2198 0.1800 -0.0159 -0.0131 -0.0057 106 F5H A C2    
105 O  O2    . F5H A 6  ? 0.1882 0.2096 0.1725 -0.0400 -0.0333 -0.0116 106 F5H A O2    
106 N  N3    . F5H A 6  ? 0.1648 0.2038 0.1908 -0.0232 0.0003  -0.0027 106 F5H A N3    
107 C  C4    . F5H A 6  ? 0.1687 0.1607 0.1617 -0.0213 -0.0331 -0.0038 106 F5H A C4    
108 O  O4    . F5H A 6  ? 0.1947 0.1788 0.2032 -0.0059 -0.0099 0.0041  106 F5H A O4    
109 C  C5    . F5H A 6  ? 0.1697 0.1432 0.1550 0.0002  -0.0236 -0.0013 106 F5H A C5    
110 C  C6    . F5H A 6  ? 0.1492 0.1675 0.1718 -0.0178 -0.0090 -0.0269 106 F5H A C6    
111 C  C7    . F5H A 6  ? 0.2309 0.1565 0.1732 -0.0460 0.0192  0.0093  106 F5H A C7    
112 C  "C1'" . F5H A 6  ? 0.1851 0.2323 0.2242 0.0172  0.0060  0.0196  106 F5H A "C1'" 
113 O  O1P   . F5H A 6  ? 0.2702 0.2257 0.2768 0.0195  -0.0357 0.0191  106 F5H A O1P   
114 C  "C2'" . F5H A 6  ? 0.1754 0.1897 0.2080 -0.0083 -0.0157 -0.0039 106 F5H A "C2'" 
115 O  O2P   . F5H A 6  ? 0.2354 0.1902 0.2391 -0.0303 -0.0111 0.0079  106 F5H A O2P   
116 C  "C3'" . F5H A 6  ? 0.2194 0.1840 0.1903 0.0086  0.0112  -0.0046 106 F5H A "C3'" 
117 F  "F3'" . F5H A 6  ? 0.2253 0.2391 0.2182 0.0104  -0.0146 -0.0329 106 F5H A "F3'" 
118 C  "C4'" . F5H A 6  ? 0.2536 0.1713 0.2222 0.0169  -0.0498 0.0124  106 F5H A "C4'" 
119 O  "O4'" . F5H A 6  ? 0.2770 0.1930 0.2425 0.0248  -0.0295 0.0224  106 F5H A "O4'" 
120 C  "C5'" . F5H A 6  ? 0.2490 0.2266 0.2042 -0.0123 -0.0288 -0.0041 106 F5H A "C5'" 
121 O  "O5'" . F5H A 6  ? 0.1995 0.2062 0.2548 0.0074  -0.0265 -0.0048 106 F5H A "O5'" 
122 C  "C6'" . F5H A 6  ? 0.2228 0.2576 0.2106 -0.0466 0.0225  0.0131  106 F5H A "C6'" 
123 O  "O6'" . F5H A 6  ? 0.2622 0.1996 0.2004 -0.0196 -0.0334 -0.0103 106 F5H A "O6'" 
124 C  "C7'" . F5H A 6  ? 0.2459 0.2401 0.2036 -0.0032 0.0284  -0.0120 106 F5H A "C7'" 
125 P  P     . DA  A 7  ? 0.2354 0.1951 0.2455 0.0189  -0.0546 0.0024  107 DA  A P     
126 O  OP1   . DA  A 7  ? 0.2972 0.2166 0.2517 0.0564  -0.0891 -0.0016 107 DA  A OP1   
127 O  OP2   . DA  A 7  ? 0.2694 0.1862 0.2397 -0.0480 -0.0174 0.0019  107 DA  A OP2   
128 O  "O5'" . DA  A 7  ? 0.2321 0.1704 0.2206 0.0078  -0.0531 0.0064  107 DA  A "O5'" 
129 C  "C5'" . DA  A 7  ? 0.2355 0.2028 0.2040 0.0243  -0.0319 0.0166  107 DA  A "C5'" 
130 C  "C4'" . DA  A 7  ? 0.2002 0.1738 0.2429 0.0184  -0.0435 0.0035  107 DA  A "C4'" 
131 O  "O4'" . DA  A 7  ? 0.1890 0.1541 0.2319 -0.0038 -0.0104 0.0046  107 DA  A "O4'" 
132 C  "C3'" . DA  A 7  ? 0.2145 0.2138 0.2220 0.0288  -0.0414 0.0229  107 DA  A "C3'" 
133 O  "O3'" . DA  A 7  ? 0.2438 0.2128 0.2531 0.0298  0.0073  0.0285  107 DA  A "O3'" 
134 C  "C2'" . DA  A 7  ? 0.1897 0.1456 0.1939 -0.0007 0.0008  0.0074  107 DA  A "C2'" 
135 C  "C1'" . DA  A 7  ? 0.2081 0.1656 0.2251 0.0021  -0.0011 -0.0150 107 DA  A "C1'" 
136 N  N9    . DA  A 7  ? 0.2083 0.1569 0.1838 -0.0033 -0.0064 0.0016  107 DA  A N9    
137 C  C8    . DA  A 7  ? 0.1957 0.1798 0.1694 -0.0183 0.0095  -0.0081 107 DA  A C8    
138 N  N7    . DA  A 7  ? 0.1935 0.1557 0.2127 0.0080  -0.0263 -0.0169 107 DA  A N7    
139 C  C5    . DA  A 7  ? 0.1859 0.1627 0.1828 -0.0003 -0.0140 -0.0026 107 DA  A C5    
140 C  C6    . DA  A 7  ? 0.2118 0.1672 0.2009 0.0159  -0.0104 -0.0159 107 DA  A C6    
141 N  N6    . DA  A 7  ? 0.1955 0.1722 0.1961 -0.0015 0.0084  -0.0172 107 DA  A N6    
142 N  N1    . DA  A 7  ? 0.1894 0.2096 0.1777 0.0217  -0.0236 -0.0028 107 DA  A N1    
143 C  C2    . DA  A 7  ? 0.2048 0.1372 0.1950 0.0070  0.0040  -0.0163 107 DA  A C2    
144 N  N3    . DA  A 7  ? 0.1180 0.1343 0.1786 -0.0042 -0.0098 -0.0116 107 DA  A N3    
145 C  C4    . DA  A 7  ? 0.1865 0.1490 0.1822 -0.0192 0.0103  0.0094  107 DA  A C4    
146 P  P     . DC  A 8  ? 0.2599 0.1909 0.2725 0.0089  -0.0349 0.0042  108 DC  A P     
147 O  OP1   . DC  A 8  ? 0.2828 0.1969 0.3445 0.0158  -0.0431 -0.0353 108 DC  A OP1   
148 O  OP2   . DC  A 8  ? 0.3106 0.1869 0.2778 -0.0253 -0.0151 0.0486  108 DC  A OP2   
149 O  "O5'" . DC  A 8  ? 0.2058 0.1660 0.2622 0.0021  -0.0283 -0.0114 108 DC  A "O5'" 
150 C  "C5'" . DC  A 8  ? 0.3033 0.1425 0.2664 -0.0105 -0.0017 0.0170  108 DC  A "C5'" 
151 C  "C4'" . DC  A 8  ? 0.1477 0.1765 0.2094 -0.0282 -0.0068 0.0262  108 DC  A "C4'" 
152 O  "O4'" . DC  A 8  ? 0.1635 0.1909 0.1829 0.0200  -0.0131 -0.0077 108 DC  A "O4'" 
153 C  "C3'" . DC  A 8  ? 0.2040 0.1564 0.2011 -0.0065 0.0002  -0.0183 108 DC  A "C3'" 
154 O  "O3'" . DC  A 8  ? 0.1930 0.1935 0.1650 -0.0165 -0.0069 0.0038  108 DC  A "O3'" 
155 C  "C2'" . DC  A 8  ? 0.1795 0.1221 0.1900 0.0015  -0.0031 0.0010  108 DC  A "C2'" 
156 C  "C1'" . DC  A 8  ? 0.1785 0.1631 0.1919 -0.0020 0.0024  0.0332  108 DC  A "C1'" 
157 N  N1    . DC  A 8  ? 0.1705 0.1685 0.1833 0.0216  0.0067  -0.0088 108 DC  A N1    
158 C  C2    . DC  A 8  ? 0.1478 0.1429 0.1662 -0.0013 0.0026  -0.0163 108 DC  A C2    
159 O  O2    . DC  A 8  ? 0.1811 0.1549 0.1953 0.0098  -0.0195 0.0127  108 DC  A O2    
160 N  N3    . DC  A 8  ? 0.1419 0.1421 0.1740 0.0167  -0.0197 -0.0114 108 DC  A N3    
161 C  C4    . DC  A 8  ? 0.1458 0.1518 0.1577 0.0048  -0.0013 -0.0037 108 DC  A C4    
162 N  N4    . DC  A 8  ? 0.1732 0.1825 0.1866 -0.0263 -0.0176 -0.0185 108 DC  A N4    
163 C  C5    . DC  A 8  ? 0.1765 0.1817 0.2009 -0.0121 0.0392  -0.0185 108 DC  A C5    
164 C  C6    . DC  A 8  ? 0.1761 0.1890 0.1869 -0.0184 0.0020  0.0137  108 DC  A C6    
165 P  P     . DG  A 9  ? 0.1914 0.1989 0.2277 -0.0105 -0.0101 0.0001  109 DG  A P     
166 O  OP1   . DG  A 9  ? 0.2129 0.2283 0.2464 -0.0150 -0.0169 -0.0210 109 DG  A OP1   
167 O  OP2   . DG  A 9  ? 0.2507 0.2487 0.2534 -0.0266 -0.0238 0.0522  109 DG  A OP2   
168 O  "O5'" . DG  A 9  ? 0.1768 0.1753 0.1990 0.0010  0.0082  -0.0189 109 DG  A "O5'" 
169 C  "C5'" . DG  A 9  ? 0.1894 0.1844 0.1718 0.0067  0.0167  -0.0177 109 DG  A "C5'" 
170 C  "C4'" . DG  A 9  ? 0.1369 0.1673 0.1679 -0.0265 0.0021  0.0113  109 DG  A "C4'" 
171 O  "O4'" . DG  A 9  ? 0.1883 0.1726 0.1812 -0.0086 0.0228  -0.0115 109 DG  A "O4'" 
172 C  "C3'" . DG  A 9  ? 0.1489 0.1920 0.1617 -0.0134 0.0086  -0.0167 109 DG  A "C3'" 
173 O  "O3'" . DG  A 9  ? 0.1847 0.2085 0.1957 -0.0054 0.0256  -0.0298 109 DG  A "O3'" 
174 C  "C2'" . DG  A 9  ? 0.1892 0.1696 0.1661 -0.0370 0.0114  -0.0257 109 DG  A "C2'" 
175 C  "C1'" . DG  A 9  ? 0.1313 0.1573 0.1765 0.0054  0.0234  -0.0169 109 DG  A "C1'" 
176 N  N9    . DG  A 9  ? 0.1830 0.1650 0.1935 -0.0019 0.0074  -0.0157 109 DG  A N9    
177 C  C8    . DG  A 9  ? 0.1964 0.1278 0.2064 -0.0100 0.0129  -0.0343 109 DG  A C8    
178 N  N7    . DG  A 9  ? 0.1945 0.1895 0.2020 -0.0341 0.0205  -0.0264 109 DG  A N7    
179 C  C5    . DG  A 9  ? 0.1477 0.1772 0.1914 -0.0159 -0.0087 -0.0167 109 DG  A C5    
180 C  C6    . DG  A 9  ? 0.1719 0.1361 0.2214 -0.0219 -0.0057 -0.0387 109 DG  A C6    
181 O  O6    . DG  A 9  ? 0.1973 0.1762 0.2085 -0.0235 -0.0072 -0.0269 109 DG  A O6    
182 N  N1    . DG  A 9  ? 0.1686 0.1755 0.2258 -0.0052 -0.0057 -0.0125 109 DG  A N1    
183 C  C2    . DG  A 9  ? 0.2003 0.1733 0.2165 -0.0170 -0.0115 -0.0259 109 DG  A C2    
184 N  N2    . DG  A 9  ? 0.2056 0.2162 0.2014 0.0303  -0.0005 -0.0289 109 DG  A N2    
185 N  N3    . DG  A 9  ? 0.1986 0.1684 0.1982 0.0066  0.0420  -0.0408 109 DG  A N3    
186 C  C4    . DG  A 9  ? 0.1820 0.1710 0.2079 -0.0224 0.0053  -0.0173 109 DG  A C4    
187 P  P     . DC  A 10 ? 0.2033 0.1970 0.2205 -0.0389 0.0041  -0.0198 110 DC  A P     
188 O  OP1   . DC  A 10 ? 0.2364 0.2712 0.2243 -0.0750 -0.0178 -0.0292 110 DC  A OP1   
189 O  OP2   . DC  A 10 ? 0.2477 0.1831 0.2170 -0.0088 0.0353  -0.0092 110 DC  A OP2   
190 O  "O5'" . DC  A 10 ? 0.1560 0.2109 0.2602 -0.0432 -0.0002 -0.0159 110 DC  A "O5'" 
191 C  "C5'" . DC  A 10 ? 0.1974 0.2079 0.2017 -0.0158 0.0032  -0.0065 110 DC  A "C5'" 
192 C  "C4'" . DC  A 10 ? 0.1798 0.1815 0.1875 -0.0217 -0.0124 -0.0263 110 DC  A "C4'" 
193 O  "O4'" . DC  A 10 ? 0.1741 0.1824 0.1772 -0.0294 -0.0107 -0.0235 110 DC  A "O4'" 
194 C  "C3'" . DC  A 10 ? 0.2101 0.1868 0.1938 0.0022  0.0104  -0.0090 110 DC  A "C3'" 
195 O  "O3'" . DC  A 10 ? 0.1638 0.1730 0.1943 0.0064  0.0361  -0.0158 110 DC  A "O3'" 
196 C  "C2'" . DC  A 10 ? 0.2289 0.2070 0.2080 -0.0241 0.0106  -0.0181 110 DC  A "C2'" 
197 C  "C1'" . DC  A 10 ? 0.1860 0.2005 0.1791 -0.0058 -0.0032 0.0089  110 DC  A "C1'" 
198 N  N1    . DC  A 10 ? 0.1823 0.1881 0.2024 -0.0272 0.0073  0.0031  110 DC  A N1    
199 C  C2    . DC  A 10 ? 0.2156 0.1696 0.2242 0.0030  -0.0032 -0.0022 110 DC  A C2    
200 O  O2    . DC  A 10 ? 0.1873 0.2142 0.2119 0.0021  -0.0159 -0.0003 110 DC  A O2    
201 N  N3    . DC  A 10 ? 0.1954 0.2131 0.1819 -0.0079 -0.0273 -0.0203 110 DC  A N3    
202 C  C4    . DC  A 10 ? 0.1966 0.2098 0.1961 -0.0047 -0.0087 -0.0259 110 DC  A C4    
203 N  N4    . DC  A 10 ? 0.1855 0.2432 0.2176 -0.0068 -0.0006 -0.0239 110 DC  A N4    
204 C  C5    . DC  A 10 ? 0.1776 0.2352 0.1887 -0.0116 0.0020  -0.0080 110 DC  A C5    
205 C  C6    . DC  A 10 ? 0.1457 0.1565 0.1880 -0.0512 -0.0058 -0.0114 110 DC  A C6    
206 O  "O5'" . DG  B 1  ? 0.3244 0.4824 0.4627 -0.0286 -0.0911 -0.0310 201 DG  B "O5'" 
207 C  "C5'" . DG  B 1  ? 0.3598 0.4580 0.3552 -0.0305 -0.0712 -0.0245 201 DG  B "C5'" 
208 C  "C4'" . DG  B 1  ? 0.3485 0.3927 0.2985 -0.0094 -0.0264 -0.0094 201 DG  B "C4'" 
209 O  "O4'" . DG  B 1  ? 0.3738 0.3822 0.2546 0.0034  -0.0363 -0.0431 201 DG  B "O4'" 
210 C  "C3'" . DG  B 1  ? 0.3560 0.3269 0.3015 0.0068  -0.0365 -0.0189 201 DG  B "C3'" 
211 O  "O3'" . DG  B 1  ? 0.3004 0.2762 0.2462 0.0046  -0.0562 -0.0413 201 DG  B "O3'" 
212 C  "C2'" . DG  B 1  ? 0.3523 0.3434 0.2140 0.0433  -0.0452 -0.0259 201 DG  B "C2'" 
213 C  "C1'" . DG  B 1  ? 0.3955 0.3235 0.2649 0.0232  -0.0434 -0.0412 201 DG  B "C1'" 
214 N  N9    . DG  B 1  ? 0.3303 0.3040 0.2470 0.0353  -0.0699 -0.0461 201 DG  B N9    
215 C  C8    . DG  B 1  ? 0.3095 0.3176 0.2593 0.0289  -0.0403 -0.0402 201 DG  B C8    
216 N  N7    . DG  B 1  ? 0.2958 0.3210 0.2602 0.0119  -0.0629 -0.0443 201 DG  B N7    
217 C  C5    . DG  B 1  ? 0.2616 0.2716 0.2688 0.0249  -0.0541 -0.0265 201 DG  B C5    
218 C  C6    . DG  B 1  ? 0.2309 0.2629 0.2496 0.0404  -0.0449 -0.0071 201 DG  B C6    
219 O  O6    . DG  B 1  ? 0.2461 0.2546 0.2859 0.0391  -0.0635 -0.0375 201 DG  B O6    
220 N  N1    . DG  B 1  ? 0.2419 0.2055 0.2190 0.0321  -0.0411 -0.0093 201 DG  B N1    
221 C  C2    . DG  B 1  ? 0.2283 0.2373 0.1978 0.0078  -0.0372 -0.0053 201 DG  B C2    
222 N  N2    . DG  B 1  ? 0.2206 0.2127 0.2287 -0.0150 -0.0345 0.0236  201 DG  B N2    
223 N  N3    . DG  B 1  ? 0.2643 0.2227 0.2322 0.0019  -0.0589 -0.0417 201 DG  B N3    
224 C  C4    . DG  B 1  ? 0.2983 0.2358 0.2347 0.0335  -0.0610 -0.0473 201 DG  B C4    
225 P  P     . DC  B 2  ? 0.2768 0.3010 0.2556 0.0220  -0.0372 -0.0757 202 DC  B P     
226 O  OP1   . DC  B 2  ? 0.3519 0.2498 0.3631 0.0110  -0.0733 -0.1029 202 DC  B OP1   
227 O  OP2   . DC  B 2  ? 0.2046 0.3736 0.3813 0.0266  -0.0722 -0.1207 202 DC  B OP2   
228 O  "O5'" . DC  B 2  ? 0.2123 0.2960 0.2666 0.0150  -0.0719 -0.0700 202 DC  B "O5'" 
229 C  "C5'" . DC  B 2  ? 0.1953 0.2704 0.2350 0.0283  -0.0364 -0.0151 202 DC  B "C5'" 
230 C  "C4'" . DC  B 2  ? 0.2298 0.2817 0.2173 -0.0244 -0.0253 -0.0208 202 DC  B "C4'" 
231 O  "O4'" . DC  B 2  ? 0.2218 0.2966 0.2261 0.0047  0.0173  -0.0431 202 DC  B "O4'" 
232 C  "C3'" . DC  B 2  ? 0.2478 0.2365 0.2073 -0.0383 -0.0268 -0.0481 202 DC  B "C3'" 
233 O  "O3'" . DC  B 2  ? 0.2272 0.2104 0.2464 0.0077  0.0206  -0.0277 202 DC  B "O3'" 
234 C  "C2'" . DC  B 2  ? 0.1939 0.2157 0.2143 -0.0080 -0.0105 -0.0480 202 DC  B "C2'" 
235 C  "C1'" . DC  B 2  ? 0.1711 0.2348 0.1696 0.0135  -0.0126 -0.0459 202 DC  B "C1'" 
236 N  N1    . DC  B 2  ? 0.1922 0.2058 0.1991 0.0120  -0.0265 -0.0452 202 DC  B N1    
237 C  C2    . DC  B 2  ? 0.1744 0.2169 0.1569 0.0088  0.0104  -0.0548 202 DC  B C2    
238 O  O2    . DC  B 2  ? 0.1563 0.1860 0.2078 0.0133  0.0072  -0.0462 202 DC  B O2    
239 N  N3    . DC  B 2  ? 0.1877 0.1832 0.1843 0.0102  -0.0048 -0.0163 202 DC  B N3    
240 C  C4    . DC  B 2  ? 0.2067 0.2555 0.1407 0.0415  -0.0146 -0.0316 202 DC  B C4    
241 N  N4    . DC  B 2  ? 0.2134 0.2289 0.1817 0.0382  -0.0262 -0.0464 202 DC  B N4    
242 C  C5    . DC  B 2  ? 0.2291 0.2412 0.2002 0.0690  0.0054  -0.0775 202 DC  B C5    
243 C  C6    . DC  B 2  ? 0.1611 0.2523 0.1699 0.0346  -0.0450 -0.0505 202 DC  B C6    
244 P  P     . DG  B 3  ? 0.2623 0.2594 0.2535 0.0165  -0.0124 -0.0207 203 DG  B P     
245 O  OP1   . DG  B 3  ? 0.2839 0.2531 0.2734 0.0125  -0.0477 -0.0037 203 DG  B OP1   
246 O  OP2   . DG  B 3  ? 0.2888 0.2404 0.3347 0.0120  -0.0705 -0.0515 203 DG  B OP2   
247 O  "O5'" . DG  B 3  ? 0.2433 0.2182 0.2478 0.0023  0.0311  -0.0163 203 DG  B "O5'" 
248 C  "C5'" . DG  B 3  ? 0.2145 0.2477 0.2230 0.0217  -0.0279 -0.0180 203 DG  B "C5'" 
249 C  "C4'" . DG  B 3  ? 0.1746 0.2037 0.2335 -0.0087 0.0133  -0.0295 203 DG  B "C4'" 
250 O  "O4'" . DG  B 3  ? 0.2005 0.2275 0.2557 0.0255  0.0099  -0.0447 203 DG  B "O4'" 
251 C  "C3'" . DG  B 3  ? 0.1997 0.2018 0.2416 0.0182  0.0321  -0.0212 203 DG  B "C3'" 
252 O  "O3'" . DG  B 3  ? 0.2270 0.2002 0.2514 0.0314  0.0216  -0.0124 203 DG  B "O3'" 
253 C  "C2'" . DG  B 3  ? 0.1802 0.2156 0.2686 0.0099  -0.0056 -0.0289 203 DG  B "C2'" 
254 C  "C1'" . DG  B 3  ? 0.1518 0.2484 0.2305 0.0124  0.0036  -0.0010 203 DG  B "C1'" 
255 N  N9    . DG  B 3  ? 0.1664 0.2414 0.2388 0.0267  -0.0031 -0.0454 203 DG  B N9    
256 C  C8    . DG  B 3  ? 0.1931 0.2189 0.1943 0.0140  0.0258  -0.0325 203 DG  B C8    
257 N  N7    . DG  B 3  ? 0.2364 0.2124 0.2173 -0.0320 0.0118  -0.0381 203 DG  B N7    
258 C  C5    . DG  B 3  ? 0.2163 0.1805 0.2225 -0.0044 0.0225  -0.0053 203 DG  B C5    
259 C  C6    . DG  B 3  ? 0.1788 0.2023 0.2093 0.0091  -0.0049 -0.0002 203 DG  B C6    
260 O  O6    . DG  B 3  ? 0.1922 0.2241 0.1961 -0.0205 -0.0437 -0.0169 203 DG  B O6    
261 N  N1    . DG  B 3  ? 0.1839 0.1411 0.2039 -0.0107 -0.0309 -0.0182 203 DG  B N1    
262 C  C2    . DG  B 3  ? 0.1603 0.1525 0.1993 0.0088  -0.0094 -0.0108 203 DG  B C2    
263 N  N2    . DG  B 3  ? 0.1875 0.1711 0.2060 0.0274  -0.0104 -0.0269 203 DG  B N2    
264 N  N3    . DG  B 3  ? 0.1781 0.1700 0.2231 0.0043  0.0245  -0.0417 203 DG  B N3    
265 C  C4    . DG  B 3  ? 0.1681 0.1708 0.2202 -0.0040 0.0133  -0.0096 203 DG  B C4    
266 P  P     . DT  B 4  ? 0.2324 0.2004 0.2562 0.0167  -0.0061 -0.0066 204 DT  B P     
267 O  OP1   . DT  B 4  ? 0.3028 0.1951 0.2823 0.0307  -0.0070 -0.0122 204 DT  B OP1   
268 O  OP2   . DT  B 4  ? 0.2346 0.2184 0.2317 0.0281  -0.0110 -0.0213 204 DT  B OP2   
269 O  "O5'" . DT  B 4  ? 0.2169 0.2225 0.2054 0.0158  -0.0145 -0.0501 204 DT  B "O5'" 
270 C  "C5'" . DT  B 4  ? 0.2313 0.2396 0.2460 -0.0138 -0.0348 -0.0512 204 DT  B "C5'" 
271 C  "C4'" . DT  B 4  ? 0.2167 0.2329 0.2449 -0.0292 -0.0092 -0.0435 204 DT  B "C4'" 
272 O  "O4'" . DT  B 4  ? 0.2070 0.2241 0.2223 0.0169  0.0052  -0.0484 204 DT  B "O4'" 
273 C  "C3'" . DT  B 4  ? 0.2457 0.2487 0.3003 -0.0265 -0.0091 -0.0262 204 DT  B "C3'" 
274 O  "O3'" . DT  B 4  ? 0.2460 0.2469 0.2223 0.0087  -0.0320 -0.0142 204 DT  B "O3'" 
275 C  "C2'" . DT  B 4  ? 0.2251 0.2494 0.2547 -0.0345 0.0246  -0.0365 204 DT  B "C2'" 
276 C  "C1'" . DT  B 4  ? 0.1826 0.1805 0.2225 -0.0036 -0.0363 -0.0494 204 DT  B "C1'" 
277 N  N1    . DT  B 4  ? 0.1985 0.2118 0.2020 0.0085  -0.0121 -0.0275 204 DT  B N1    
278 C  C2    . DT  B 4  ? 0.2222 0.1687 0.1845 0.0264  -0.0219 -0.0045 204 DT  B C2    
279 O  O2    . DT  B 4  ? 0.2010 0.1984 0.2561 0.0117  0.0071  -0.0397 204 DT  B O2    
280 N  N3    . DT  B 4  ? 0.1748 0.1551 0.1811 -0.0304 -0.0062 0.0016  204 DT  B N3    
281 C  C4    . DT  B 4  ? 0.1733 0.1867 0.1609 0.0316  -0.0080 0.0009  204 DT  B C4    
282 O  O4    . DT  B 4  ? 0.2012 0.2332 0.1938 -0.0134 0.0112  0.0059  204 DT  B O4    
283 C  C5    . DT  B 4  ? 0.1794 0.1616 0.1868 0.0198  0.0337  -0.0174 204 DT  B C5    
284 C  C7    . DT  B 4  ? 0.2251 0.1836 0.1953 -0.0279 0.0224  -0.0381 204 DT  B C7    
285 C  C6    . DT  B 4  ? 0.1763 0.2477 0.1874 0.0073  0.0224  -0.0415 204 DT  B C6    
286 P  P     . DA  B 5  ? 0.2517 0.2558 0.2686 0.0197  -0.0076 0.0035  205 DA  B P     
287 O  OP1   . DA  B 5  ? 0.2545 0.3089 0.3469 0.0408  0.0232  0.0086  205 DA  B OP1   
288 O  OP2   . DA  B 5  ? 0.2793 0.2543 0.3081 0.0123  0.0254  0.0017  205 DA  B OP2   
289 O  "O5'" . DA  B 5  ? 0.2462 0.2245 0.2322 0.0016  0.0171  -0.0042 205 DA  B "O5'" 
290 C  "C5'" . DA  B 5  ? 0.2788 0.2887 0.1981 0.0110  -0.0032 0.0148  205 DA  B "C5'" 
291 C  "C4'" . DA  B 5  ? 0.2578 0.2243 0.2164 0.0167  -0.0416 0.0307  205 DA  B "C4'" 
292 O  "O4'" . DA  B 5  ? 0.2358 0.2628 0.1676 -0.0157 -0.0310 0.0272  205 DA  B "O4'" 
293 C  "C3'" . DA  B 5  ? 0.2164 0.2064 0.2298 0.0042  0.0049  0.0193  205 DA  B "C3'" 
294 O  "O3'" . DA  B 5  ? 0.2315 0.2376 0.1955 -0.0065 -0.0193 0.0213  205 DA  B "O3'" 
295 C  "C2'" . DA  B 5  ? 0.1972 0.1975 0.1715 -0.0088 0.0080  -0.0064 205 DA  B "C2'" 
296 C  "C1'" . DA  B 5  ? 0.2110 0.2314 0.1965 -0.0138 -0.0061 0.0260  205 DA  B "C1'" 
297 N  N9    . DA  B 5  ? 0.2025 0.2130 0.1848 0.0024  -0.0069 0.0067  205 DA  B N9    
298 C  C8    . DA  B 5  ? 0.1939 0.1858 0.1849 -0.0080 0.0169  0.0148  205 DA  B C8    
299 N  N7    . DA  B 5  ? 0.1490 0.1749 0.2070 -0.0296 -0.0093 -0.0045 205 DA  B N7    
300 C  C5    . DA  B 5  ? 0.1683 0.1488 0.1777 -0.0455 -0.0016 -0.0080 205 DA  B C5    
301 C  C6    . DA  B 5  ? 0.1722 0.1445 0.2129 -0.0188 -0.0030 -0.0133 205 DA  B C6    
302 N  N6    . DA  B 5  ? 0.1815 0.1749 0.1874 -0.0587 -0.0117 0.0110  205 DA  B N6    
303 N  N1    . DA  B 5  ? 0.1808 0.1768 0.1652 -0.0157 0.0226  -0.0268 205 DA  B N1    
304 C  C2    . DA  B 5  ? 0.2063 0.2176 0.1428 -0.0497 -0.0218 0.0279  205 DA  B C2    
305 N  N3    . DA  B 5  ? 0.2079 0.1586 0.1447 0.0058  0.0088  0.0209  205 DA  B N3    
306 C  C4    . DA  B 5  ? 0.1529 0.2221 0.1824 -0.0104 -0.0022 0.0040  205 DA  B C4    
307 P  P     . F5H B 6  ? 0.2489 0.2409 0.2294 -0.0069 0.0183  0.0201  206 F5H B P     
308 N  N1    . F5H B 6  ? 0.1947 0.2055 0.1725 -0.0151 -0.0101 0.0020  206 F5H B N1    
309 C  C2    . F5H B 6  ? 0.2066 0.1688 0.2145 -0.0226 -0.0031 0.0098  206 F5H B C2    
310 O  O2    . F5H B 6  ? 0.1879 0.2624 0.1934 -0.0291 -0.0200 -0.0023 206 F5H B O2    
311 N  N3    . F5H B 6  ? 0.1608 0.2114 0.1799 -0.0394 -0.0064 0.0066  206 F5H B N3    
312 C  C4    . F5H B 6  ? 0.1629 0.1841 0.1675 -0.0187 -0.0404 -0.0040 206 F5H B C4    
313 O  O4    . F5H B 6  ? 0.1961 0.2199 0.1894 -0.0347 -0.0300 0.0117  206 F5H B O4    
314 C  C5    . F5H B 6  ? 0.1828 0.1627 0.1929 0.0019  -0.0102 0.0212  206 F5H B C5    
315 C  C6    . F5H B 6  ? 0.1703 0.1829 0.1882 -0.0141 -0.0053 -0.0056 206 F5H B C6    
316 C  C7    . F5H B 6  ? 0.1856 0.1627 0.1629 -0.0090 -0.0124 0.0060  206 F5H B C7    
317 C  "C1'" . F5H B 6  ? 0.1763 0.2324 0.2038 0.0163  -0.0365 -0.0145 206 F5H B "C1'" 
318 O  O1P   . F5H B 6  ? 0.2942 0.2812 0.2600 -0.0266 0.0339  0.0781  206 F5H B O1P   
319 C  "C2'" . F5H B 6  ? 0.2159 0.2094 0.1900 -0.0370 -0.0264 -0.0223 206 F5H B "C2'" 
320 O  O2P   . F5H B 6  ? 0.3291 0.2277 0.2748 -0.0163 0.0003  0.0083  206 F5H B O2P   
321 C  "C3'" . F5H B 6  ? 0.2344 0.2459 0.2018 -0.0087 -0.0098 0.0031  206 F5H B "C3'" 
322 F  "F3'" . F5H B 6  ? 0.1893 0.3982 0.2134 -0.0093 -0.0035 0.0085  206 F5H B "F3'" 
323 C  "C4'" . F5H B 6  ? 0.2312 0.2214 0.2182 -0.0358 -0.0279 0.0227  206 F5H B "C4'" 
324 O  "O4'" . F5H B 6  ? 0.2531 0.2631 0.1961 -0.0776 0.0027  0.0020  206 F5H B "O4'" 
325 C  "C5'" . F5H B 6  ? 0.2264 0.2024 0.2069 -0.0150 0.0042  0.0059  206 F5H B "C5'" 
326 O  "O5'" . F5H B 6  ? 0.2095 0.2171 0.1803 -0.0317 -0.0154 0.0208  206 F5H B "O5'" 
327 C  "C6'" . F5H B 6  ? 0.1920 0.2238 0.2168 0.0039  -0.0090 -0.0057 206 F5H B "C6'" 
328 O  "O6'" . F5H B 6  ? 0.2017 0.2204 0.2383 -0.0203 0.0028  0.0155  206 F5H B "O6'" 
329 C  "C7'" . F5H B 6  ? 0.1681 0.2529 0.1931 0.0064  -0.0150 0.0059  206 F5H B "C7'" 
330 P  P     . DA  B 7  ? 0.2959 0.2994 0.2541 -0.0699 0.0100  0.0276  207 DA  B P     
331 O  OP1   . DA  B 7  ? 0.3624 0.2561 0.3212 -0.0770 0.0103  -0.0271 207 DA  B OP1   
332 O  OP2   . DA  B 7  ? 0.3400 0.3436 0.2505 -0.0993 -0.0108 0.0466  207 DA  B OP2   
333 O  "O5'" . DA  B 7  ? 0.2451 0.3302 0.2501 -0.0612 0.0203  0.0209  207 DA  B "O5'" 
334 C  "C5'" . DA  B 7  ? 0.2393 0.3330 0.2650 -0.0332 -0.0091 -0.0042 207 DA  B "C5'" 
335 C  "C4'" . DA  B 7  ? 0.2415 0.3344 0.2549 -0.0588 0.0059  0.0109  207 DA  B "C4'" 
336 O  "O4'" . DA  B 7  ? 0.2100 0.3235 0.2395 -0.0647 0.0321  -0.0112 207 DA  B "O4'" 
337 C  "C3'" . DA  B 7  ? 0.2206 0.3321 0.2220 -0.0422 0.0536  -0.0059 207 DA  B "C3'" 
338 O  "O3'" . DA  B 7  ? 0.3090 0.3811 0.1698 -0.0555 0.0468  -0.0035 207 DA  B "O3'" 
339 C  "C2'" . DA  B 7  ? 0.2122 0.3298 0.1955 -0.0574 0.0233  -0.0001 207 DA  B "C2'" 
340 C  "C1'" . DA  B 7  ? 0.2092 0.3063 0.1955 -0.0501 0.0416  -0.0184 207 DA  B "C1'" 
341 N  N9    . DA  B 7  ? 0.1731 0.2214 0.1894 -0.0339 0.0008  -0.0026 207 DA  B N9    
342 C  C8    . DA  B 7  ? 0.1683 0.2001 0.1850 -0.0470 0.0168  -0.0234 207 DA  B C8    
343 N  N7    . DA  B 7  ? 0.2085 0.1703 0.1675 -0.0250 -0.0172 -0.0054 207 DA  B N7    
344 C  C5    . DA  B 7  ? 0.1619 0.1507 0.1811 -0.0144 -0.0297 -0.0065 207 DA  B C5    
345 C  C6    . DA  B 7  ? 0.1692 0.1243 0.1713 0.0012  -0.0010 -0.0063 207 DA  B C6    
346 N  N6    . DA  B 7  ? 0.1520 0.1452 0.1820 -0.0278 0.0146  -0.0158 207 DA  B N6    
347 N  N1    . DA  B 7  ? 0.1773 0.1601 0.2005 -0.0219 -0.0008 -0.0193 207 DA  B N1    
348 C  C2    . DA  B 7  ? 0.1659 0.1419 0.2095 -0.0316 0.0150  -0.0388 207 DA  B C2    
349 N  N3    . DA  B 7  ? 0.1892 0.1950 0.2301 -0.0123 -0.0033 -0.0304 207 DA  B N3    
350 C  C4    . DA  B 7  ? 0.1806 0.1679 0.1634 -0.0181 -0.0055 -0.0243 207 DA  B C4    
351 P  P     . DC  B 8  ? 0.3255 0.3956 0.2418 -0.0685 0.0345  0.0284  208 DC  B P     
352 O  OP1   . DC  B 8  ? 0.3294 0.4893 0.2199 -0.1091 0.0337  0.0025  208 DC  B OP1   
353 O  OP2   . DC  B 8  ? 0.3650 0.3623 0.2456 -0.0590 -0.0162 0.0384  208 DC  B OP2   
354 O  "O5'" . DC  B 8  ? 0.2654 0.3498 0.2002 -0.0838 0.0197  0.0188  208 DC  B "O5'" 
355 C  "C5'" . DC  B 8  ? 0.2630 0.3045 0.2014 -0.0389 0.0206  0.0487  208 DC  B "C5'" 
356 C  "C4'" . DC  B 8  ? 0.2312 0.3091 0.2173 -0.0607 0.0299  0.0073  208 DC  B "C4'" 
357 O  "O4'" . DC  B 8  ? 0.2317 0.2383 0.1987 -0.0585 0.0150  -0.0482 208 DC  B "O4'" 
358 C  "C3'" . DC  B 8  ? 0.2556 0.3156 0.2491 -0.0588 0.0425  -0.0073 208 DC  B "C3'" 
359 O  "O3'" . DC  B 8  ? 0.3289 0.3527 0.2838 -0.0578 0.0752  0.0329  208 DC  B "O3'" 
360 C  "C2'" . DC  B 8  ? 0.1827 0.2154 0.1994 -0.0159 0.0049  -0.0338 208 DC  B "C2'" 
361 C  "C1'" . DC  B 8  ? 0.2043 0.1727 0.2267 -0.0287 0.0193  -0.0474 208 DC  B "C1'" 
362 N  N1    . DC  B 8  ? 0.1768 0.2008 0.2220 -0.0478 0.0128  0.0028  208 DC  B N1    
363 C  C2    . DC  B 8  ? 0.2130 0.1371 0.1702 0.0054  -0.0105 -0.0109 208 DC  B C2    
364 O  O2    . DC  B 8  ? 0.2223 0.2099 0.1838 0.0002  -0.0220 -0.0068 208 DC  B O2    
365 N  N3    . DC  B 8  ? 0.1987 0.1784 0.2055 -0.0480 -0.0093 -0.0118 208 DC  B N3    
366 C  C4    . DC  B 8  ? 0.1839 0.1699 0.1964 -0.0139 0.0105  -0.0252 208 DC  B C4    
367 N  N4    . DC  B 8  ? 0.1878 0.1983 0.2405 -0.0195 0.0490  -0.0153 208 DC  B N4    
368 C  C5    . DC  B 8  ? 0.1552 0.2132 0.2005 -0.0345 0.0257  0.0115  208 DC  B C5    
369 C  C6    . DC  B 8  ? 0.2032 0.1645 0.2135 0.0038  0.0094  -0.0065 208 DC  B C6    
370 P  P     . DG  B 9  ? 0.3086 0.3258 0.2701 -0.0914 0.0101  -0.0197 209 DG  B P     
371 O  OP1   . DG  B 9  ? 0.3266 0.4790 0.2725 -0.0781 0.0393  -0.0047 209 DG  B OP1   
372 O  OP2   . DG  B 9  ? 0.3816 0.3153 0.3032 -0.0630 -0.0235 0.0278  209 DG  B OP2   
373 O  "O5'" . DG  B 9  ? 0.2418 0.2972 0.2641 -0.0959 -0.0001 0.0129  209 DG  B "O5'" 
374 C  "C5'" . DG  B 9  ? 0.1892 0.3065 0.2730 -0.1008 -0.0251 0.0372  209 DG  B "C5'" 
375 C  "C4'" . DG  B 9  ? 0.1964 0.1831 0.2599 -0.0393 0.0010  -0.0502 209 DG  B "C4'" 
376 O  "O4'" . DG  B 9  ? 0.1499 0.1671 0.2223 -0.0204 0.0055  -0.0189 209 DG  B "O4'" 
377 C  "C3'" . DG  B 9  ? 0.1627 0.2265 0.2227 -0.0121 0.0122  -0.0022 209 DG  B "C3'" 
378 O  "O3'" . DG  B 9  ? 0.1781 0.2394 0.2304 -0.0114 0.0344  -0.0173 209 DG  B "O3'" 
379 C  "C2'" . DG  B 9  ? 0.1860 0.1581 0.1788 -0.0317 -0.0207 0.0411  209 DG  B "C2'" 
380 C  "C1'" . DG  B 9  ? 0.1611 0.1914 0.1692 -0.0145 0.0182  0.0021  209 DG  B "C1'" 
381 N  N9    . DG  B 9  ? 0.1922 0.1710 0.1725 -0.0330 -0.0258 -0.0116 209 DG  B N9    
382 C  C8    . DG  B 9  ? 0.2043 0.1518 0.1699 -0.0159 -0.0250 -0.0105 209 DG  B C8    
383 N  N7    . DG  B 9  ? 0.1767 0.1347 0.2005 -0.0023 0.0031  -0.0064 209 DG  B N7    
384 C  C5    . DG  B 9  ? 0.1390 0.1615 0.1395 0.0156  -0.0122 -0.0140 209 DG  B C5    
385 C  C6    . DG  B 9  ? 0.1709 0.1503 0.1484 0.0101  -0.0018 0.0061  209 DG  B C6    
386 O  O6    . DG  B 9  ? 0.1551 0.1874 0.1873 -0.0007 -0.0188 -0.0032 209 DG  B O6    
387 N  N1    . DG  B 9  ? 0.1857 0.1510 0.1584 0.0126  -0.0080 0.0125  209 DG  B N1    
388 C  C2    . DG  B 9  ? 0.1460 0.1733 0.1707 0.0069  -0.0115 0.0242  209 DG  B C2    
389 N  N2    . DG  B 9  ? 0.2096 0.1418 0.1797 -0.0189 0.0062  0.0035  209 DG  B N2    
390 N  N3    . DG  B 9  ? 0.1541 0.1505 0.1755 -0.0158 0.0033  0.0102  209 DG  B N3    
391 C  C4    . DG  B 9  ? 0.1627 0.1124 0.1592 -0.0155 -0.0144 -0.0182 209 DG  B C4    
392 P  P     . DC  B 10 ? 0.2162 0.2366 0.2398 -0.0150 0.0188  -0.0282 210 DC  B P     
393 O  OP1   . DC  B 10 ? 0.1562 0.2995 0.2917 -0.0223 -0.0056 -0.0182 210 DC  B OP1   
394 O  OP2   . DC  B 10 ? 0.2569 0.1958 0.2571 0.0189  0.0263  -0.0223 210 DC  B OP2   
395 O  "O5'" . DC  B 10 ? 0.2146 0.2241 0.2674 -0.0380 0.0305  -0.0559 210 DC  B "O5'" 
396 C  "C5'" . DC  B 10 ? 0.1779 0.2233 0.2005 -0.0254 -0.0057 -0.0291 210 DC  B "C5'" 
397 C  "C4'" . DC  B 10 ? 0.1687 0.1628 0.2168 -0.0060 -0.0039 -0.0508 210 DC  B "C4'" 
398 O  "O4'" . DC  B 10 ? 0.1497 0.1765 0.1918 0.0098  0.0013  -0.0167 210 DC  B "O4'" 
399 C  "C3'" . DC  B 10 ? 0.1976 0.1665 0.2221 0.0021  -0.0235 -0.0204 210 DC  B "C3'" 
400 O  "O3'" . DC  B 10 ? 0.2541 0.2164 0.2426 0.0052  -0.0359 -0.0024 210 DC  B "O3'" 
401 C  "C2'" . DC  B 10 ? 0.1835 0.1732 0.2015 -0.0195 -0.0186 -0.0393 210 DC  B "C2'" 
402 C  "C1'" . DC  B 10 ? 0.1905 0.1764 0.1961 0.0351  -0.0049 -0.0195 210 DC  B "C1'" 
403 N  N1    . DC  B 10 ? 0.1965 0.1608 0.1881 -0.0136 -0.0005 -0.0131 210 DC  B N1    
404 C  C2    . DC  B 10 ? 0.1993 0.1673 0.1928 -0.0105 -0.0073 0.0018  210 DC  B C2    
405 O  O2    . DC  B 10 ? 0.1650 0.1870 0.1900 -0.0180 -0.0101 -0.0106 210 DC  B O2    
406 N  N3    . DC  B 10 ? 0.2130 0.1466 0.1821 -0.0136 0.0069  0.0008  210 DC  B N3    
407 C  C4    . DC  B 10 ? 0.1790 0.1395 0.1784 -0.0038 0.0010  0.0011  210 DC  B C4    
408 N  N4    . DC  B 10 ? 0.2168 0.1343 0.1972 0.0055  -0.0500 0.0257  210 DC  B N4    
409 C  C5    . DC  B 10 ? 0.2147 0.1441 0.2061 -0.0108 -0.0322 -0.0073 210 DC  B C5    
410 C  C6    . DC  B 10 ? 0.1921 0.1220 0.1848 -0.0031 0.0249  -0.0371 210 DC  B C6    
411 SR SR    . SR  C .  ? 0.3678 0.3778 0.3552 0.0174  -0.0034 -0.0234 201 SR  A SR    
412 O  O     . HOH D .  ? 0.2189 0.2245 0.2271 -0.0356 -0.0190 0.0041  301 HOH A O     
413 O  O     . HOH D .  ? 0.2540 0.2351 0.2543 -0.0313 -0.0238 -0.0145 302 HOH A O     
414 O  O     . HOH D .  ? 0.2586 0.2591 0.2368 0.0143  -0.0172 0.0198  303 HOH A O     
415 O  O     . HOH D .  ? 0.2876 0.3508 0.2084 -0.0195 -0.0129 0.0284  304 HOH A O     
416 O  O     . HOH D .  ? 0.2549 0.3191 0.2564 0.0289  0.0199  -0.0078 305 HOH A O     
417 O  O     . HOH D .  ? 0.2663 0.2042 0.3000 -0.0072 -0.0028 0.0015  306 HOH A O     
418 O  O     . HOH D .  ? 0.3860 0.4067 0.2495 0.0233  -0.0061 -0.0721 307 HOH A O     
419 O  O     . HOH D .  ? 0.2839 0.2743 0.3526 -0.0124 0.0702  -0.0286 308 HOH A O     
420 O  O     . HOH D .  ? 0.2319 0.3331 0.1806 0.0399  -0.0031 -0.0262 309 HOH A O     
421 O  O     . HOH D .  ? 0.2722 0.3300 0.2449 -0.0845 -0.0644 0.0548  310 HOH A O     
422 O  O     . HOH D .  ? 0.2307 0.2056 0.2301 0.0145  0.0304  0.0152  311 HOH A O     
423 O  O     . HOH D .  ? 0.3134 0.3403 0.3184 -0.0868 0.0246  -0.1153 312 HOH A O     
424 O  O     . HOH D .  ? 0.2590 0.3573 0.3535 0.0406  0.0566  0.0468  313 HOH A O     
425 O  O     . HOH D .  ? 0.3031 0.2850 0.2793 0.0577  0.0328  -0.0031 314 HOH A O     
426 O  O     . HOH D .  ? 0.3052 0.2377 0.3570 0.0150  -0.0396 0.0244  315 HOH A O     
427 O  O     . HOH D .  ? 0.3463 0.4356 0.3602 0.0170  0.0140  -0.0896 316 HOH A O     
428 O  O     . HOH D .  ? 0.2477 0.2893 0.2150 -0.0066 0.0118  -0.0230 317 HOH A O     
429 O  O     . HOH D .  ? 0.2517 0.3287 0.4187 -0.0854 -0.0982 -0.1316 318 HOH A O     
430 O  O     . HOH D .  ? 0.3349 0.2920 0.4440 -0.0064 0.0249  -0.0459 319 HOH A O     
431 O  O     . HOH D .  ? 0.3707 0.4647 0.2050 -0.1073 -0.0198 -0.0345 320 HOH A O     
432 O  O     . HOH D .  ? 0.3527 0.2934 0.3814 0.0693  0.1048  0.0320  321 HOH A O     
433 O  O     . HOH D .  ? 0.2510 0.2936 0.3827 -0.0032 -0.0274 -0.0489 322 HOH A O     
434 O  O     . HOH D .  ? 0.3203 0.3620 0.2197 -0.0043 0.0113  -0.0049 323 HOH A O     
435 O  O     . HOH D .  ? 0.4259 0.3923 0.2874 0.0493  0.0447  0.0012  324 HOH A O     
436 O  O     . HOH D .  ? 0.3203 0.2092 0.5849 0.0445  0.1478  -0.0097 325 HOH A O     
437 O  O     . HOH D .  ? 0.7135 0.3180 0.3398 0.0748  -0.1212 -0.0088 326 HOH A O     
438 O  O     . HOH D .  ? 0.5031 0.4714 0.3271 0.0481  0.0553  0.0410  327 HOH A O     
439 O  O     . HOH D .  ? 0.3938 0.2487 0.4368 0.0026  -0.0637 -0.0264 328 HOH A O     
440 O  O     . HOH D .  ? 0.3999 0.2162 0.5376 -0.0794 -0.1241 -0.0330 329 HOH A O     
441 O  O     . HOH D .  ? 0.3775 0.3473 0.6043 -0.0485 0.0351  -0.1057 330 HOH A O     
442 O  O     . HOH D .  ? 0.3915 0.5163 0.4395 0.0144  0.0178  -0.1939 331 HOH A O     
443 O  O     . HOH D .  ? 0.2820 0.2430 0.2686 -0.0302 -0.0183 -0.0100 332 HOH A O     
444 O  O     . HOH D .  ? 0.1892 0.3108 0.2034 0.0039  0.0070  0.0084  333 HOH A O     
445 O  O     . HOH D .  ? 0.1897 0.3683 0.2283 -0.0076 -0.0352 -0.0244 334 HOH A O     
446 O  O     . HOH D .  ? 0.2528 0.2903 0.2447 -0.0419 0.0025  -0.0009 335 HOH A O     
447 O  O     . HOH D .  ? 0.2409 0.2463 0.2229 -0.0269 -0.0562 -0.0459 336 HOH A O     
448 O  O     . HOH D .  ? 0.2753 0.3728 0.4628 0.0210  0.0785  -0.0430 337 HOH A O     
449 O  O     . HOH D .  ? 0.4417 0.2449 0.3537 0.0155  0.0334  0.0221  338 HOH A O     
450 O  O     . HOH D .  ? 0.2418 0.3784 0.3480 0.0799  -0.0224 0.0034  339 HOH A O     
451 O  O     . HOH D .  ? 0.4448 0.2958 0.2814 0.0753  0.0248  -0.0048 340 HOH A O     
452 O  O     . HOH D .  ? 0.2764 0.5738 0.2717 -0.0861 -0.0625 0.1373  341 HOH A O     
453 O  O     . HOH D .  ? 0.3690 0.3783 0.2775 -0.0148 0.0687  0.0081  342 HOH A O     
454 O  O     . HOH D .  ? 0.3400 0.3798 0.3442 -0.0478 -0.0315 -0.0207 343 HOH A O     
455 O  O     . HOH D .  ? 0.3306 0.2613 0.4092 -0.0023 -0.0953 -0.0777 344 HOH A O     
456 O  O     . HOH D .  ? 0.2279 0.1518 0.3362 -0.1061 -0.1020 -0.0232 345 HOH A O     
457 O  O     . HOH D .  ? 0.3884 0.3613 0.3709 -0.0427 0.0609  -0.0694 346 HOH A O     
458 O  O     . HOH D .  ? 0.4416 0.3802 0.2902 -0.0023 -0.0053 0.0341  347 HOH A O     
459 O  O     . HOH E .  ? 0.3387 0.3679 0.2560 0.0112  0.0455  0.0597  301 HOH B O     
460 O  O     . HOH E .  ? 0.2240 0.2884 0.2679 0.0597  -0.0443 -0.0216 302 HOH B O     
461 O  O     . HOH E .  ? 0.2486 0.2194 0.2439 -0.0251 0.0265  -0.0082 303 HOH B O     
462 O  O     . HOH E .  ? 0.2497 0.2283 0.2317 0.0465  -0.0007 -0.0134 304 HOH B O     
463 O  O     . HOH E .  ? 0.3582 0.4435 0.4993 0.0120  0.0011  -0.0671 305 HOH B O     
464 O  O     . HOH E .  ? 0.2177 0.2146 0.2077 0.0298  0.0018  -0.0148 306 HOH B O     
465 O  O     . HOH E .  ? 0.2213 0.2369 0.2643 -0.0003 -0.0077 -0.0468 307 HOH B O     
466 O  O     . HOH E .  ? 0.2032 0.3933 0.2695 -0.0431 -0.0505 -0.0963 308 HOH B O     
467 O  O     . HOH E .  ? 0.3025 0.3875 0.3185 0.0315  0.0460  -0.0114 309 HOH B O     
468 O  O     . HOH E .  ? 0.6054 0.3074 0.3365 -0.0752 -0.0557 0.1040  310 HOH B O     
469 O  O     . HOH E .  ? 0.3141 0.2871 0.3627 -0.0097 -0.0046 -0.0239 311 HOH B O     
470 O  O     . HOH E .  ? 0.3844 0.2563 0.2412 -0.0503 -0.0346 -0.0240 312 HOH B O     
471 O  O     . HOH E .  ? 0.4302 0.5173 0.2090 0.0445  0.0573  0.1167  313 HOH B O     
472 O  O     . HOH E .  ? 0.1783 0.2441 0.1841 0.0414  -0.0079 -0.0218 314 HOH B O     
473 O  O     . HOH E .  ? 0.3479 0.3507 0.3520 0.0077  -0.0214 -0.0735 315 HOH B O     
474 O  O     . HOH E .  ? 0.4312 0.3687 0.3383 0.0392  0.0019  -0.0256 316 HOH B O     
475 O  O     . HOH E .  ? 0.3745 0.4126 0.2537 -0.0549 0.0087  -0.0585 317 HOH B O     
476 O  O     . HOH E .  ? 0.4423 0.5445 0.3915 -0.0938 0.1015  -0.1036 318 HOH B O     
477 O  O     . HOH E .  ? 0.3468 0.7678 0.4677 0.0837  -0.1727 0.0293  319 HOH B O     
478 O  O     . HOH E .  ? 0.3811 0.6839 0.4151 -0.0096 -0.0796 0.0416  320 HOH B O     
479 O  O     . HOH E .  ? 0.3586 0.3222 0.3126 -0.0879 -0.0321 -0.0100 321 HOH B O     
480 O  O     . HOH E .  ? 0.4232 0.2973 0.6788 -0.0725 0.1049  -0.1446 322 HOH B O     
481 O  O     . HOH E .  ? 0.2815 0.3169 0.4233 0.0441  0.1118  0.1280  323 HOH B O     
482 O  O     . HOH E .  ? 0.2289 0.2955 0.2289 -0.0734 0.0129  -0.0806 324 HOH B O     
483 O  O     . HOH E .  ? 0.5677 0.5307 0.6425 -0.0106 -0.1189 -0.0425 325 HOH B O     
484 O  O     . HOH E .  ? 0.1743 0.2984 0.4038 -0.0392 0.1004  -0.1473 326 HOH B O     
485 O  O     . HOH E .  ? 0.2249 0.1899 0.4898 0.0211  0.2268  0.0491  327 HOH B O     
486 O  O     . HOH E .  ? 0.3489 0.2837 0.2481 -0.0162 -0.1686 0.0406  328 HOH B O     
487 O  O     . HOH E .  ? 0.2515 0.2610 0.3779 0.0319  -0.1139 0.0558  329 HOH B O     
488 O  O     . HOH E .  ? 0.3292 0.2605 0.2826 -0.0572 0.0499  0.0743  330 HOH B O     
# 
loop_
_pdbx_poly_seq_scheme.asym_id 
_pdbx_poly_seq_scheme.entity_id 
_pdbx_poly_seq_scheme.seq_id 
_pdbx_poly_seq_scheme.mon_id 
_pdbx_poly_seq_scheme.ndb_seq_num 
_pdbx_poly_seq_scheme.pdb_seq_num 
_pdbx_poly_seq_scheme.auth_seq_num 
_pdbx_poly_seq_scheme.pdb_mon_id 
_pdbx_poly_seq_scheme.auth_mon_id 
_pdbx_poly_seq_scheme.pdb_strand_id 
_pdbx_poly_seq_scheme.pdb_ins_code 
_pdbx_poly_seq_scheme.hetero 
A 1 1  DG  1  101 101 DG  DG  A . n 
A 1 2  DC  2  102 102 DC  DC  A . n 
A 1 3  DG  3  103 103 DG  DG  A . n 
A 1 4  DT  4  104 104 DT  DT  A . n 
A 1 5  DA  5  105 105 DA  DA  A . n 
A 1 6  F5H 6  106 106 F5H F5H A . n 
A 1 7  DA  7  107 107 DA  DA  A . n 
A 1 8  DC  8  108 108 DC  DC  A . n 
A 1 9  DG  9  109 109 DG  DG  A . n 
A 1 10 DC  10 110 110 DC  DC  A . n 
B 1 1  DG  1  201 201 DG  DG  B . n 
B 1 2  DC  2  202 202 DC  DC  B . n 
B 1 3  DG  3  203 203 DG  DG  B . n 
B 1 4  DT  4  204 204 DT  DT  B . n 
B 1 5  DA  5  205 205 DA  DA  B . n 
B 1 6  F5H 6  206 206 F5H F5H B . n 
B 1 7  DA  7  207 207 DA  DA  B . n 
B 1 8  DC  8  208 208 DC  DC  B . n 
B 1 9  DG  9  209 209 DG  DG  B . n 
B 1 10 DC  10 210 210 DC  DC  B . n 
# 
loop_
_pdbx_nonpoly_scheme.asym_id 
_pdbx_nonpoly_scheme.entity_id 
_pdbx_nonpoly_scheme.mon_id 
_pdbx_nonpoly_scheme.ndb_seq_num 
_pdbx_nonpoly_scheme.pdb_seq_num 
_pdbx_nonpoly_scheme.auth_seq_num 
_pdbx_nonpoly_scheme.pdb_mon_id 
_pdbx_nonpoly_scheme.auth_mon_id 
_pdbx_nonpoly_scheme.pdb_strand_id 
_pdbx_nonpoly_scheme.pdb_ins_code 
C 2 SR  1  201 1  SR  SR  A . 
D 3 HOH 1  301 2  HOH HOH A . 
D 3 HOH 2  302 3  HOH HOH A . 
D 3 HOH 3  303 5  HOH HOH A . 
D 3 HOH 4  304 11 HOH HOH A . 
D 3 HOH 5  305 15 HOH HOH A . 
D 3 HOH 6  306 16 HOH HOH A . 
D 3 HOH 7  307 17 HOH HOH A . 
D 3 HOH 8  308 18 HOH HOH A . 
D 3 HOH 9  309 19 HOH HOH A . 
D 3 HOH 10 310 20 HOH HOH A . 
D 3 HOH 11 311 21 HOH HOH A . 
D 3 HOH 12 312 22 HOH HOH A . 
D 3 HOH 13 313 24 HOH HOH A . 
D 3 HOH 14 314 25 HOH HOH A . 
D 3 HOH 15 315 27 HOH HOH A . 
D 3 HOH 16 316 28 HOH HOH A . 
D 3 HOH 17 317 29 HOH HOH A . 
D 3 HOH 18 318 30 HOH HOH A . 
D 3 HOH 19 319 32 HOH HOH A . 
D 3 HOH 20 320 34 HOH HOH A . 
D 3 HOH 21 321 35 HOH HOH A . 
D 3 HOH 22 322 37 HOH HOH A . 
D 3 HOH 23 323 39 HOH HOH A . 
D 3 HOH 24 324 40 HOH HOH A . 
D 3 HOH 25 325 41 HOH HOH A . 
D 3 HOH 26 326 42 HOH HOH A . 
D 3 HOH 27 327 43 HOH HOH A . 
D 3 HOH 28 328 44 HOH HOH A . 
D 3 HOH 29 329 45 HOH HOH A . 
D 3 HOH 30 330 48 HOH HOH A . 
D 3 HOH 31 331 49 HOH HOH A . 
D 3 HOH 32 332 50 HOH HOH A . 
D 3 HOH 33 333 51 HOH HOH A . 
D 3 HOH 34 334 52 HOH HOH A . 
D 3 HOH 35 335 53 HOH HOH A . 
D 3 HOH 36 336 54 HOH HOH A . 
D 3 HOH 37 337 55 HOH HOH A . 
D 3 HOH 38 338 56 HOH HOH A . 
D 3 HOH 39 339 57 HOH HOH A . 
D 3 HOH 40 340 60 HOH HOH A . 
D 3 HOH 41 341 61 HOH HOH A . 
D 3 HOH 42 342 62 HOH HOH A . 
D 3 HOH 43 343 63 HOH HOH A . 
D 3 HOH 44 344 64 HOH HOH A . 
D 3 HOH 45 345 65 HOH HOH A . 
D 3 HOH 46 346 69 HOH HOH A . 
D 3 HOH 47 347 71 HOH HOH A . 
E 3 HOH 1  301 4  HOH HOH B . 
E 3 HOH 2  302 6  HOH HOH B . 
E 3 HOH 3  303 7  HOH HOH B . 
E 3 HOH 4  304 8  HOH HOH B . 
E 3 HOH 5  305 9  HOH HOH B . 
E 3 HOH 6  306 10 HOH HOH B . 
E 3 HOH 7  307 12 HOH HOH B . 
E 3 HOH 8  308 13 HOH HOH B . 
E 3 HOH 9  309 14 HOH HOH B . 
E 3 HOH 10 310 23 HOH HOH B . 
E 3 HOH 11 311 26 HOH HOH B . 
E 3 HOH 12 312 31 HOH HOH B . 
E 3 HOH 13 313 33 HOH HOH B . 
E 3 HOH 14 314 36 HOH HOH B . 
E 3 HOH 15 315 38 HOH HOH B . 
E 3 HOH 16 316 46 HOH HOH B . 
E 3 HOH 17 317 47 HOH HOH B . 
E 3 HOH 18 318 58 HOH HOH B . 
E 3 HOH 19 319 59 HOH HOH B . 
E 3 HOH 20 320 66 HOH HOH B . 
E 3 HOH 21 321 67 HOH HOH B . 
E 3 HOH 22 322 68 HOH HOH B . 
E 3 HOH 23 323 70 HOH HOH B . 
E 3 HOH 24 324 72 HOH HOH B . 
E 3 HOH 25 325 73 HOH HOH B . 
E 3 HOH 26 326 74 HOH HOH B . 
E 3 HOH 27 327 75 HOH HOH B . 
E 3 HOH 28 328 76 HOH HOH B . 
E 3 HOH 29 329 77 HOH HOH B . 
E 3 HOH 30 330 78 HOH HOH B . 
# 
_pdbx_struct_assembly.id                   1 
_pdbx_struct_assembly.details              author_and_software_defined_assembly 
_pdbx_struct_assembly.method_details       PISA 
_pdbx_struct_assembly.oligomeric_details   dimeric 
_pdbx_struct_assembly.oligomeric_count     2 
# 
_pdbx_struct_assembly_gen.assembly_id       1 
_pdbx_struct_assembly_gen.oper_expression   1 
_pdbx_struct_assembly_gen.asym_id_list      A,B,C,D,E 
# 
loop_
_pdbx_struct_assembly_prop.biol_id 
_pdbx_struct_assembly_prop.type 
_pdbx_struct_assembly_prop.value 
_pdbx_struct_assembly_prop.details 
1 'ABSA (A^2)' 1260 ? 
1 MORE         -32  ? 
1 'SSA (A^2)'  3670 ? 
# 
_pdbx_struct_oper_list.id                   1 
_pdbx_struct_oper_list.type                 'identity operation' 
_pdbx_struct_oper_list.name                 1_555 
_pdbx_struct_oper_list.symmetry_operation   x,y,z 
_pdbx_struct_oper_list.matrix[1][1]         1.0000000000 
_pdbx_struct_oper_list.matrix[1][2]         0.0000000000 
_pdbx_struct_oper_list.matrix[1][3]         0.0000000000 
_pdbx_struct_oper_list.vector[1]            0.0000000000 
_pdbx_struct_oper_list.matrix[2][1]         0.0000000000 
_pdbx_struct_oper_list.matrix[2][2]         1.0000000000 
_pdbx_struct_oper_list.matrix[2][3]         0.0000000000 
_pdbx_struct_oper_list.vector[2]            0.0000000000 
_pdbx_struct_oper_list.matrix[3][1]         0.0000000000 
_pdbx_struct_oper_list.matrix[3][2]         0.0000000000 
_pdbx_struct_oper_list.matrix[3][3]         1.0000000000 
_pdbx_struct_oper_list.vector[3]            0.0000000000 
# 
loop_
_pdbx_struct_conn_angle.id 
_pdbx_struct_conn_angle.ptnr1_label_atom_id 
_pdbx_struct_conn_angle.ptnr1_label_alt_id 
_pdbx_struct_conn_angle.ptnr1_label_asym_id 
_pdbx_struct_conn_angle.ptnr1_label_comp_id 
_pdbx_struct_conn_angle.ptnr1_label_seq_id 
_pdbx_struct_conn_angle.ptnr1_auth_atom_id 
_pdbx_struct_conn_angle.ptnr1_auth_asym_id 
_pdbx_struct_conn_angle.ptnr1_auth_comp_id 
_pdbx_struct_conn_angle.ptnr1_auth_seq_id 
_pdbx_struct_conn_angle.ptnr1_PDB_ins_code 
_pdbx_struct_conn_angle.ptnr1_symmetry 
_pdbx_struct_conn_angle.ptnr2_label_atom_id 
_pdbx_struct_conn_angle.ptnr2_label_alt_id 
_pdbx_struct_conn_angle.ptnr2_label_asym_id 
_pdbx_struct_conn_angle.ptnr2_label_comp_id 
_pdbx_struct_conn_angle.ptnr2_label_seq_id 
_pdbx_struct_conn_angle.ptnr2_auth_atom_id 
_pdbx_struct_conn_angle.ptnr2_auth_asym_id 
_pdbx_struct_conn_angle.ptnr2_auth_comp_id 
_pdbx_struct_conn_angle.ptnr2_auth_seq_id 
_pdbx_struct_conn_angle.ptnr2_PDB_ins_code 
_pdbx_struct_conn_angle.ptnr2_symmetry 
_pdbx_struct_conn_angle.ptnr3_label_atom_id 
_pdbx_struct_conn_angle.ptnr3_label_alt_id 
_pdbx_struct_conn_angle.ptnr3_label_asym_id 
_pdbx_struct_conn_angle.ptnr3_label_comp_id 
_pdbx_struct_conn_angle.ptnr3_label_seq_id 
_pdbx_struct_conn_angle.ptnr3_auth_atom_id 
_pdbx_struct_conn_angle.ptnr3_auth_asym_id 
_pdbx_struct_conn_angle.ptnr3_auth_comp_id 
_pdbx_struct_conn_angle.ptnr3_auth_seq_id 
_pdbx_struct_conn_angle.ptnr3_PDB_ins_code 
_pdbx_struct_conn_angle.ptnr3_symmetry 
_pdbx_struct_conn_angle.value 
_pdbx_struct_conn_angle.value_esd 
1 O ? D HOH . ? A HOH 318 ? 1_555 SR ? C SR . ? A SR 201 ? 1_555 O ? D HOH . ? A HOH 334 ? 1_555 82.3  ? 
2 O ? D HOH . ? A HOH 318 ? 1_555 SR ? C SR . ? A SR 201 ? 1_555 O ? D HOH . ? A HOH 335 ? 1_555 74.1  ? 
3 O ? D HOH . ? A HOH 334 ? 1_555 SR ? C SR . ? A SR 201 ? 1_555 O ? D HOH . ? A HOH 335 ? 1_555 78.1  ? 
4 O ? D HOH . ? A HOH 318 ? 1_555 SR ? C SR . ? A SR 201 ? 1_555 O ? E HOH . ? B HOH 317 ? 1_555 144.4 ? 
5 O ? D HOH . ? A HOH 334 ? 1_555 SR ? C SR . ? A SR 201 ? 1_555 O ? E HOH . ? B HOH 317 ? 1_555 96.5  ? 
6 O ? D HOH . ? A HOH 335 ? 1_555 SR ? C SR . ? A SR 201 ? 1_555 O ? E HOH . ? B HOH 317 ? 1_555 70.9  ? 
# 
loop_
_pdbx_audit_revision_history.ordinal 
_pdbx_audit_revision_history.data_content_type 
_pdbx_audit_revision_history.major_revision 
_pdbx_audit_revision_history.minor_revision 
_pdbx_audit_revision_history.revision_date 
1 'Structure model' 1 0 2012-02-08 
2 'Structure model' 1 1 2023-09-13 
# 
_pdbx_audit_revision_details.ordinal             1 
_pdbx_audit_revision_details.revision_ordinal    1 
_pdbx_audit_revision_details.data_content_type   'Structure model' 
_pdbx_audit_revision_details.provider            repository 
_pdbx_audit_revision_details.type                'Initial release' 
_pdbx_audit_revision_details.description         ? 
_pdbx_audit_revision_details.details             ? 
# 
loop_
_pdbx_audit_revision_group.ordinal 
_pdbx_audit_revision_group.revision_ordinal 
_pdbx_audit_revision_group.data_content_type 
_pdbx_audit_revision_group.group 
1 2 'Structure model' 'Data collection'        
2 2 'Structure model' 'Database references'    
3 2 'Structure model' 'Derived calculations'   
4 2 'Structure model' 'Refinement description' 
# 
loop_
_pdbx_audit_revision_category.ordinal 
_pdbx_audit_revision_category.revision_ordinal 
_pdbx_audit_revision_category.data_content_type 
_pdbx_audit_revision_category.category 
1 2 'Structure model' chem_comp_atom                
2 2 'Structure model' chem_comp_bond                
3 2 'Structure model' database_2                    
4 2 'Structure model' pdbx_initial_refinement_model 
5 2 'Structure model' pdbx_struct_conn_angle        
6 2 'Structure model' struct_conn                   
7 2 'Structure model' struct_site                   
# 
loop_
_pdbx_audit_revision_item.ordinal 
_pdbx_audit_revision_item.revision_ordinal 
_pdbx_audit_revision_item.data_content_type 
_pdbx_audit_revision_item.item 
1  2 'Structure model' '_database_2.pdbx_DOI'                      
2  2 'Structure model' '_database_2.pdbx_database_accession'       
3  2 'Structure model' '_pdbx_struct_conn_angle.ptnr1_auth_seq_id' 
4  2 'Structure model' '_pdbx_struct_conn_angle.ptnr3_auth_seq_id' 
5  2 'Structure model' '_pdbx_struct_conn_angle.value'             
6  2 'Structure model' '_struct_conn.pdbx_dist_value'              
7  2 'Structure model' '_struct_conn.pdbx_leaving_atom_flag'       
8  2 'Structure model' '_struct_conn.ptnr2_auth_seq_id'            
9  2 'Structure model' '_struct_site.pdbx_auth_asym_id'            
10 2 'Structure model' '_struct_site.pdbx_auth_comp_id'            
11 2 'Structure model' '_struct_site.pdbx_auth_seq_id'             
# 
loop_
_software.name 
_software.classification 
_software.version 
_software.citation_id 
_software.pdbx_ordinal 
MD2      'data collection' 'diffractometer software from EMBL (with LS-CAT developed extensions)' ? 1 
CCP4     'model building'  .                                                                      ? 2 
MOLREP   phasing           .                                                                      ? 3 
REFMAC   refinement        5.5.0109                                                               ? 4 
HKL-2000 'data reduction'  .                                                                      ? 5 
HKL-2000 'data scaling'    .                                                                      ? 6 
CCP4     phasing           .                                                                      ? 7 
# 
loop_
_pdbx_validate_rmsd_bond.id 
_pdbx_validate_rmsd_bond.PDB_model_num 
_pdbx_validate_rmsd_bond.auth_atom_id_1 
_pdbx_validate_rmsd_bond.auth_asym_id_1 
_pdbx_validate_rmsd_bond.auth_comp_id_1 
_pdbx_validate_rmsd_bond.auth_seq_id_1 
_pdbx_validate_rmsd_bond.PDB_ins_code_1 
_pdbx_validate_rmsd_bond.label_alt_id_1 
_pdbx_validate_rmsd_bond.auth_atom_id_2 
_pdbx_validate_rmsd_bond.auth_asym_id_2 
_pdbx_validate_rmsd_bond.auth_comp_id_2 
_pdbx_validate_rmsd_bond.auth_seq_id_2 
_pdbx_validate_rmsd_bond.PDB_ins_code_2 
_pdbx_validate_rmsd_bond.label_alt_id_2 
_pdbx_validate_rmsd_bond.bond_value 
_pdbx_validate_rmsd_bond.bond_target_value 
_pdbx_validate_rmsd_bond.bond_deviation 
_pdbx_validate_rmsd_bond.bond_standard_deviation 
_pdbx_validate_rmsd_bond.linker_flag 
1 1 N7 A DG 103 ? ? C8 A DG 103 ? ? 1.257 1.305 -0.048 0.006 N 
2 1 N9 A DA 105 ? ? C4 A DA 105 ? ? 1.419 1.374 0.045  0.006 N 
3 1 N1 B DT 204 ? ? C2 B DT 204 ? ? 1.428 1.376 0.052  0.008 N 
4 1 C4 B DC 208 ? ? C5 B DC 208 ? ? 1.475 1.425 0.050  0.008 N 
# 
loop_
_pdbx_validate_rmsd_angle.id 
_pdbx_validate_rmsd_angle.PDB_model_num 
_pdbx_validate_rmsd_angle.auth_atom_id_1 
_pdbx_validate_rmsd_angle.auth_asym_id_1 
_pdbx_validate_rmsd_angle.auth_comp_id_1 
_pdbx_validate_rmsd_angle.auth_seq_id_1 
_pdbx_validate_rmsd_angle.PDB_ins_code_1 
_pdbx_validate_rmsd_angle.label_alt_id_1 
_pdbx_validate_rmsd_angle.auth_atom_id_2 
_pdbx_validate_rmsd_angle.auth_asym_id_2 
_pdbx_validate_rmsd_angle.auth_comp_id_2 
_pdbx_validate_rmsd_angle.auth_seq_id_2 
_pdbx_validate_rmsd_angle.PDB_ins_code_2 
_pdbx_validate_rmsd_angle.label_alt_id_2 
_pdbx_validate_rmsd_angle.auth_atom_id_3 
_pdbx_validate_rmsd_angle.auth_asym_id_3 
_pdbx_validate_rmsd_angle.auth_comp_id_3 
_pdbx_validate_rmsd_angle.auth_seq_id_3 
_pdbx_validate_rmsd_angle.PDB_ins_code_3 
_pdbx_validate_rmsd_angle.label_alt_id_3 
_pdbx_validate_rmsd_angle.angle_value 
_pdbx_validate_rmsd_angle.angle_target_value 
_pdbx_validate_rmsd_angle.angle_deviation 
_pdbx_validate_rmsd_angle.angle_standard_deviation 
_pdbx_validate_rmsd_angle.linker_flag 
1  1 C8    A DG 101 ? ? N9    A DG  101 ? ? C4    A DG  101 ? ? 102.88 106.40 -3.52  0.40 N 
2  1 N9    A DG 101 ? ? C4    A DG  101 ? ? C5    A DG  101 ? ? 108.47 105.40 3.07   0.40 N 
3  1 N1    A DC 102 ? ? C2    A DC  102 ? ? O2    A DC  102 ? ? 114.86 118.90 -4.04  0.60 N 
4  1 "O4'" A DT 104 ? ? "C4'" A DT  104 ? ? "C3'" A DT  104 ? ? 100.89 104.50 -3.61  0.40 N 
5  1 C6    A DT 104 ? ? C5    A DT  104 ? ? C7    A DT  104 ? ? 118.54 122.90 -4.36  0.60 N 
6  1 C6    A DA 105 ? ? N1    A DA  105 ? ? C2    A DA  105 ? ? 123.05 118.60 4.45   0.60 N 
7  1 N1    A DA 105 ? ? C2    A DA  105 ? ? N3    A DA  105 ? ? 125.96 129.30 -3.34  0.50 N 
8  1 C5    A DA 105 ? ? C6    A DA  105 ? ? N1    A DA  105 ? ? 114.63 117.70 -3.07  0.50 N 
9  1 "O3'" A DA 105 ? ? P     A F5H 106 ? ? "O5'" A F5H 106 ? ? 88.59  104.00 -15.41 1.90 Y 
10 1 "O4'" A DC 108 ? ? "C4'" A DC  108 ? ? "C3'" A DC  108 ? ? 101.63 104.50 -2.87  0.40 N 
11 1 "O4'" A DG 109 ? ? "C4'" A DG  109 ? ? "C3'" A DG  109 ? ? 101.01 104.50 -3.49  0.40 N 
12 1 C4    A DG 109 ? ? C5    A DG  109 ? ? N7    A DG  109 ? ? 114.09 110.80 3.29   0.40 N 
13 1 C5    A DG 109 ? ? N7    A DG  109 ? ? C8    A DG  109 ? ? 99.66  104.30 -4.64  0.50 N 
14 1 C6    A DG 109 ? ? C5    A DG  109 ? ? N7    A DG  109 ? ? 126.65 130.40 -3.75  0.60 N 
15 1 C6    A DC 110 ? ? N1    A DC  110 ? ? C2    A DC  110 ? ? 123.03 120.30 2.73   0.40 N 
16 1 "O4'" B DG 203 ? ? "C4'" B DG  203 ? ? "C3'" B DG  203 ? ? 99.87  104.50 -4.63  0.40 N 
17 1 "O4'" B DT 204 ? ? "C1'" B DT  204 ? ? N1    B DT  204 ? ? 110.33 108.30 2.03   0.30 N 
18 1 "O3'" B DA 205 ? ? P     B F5H 206 ? ? "O5'" B F5H 206 ? ? 90.08  104.00 -13.92 1.90 Y 
19 1 C6    B DA 207 ? ? N1    B DA  207 ? ? C2    B DA  207 ? ? 122.29 118.60 3.69   0.60 N 
20 1 N1    B DA 207 ? ? C2    B DA  207 ? ? N3    B DA  207 ? ? 123.13 129.30 -6.17  0.50 N 
21 1 C2    B DA 207 ? ? N3    B DA  207 ? ? C4    B DA  207 ? ? 114.81 110.60 4.21   0.50 N 
22 1 "C4'" B DC 208 ? ? "C3'" B DC  208 ? ? "C2'" B DC  208 ? ? 96.61  102.20 -5.59  0.70 N 
23 1 "C3'" B DG 209 ? ? "C2'" B DG  209 ? ? "C1'" B DG  209 ? ? 97.41  102.40 -4.99  0.80 N 
24 1 "O4'" B DG 209 ? ? "C1'" B DG  209 ? ? "C2'" B DG  209 ? ? 112.94 106.80 6.14   0.50 N 
25 1 C5    B DG 209 ? ? N7    B DG  209 ? ? C8    B DG  209 ? ? 107.40 104.30 3.10   0.50 N 
26 1 "O5'" B DC 210 ? ? "C5'" B DC  210 ? ? "C4'" B DC  210 ? ? 104.51 109.40 -4.89  0.80 N 
27 1 "O4'" B DC 210 ? ? "C4'" B DC  210 ? ? "C3'" B DC  210 ? ? 101.11 104.50 -3.39  0.40 N 
28 1 "O4'" B DC 210 ? ? "C1'" B DC  210 ? ? "C2'" B DC  210 ? ? 110.03 106.80 3.23   0.50 N 
# 
loop_
_chem_comp_atom.comp_id 
_chem_comp_atom.atom_id 
_chem_comp_atom.type_symbol 
_chem_comp_atom.pdbx_aromatic_flag 
_chem_comp_atom.pdbx_stereo_config 
_chem_comp_atom.pdbx_ordinal 
DA  OP3    O  N N 1   
DA  P      P  N N 2   
DA  OP1    O  N N 3   
DA  OP2    O  N N 4   
DA  "O5'"  O  N N 5   
DA  "C5'"  C  N N 6   
DA  "C4'"  C  N R 7   
DA  "O4'"  O  N N 8   
DA  "C3'"  C  N S 9   
DA  "O3'"  O  N N 10  
DA  "C2'"  C  N N 11  
DA  "C1'"  C  N R 12  
DA  N9     N  Y N 13  
DA  C8     C  Y N 14  
DA  N7     N  Y N 15  
DA  C5     C  Y N 16  
DA  C6     C  Y N 17  
DA  N6     N  N N 18  
DA  N1     N  Y N 19  
DA  C2     C  Y N 20  
DA  N3     N  Y N 21  
DA  C4     C  Y N 22  
DA  HOP3   H  N N 23  
DA  HOP2   H  N N 24  
DA  "H5'"  H  N N 25  
DA  "H5''" H  N N 26  
DA  "H4'"  H  N N 27  
DA  "H3'"  H  N N 28  
DA  "HO3'" H  N N 29  
DA  "H2'"  H  N N 30  
DA  "H2''" H  N N 31  
DA  "H1'"  H  N N 32  
DA  H8     H  N N 33  
DA  H61    H  N N 34  
DA  H62    H  N N 35  
DA  H2     H  N N 36  
DC  OP3    O  N N 37  
DC  P      P  N N 38  
DC  OP1    O  N N 39  
DC  OP2    O  N N 40  
DC  "O5'"  O  N N 41  
DC  "C5'"  C  N N 42  
DC  "C4'"  C  N R 43  
DC  "O4'"  O  N N 44  
DC  "C3'"  C  N S 45  
DC  "O3'"  O  N N 46  
DC  "C2'"  C  N N 47  
DC  "C1'"  C  N R 48  
DC  N1     N  N N 49  
DC  C2     C  N N 50  
DC  O2     O  N N 51  
DC  N3     N  N N 52  
DC  C4     C  N N 53  
DC  N4     N  N N 54  
DC  C5     C  N N 55  
DC  C6     C  N N 56  
DC  HOP3   H  N N 57  
DC  HOP2   H  N N 58  
DC  "H5'"  H  N N 59  
DC  "H5''" H  N N 60  
DC  "H4'"  H  N N 61  
DC  "H3'"  H  N N 62  
DC  "HO3'" H  N N 63  
DC  "H2'"  H  N N 64  
DC  "H2''" H  N N 65  
DC  "H1'"  H  N N 66  
DC  H41    H  N N 67  
DC  H42    H  N N 68  
DC  H5     H  N N 69  
DC  H6     H  N N 70  
DG  OP3    O  N N 71  
DG  P      P  N N 72  
DG  OP1    O  N N 73  
DG  OP2    O  N N 74  
DG  "O5'"  O  N N 75  
DG  "C5'"  C  N N 76  
DG  "C4'"  C  N R 77  
DG  "O4'"  O  N N 78  
DG  "C3'"  C  N S 79  
DG  "O3'"  O  N N 80  
DG  "C2'"  C  N N 81  
DG  "C1'"  C  N R 82  
DG  N9     N  Y N 83  
DG  C8     C  Y N 84  
DG  N7     N  Y N 85  
DG  C5     C  Y N 86  
DG  C6     C  N N 87  
DG  O6     O  N N 88  
DG  N1     N  N N 89  
DG  C2     C  N N 90  
DG  N2     N  N N 91  
DG  N3     N  N N 92  
DG  C4     C  Y N 93  
DG  HOP3   H  N N 94  
DG  HOP2   H  N N 95  
DG  "H5'"  H  N N 96  
DG  "H5''" H  N N 97  
DG  "H4'"  H  N N 98  
DG  "H3'"  H  N N 99  
DG  "HO3'" H  N N 100 
DG  "H2'"  H  N N 101 
DG  "H2''" H  N N 102 
DG  "H1'"  H  N N 103 
DG  H8     H  N N 104 
DG  H1     H  N N 105 
DG  H21    H  N N 106 
DG  H22    H  N N 107 
DT  OP3    O  N N 108 
DT  P      P  N N 109 
DT  OP1    O  N N 110 
DT  OP2    O  N N 111 
DT  "O5'"  O  N N 112 
DT  "C5'"  C  N N 113 
DT  "C4'"  C  N R 114 
DT  "O4'"  O  N N 115 
DT  "C3'"  C  N S 116 
DT  "O3'"  O  N N 117 
DT  "C2'"  C  N N 118 
DT  "C1'"  C  N R 119 
DT  N1     N  N N 120 
DT  C2     C  N N 121 
DT  O2     O  N N 122 
DT  N3     N  N N 123 
DT  C4     C  N N 124 
DT  O4     O  N N 125 
DT  C5     C  N N 126 
DT  C7     C  N N 127 
DT  C6     C  N N 128 
DT  HOP3   H  N N 129 
DT  HOP2   H  N N 130 
DT  "H5'"  H  N N 131 
DT  "H5''" H  N N 132 
DT  "H4'"  H  N N 133 
DT  "H3'"  H  N N 134 
DT  "HO3'" H  N N 135 
DT  "H2'"  H  N N 136 
DT  "H2''" H  N N 137 
DT  "H1'"  H  N N 138 
DT  H3     H  N N 139 
DT  H71    H  N N 140 
DT  H72    H  N N 141 
DT  H73    H  N N 142 
DT  H6     H  N N 143 
F5H P      P  N N 144 
F5H N1     N  N N 145 
F5H C2     C  N N 146 
F5H O2     O  N N 147 
F5H N3     N  N N 148 
F5H C4     C  N N 149 
F5H O4     O  N N 150 
F5H C5     C  N N 151 
F5H C6     C  N N 152 
F5H C7     C  N N 153 
F5H "C1'"  C  N N 154 
F5H O1P    O  N N 155 
F5H "C2'"  C  N R 156 
F5H O2P    O  N N 157 
F5H "C3'"  C  N S 158 
F5H "F3'"  F  N N 159 
F5H O3P    O  N N 160 
F5H "C4'"  C  N R 161 
F5H "O4'"  O  N N 162 
F5H "C5'"  C  N S 163 
F5H "O5'"  O  N N 164 
F5H "C6'"  C  N S 165 
F5H "O6'"  O  N N 166 
F5H "C7'"  C  N N 167 
F5H HN3    H  N N 168 
F5H H6     H  N N 169 
F5H H7     H  N N 170 
F5H H7A    H  N N 171 
F5H H7B    H  N N 172 
F5H "H1'"  H  N N 173 
F5H "H1'A" H  N N 174 
F5H HO1P   H  N N 175 
F5H "H2'"  H  N N 176 
F5H "H3'"  H  N N 177 
F5H HO3P   H  N N 178 
F5H "H4'"  H  N N 179 
F5H "HO4'" H  N N 180 
F5H "H5'"  H  N N 181 
F5H "H6'"  H  N N 182 
F5H "H7'"  H  N N 183 
F5H "H7'A" H  N N 184 
F5H "H7'B" H  N N 185 
HOH O      O  N N 186 
HOH H1     H  N N 187 
HOH H2     H  N N 188 
SR  SR     SR N N 189 
# 
loop_
_chem_comp_bond.comp_id 
_chem_comp_bond.atom_id_1 
_chem_comp_bond.atom_id_2 
_chem_comp_bond.value_order 
_chem_comp_bond.pdbx_aromatic_flag 
_chem_comp_bond.pdbx_stereo_config 
_chem_comp_bond.pdbx_ordinal 
DA  OP3   P      sing N N 1   
DA  OP3   HOP3   sing N N 2   
DA  P     OP1    doub N N 3   
DA  P     OP2    sing N N 4   
DA  P     "O5'"  sing N N 5   
DA  OP2   HOP2   sing N N 6   
DA  "O5'" "C5'"  sing N N 7   
DA  "C5'" "C4'"  sing N N 8   
DA  "C5'" "H5'"  sing N N 9   
DA  "C5'" "H5''" sing N N 10  
DA  "C4'" "O4'"  sing N N 11  
DA  "C4'" "C3'"  sing N N 12  
DA  "C4'" "H4'"  sing N N 13  
DA  "O4'" "C1'"  sing N N 14  
DA  "C3'" "O3'"  sing N N 15  
DA  "C3'" "C2'"  sing N N 16  
DA  "C3'" "H3'"  sing N N 17  
DA  "O3'" "HO3'" sing N N 18  
DA  "C2'" "C1'"  sing N N 19  
DA  "C2'" "H2'"  sing N N 20  
DA  "C2'" "H2''" sing N N 21  
DA  "C1'" N9     sing N N 22  
DA  "C1'" "H1'"  sing N N 23  
DA  N9    C8     sing Y N 24  
DA  N9    C4     sing Y N 25  
DA  C8    N7     doub Y N 26  
DA  C8    H8     sing N N 27  
DA  N7    C5     sing Y N 28  
DA  C5    C6     sing Y N 29  
DA  C5    C4     doub Y N 30  
DA  C6    N6     sing N N 31  
DA  C6    N1     doub Y N 32  
DA  N6    H61    sing N N 33  
DA  N6    H62    sing N N 34  
DA  N1    C2     sing Y N 35  
DA  C2    N3     doub Y N 36  
DA  C2    H2     sing N N 37  
DA  N3    C4     sing Y N 38  
DC  OP3   P      sing N N 39  
DC  OP3   HOP3   sing N N 40  
DC  P     OP1    doub N N 41  
DC  P     OP2    sing N N 42  
DC  P     "O5'"  sing N N 43  
DC  OP2   HOP2   sing N N 44  
DC  "O5'" "C5'"  sing N N 45  
DC  "C5'" "C4'"  sing N N 46  
DC  "C5'" "H5'"  sing N N 47  
DC  "C5'" "H5''" sing N N 48  
DC  "C4'" "O4'"  sing N N 49  
DC  "C4'" "C3'"  sing N N 50  
DC  "C4'" "H4'"  sing N N 51  
DC  "O4'" "C1'"  sing N N 52  
DC  "C3'" "O3'"  sing N N 53  
DC  "C3'" "C2'"  sing N N 54  
DC  "C3'" "H3'"  sing N N 55  
DC  "O3'" "HO3'" sing N N 56  
DC  "C2'" "C1'"  sing N N 57  
DC  "C2'" "H2'"  sing N N 58  
DC  "C2'" "H2''" sing N N 59  
DC  "C1'" N1     sing N N 60  
DC  "C1'" "H1'"  sing N N 61  
DC  N1    C2     sing N N 62  
DC  N1    C6     sing N N 63  
DC  C2    O2     doub N N 64  
DC  C2    N3     sing N N 65  
DC  N3    C4     doub N N 66  
DC  C4    N4     sing N N 67  
DC  C4    C5     sing N N 68  
DC  N4    H41    sing N N 69  
DC  N4    H42    sing N N 70  
DC  C5    C6     doub N N 71  
DC  C5    H5     sing N N 72  
DC  C6    H6     sing N N 73  
DG  OP3   P      sing N N 74  
DG  OP3   HOP3   sing N N 75  
DG  P     OP1    doub N N 76  
DG  P     OP2    sing N N 77  
DG  P     "O5'"  sing N N 78  
DG  OP2   HOP2   sing N N 79  
DG  "O5'" "C5'"  sing N N 80  
DG  "C5'" "C4'"  sing N N 81  
DG  "C5'" "H5'"  sing N N 82  
DG  "C5'" "H5''" sing N N 83  
DG  "C4'" "O4'"  sing N N 84  
DG  "C4'" "C3'"  sing N N 85  
DG  "C4'" "H4'"  sing N N 86  
DG  "O4'" "C1'"  sing N N 87  
DG  "C3'" "O3'"  sing N N 88  
DG  "C3'" "C2'"  sing N N 89  
DG  "C3'" "H3'"  sing N N 90  
DG  "O3'" "HO3'" sing N N 91  
DG  "C2'" "C1'"  sing N N 92  
DG  "C2'" "H2'"  sing N N 93  
DG  "C2'" "H2''" sing N N 94  
DG  "C1'" N9     sing N N 95  
DG  "C1'" "H1'"  sing N N 96  
DG  N9    C8     sing Y N 97  
DG  N9    C4     sing Y N 98  
DG  C8    N7     doub Y N 99  
DG  C8    H8     sing N N 100 
DG  N7    C5     sing Y N 101 
DG  C5    C6     sing N N 102 
DG  C5    C4     doub Y N 103 
DG  C6    O6     doub N N 104 
DG  C6    N1     sing N N 105 
DG  N1    C2     sing N N 106 
DG  N1    H1     sing N N 107 
DG  C2    N2     sing N N 108 
DG  C2    N3     doub N N 109 
DG  N2    H21    sing N N 110 
DG  N2    H22    sing N N 111 
DG  N3    C4     sing N N 112 
DT  OP3   P      sing N N 113 
DT  OP3   HOP3   sing N N 114 
DT  P     OP1    doub N N 115 
DT  P     OP2    sing N N 116 
DT  P     "O5'"  sing N N 117 
DT  OP2   HOP2   sing N N 118 
DT  "O5'" "C5'"  sing N N 119 
DT  "C5'" "C4'"  sing N N 120 
DT  "C5'" "H5'"  sing N N 121 
DT  "C5'" "H5''" sing N N 122 
DT  "C4'" "O4'"  sing N N 123 
DT  "C4'" "C3'"  sing N N 124 
DT  "C4'" "H4'"  sing N N 125 
DT  "O4'" "C1'"  sing N N 126 
DT  "C3'" "O3'"  sing N N 127 
DT  "C3'" "C2'"  sing N N 128 
DT  "C3'" "H3'"  sing N N 129 
DT  "O3'" "HO3'" sing N N 130 
DT  "C2'" "C1'"  sing N N 131 
DT  "C2'" "H2'"  sing N N 132 
DT  "C2'" "H2''" sing N N 133 
DT  "C1'" N1     sing N N 134 
DT  "C1'" "H1'"  sing N N 135 
DT  N1    C2     sing N N 136 
DT  N1    C6     sing N N 137 
DT  C2    O2     doub N N 138 
DT  C2    N3     sing N N 139 
DT  N3    C4     sing N N 140 
DT  N3    H3     sing N N 141 
DT  C4    O4     doub N N 142 
DT  C4    C5     sing N N 143 
DT  C5    C7     sing N N 144 
DT  C5    C6     doub N N 145 
DT  C7    H71    sing N N 146 
DT  C7    H72    sing N N 147 
DT  C7    H73    sing N N 148 
DT  C6    H6     sing N N 149 
F5H O2P   P      doub N N 150 
F5H "O6'" P      sing N N 151 
F5H P     O1P    sing N N 152 
F5H P     O3P    sing N N 153 
F5H C2    N1     sing N N 154 
F5H C6    N1     sing N N 155 
F5H N1    "C2'"  sing N N 156 
F5H N3    C2     sing N N 157 
F5H C2    O2     doub N N 158 
F5H C4    N3     sing N N 159 
F5H N3    HN3    sing N N 160 
F5H O4    C4     doub N N 161 
F5H C4    C5     sing N N 162 
F5H C7    C5     sing N N 163 
F5H C5    C6     doub N N 164 
F5H C6    H6     sing N N 165 
F5H C7    H7     sing N N 166 
F5H C7    H7A    sing N N 167 
F5H C7    H7B    sing N N 168 
F5H "C2'" "C1'"  sing N N 169 
F5H "C1'" "O5'"  sing N N 170 
F5H "C1'" "H1'"  sing N N 171 
F5H "C1'" "H1'A" sing N N 172 
F5H O1P   HO1P   sing N N 173 
F5H "C3'" "C2'"  sing N N 174 
F5H "C2'" "H2'"  sing N N 175 
F5H "C3'" "C4'"  sing N N 176 
F5H "C3'" "F3'"  sing N N 177 
F5H "C3'" "H3'"  sing N N 178 
F5H O3P   HO3P   sing N N 179 
F5H "O4'" "C4'"  sing N N 180 
F5H "C4'" "C5'"  sing N N 181 
F5H "C4'" "H4'"  sing N N 182 
F5H "O4'" "HO4'" sing N N 183 
F5H "C5'" "O5'"  sing N N 184 
F5H "C5'" "C6'"  sing N N 185 
F5H "C5'" "H5'"  sing N N 186 
F5H "O6'" "C6'"  sing N N 187 
F5H "C6'" "C7'"  sing N N 188 
F5H "C6'" "H6'"  sing N N 189 
F5H "C7'" "H7'"  sing N N 190 
F5H "C7'" "H7'A" sing N N 191 
F5H "C7'" "H7'B" sing N N 192 
HOH O     H1     sing N N 193 
HOH O     H2     sing N N 194 
# 
loop_
_ndb_struct_conf_na.entry_id 
_ndb_struct_conf_na.feature 
3V06 'a-form double helix' 
3V06 'internal loop'       
# 
loop_
_ndb_struct_na_base_pair.model_number 
_ndb_struct_na_base_pair.i_label_asym_id 
_ndb_struct_na_base_pair.i_label_comp_id 
_ndb_struct_na_base_pair.i_label_seq_id 
_ndb_struct_na_base_pair.i_symmetry 
_ndb_struct_na_base_pair.j_label_asym_id 
_ndb_struct_na_base_pair.j_label_comp_id 
_ndb_struct_na_base_pair.j_label_seq_id 
_ndb_struct_na_base_pair.j_symmetry 
_ndb_struct_na_base_pair.shear 
_ndb_struct_na_base_pair.stretch 
_ndb_struct_na_base_pair.stagger 
_ndb_struct_na_base_pair.buckle 
_ndb_struct_na_base_pair.propeller 
_ndb_struct_na_base_pair.opening 
_ndb_struct_na_base_pair.pair_number 
_ndb_struct_na_base_pair.pair_name 
_ndb_struct_na_base_pair.i_auth_asym_id 
_ndb_struct_na_base_pair.i_auth_seq_id 
_ndb_struct_na_base_pair.i_PDB_ins_code 
_ndb_struct_na_base_pair.j_auth_asym_id 
_ndb_struct_na_base_pair.j_auth_seq_id 
_ndb_struct_na_base_pair.j_PDB_ins_code 
_ndb_struct_na_base_pair.hbond_type_28 
_ndb_struct_na_base_pair.hbond_type_12 
1 A DG 1  1_555 B DC 10 1_555 -0.342 -0.160 0.289  7.059  -8.444  -0.931 1 A_DG101:DC210_B A 101 ? B 210 ? 19 1 
1 A DC 2  1_555 B DG 9  1_555 0.261  -0.143 0.040  9.676  -19.243 0.665  2 A_DC102:DG209_B A 102 ? B 209 ? 19 1 
1 A DG 3  1_555 B DC 8  1_555 -0.314 -0.163 0.231  -3.869 -17.126 0.941  3 A_DG103:DC208_B A 103 ? B 208 ? 19 1 
1 A DT 4  1_555 B DA 7  1_555 -0.109 -0.087 -0.162 -0.554 -17.616 1.592  4 A_DT104:DA207_B A 104 ? B 207 ? 20 1 
1 A DA 7  1_555 B DT 4  1_555 0.049  -0.155 0.131  2.536  -9.833  1.855  5 A_DA107:DT204_B A 107 ? B 204 ? 20 1 
1 A DC 8  1_555 B DG 3  1_555 0.250  -0.127 -0.054 8.483  -13.304 1.463  6 A_DC108:DG203_B A 108 ? B 203 ? 19 1 
1 A DG 9  1_555 B DC 2  1_555 -0.241 -0.206 -0.173 -7.473 -9.997  -1.007 7 A_DG109:DC202_B A 109 ? B 202 ? 19 1 
1 A DC 10 1_555 B DG 1  1_555 0.277  -0.071 0.064  -0.947 4.211   0.784  8 A_DC110:DG201_B A 110 ? B 201 ? 19 1 
# 
loop_
_ndb_struct_na_base_pair_step.model_number 
_ndb_struct_na_base_pair_step.i_label_asym_id_1 
_ndb_struct_na_base_pair_step.i_label_comp_id_1 
_ndb_struct_na_base_pair_step.i_label_seq_id_1 
_ndb_struct_na_base_pair_step.i_symmetry_1 
_ndb_struct_na_base_pair_step.j_label_asym_id_1 
_ndb_struct_na_base_pair_step.j_label_comp_id_1 
_ndb_struct_na_base_pair_step.j_label_seq_id_1 
_ndb_struct_na_base_pair_step.j_symmetry_1 
_ndb_struct_na_base_pair_step.i_label_asym_id_2 
_ndb_struct_na_base_pair_step.i_label_comp_id_2 
_ndb_struct_na_base_pair_step.i_label_seq_id_2 
_ndb_struct_na_base_pair_step.i_symmetry_2 
_ndb_struct_na_base_pair_step.j_label_asym_id_2 
_ndb_struct_na_base_pair_step.j_label_comp_id_2 
_ndb_struct_na_base_pair_step.j_label_seq_id_2 
_ndb_struct_na_base_pair_step.j_symmetry_2 
_ndb_struct_na_base_pair_step.shift 
_ndb_struct_na_base_pair_step.slide 
_ndb_struct_na_base_pair_step.rise 
_ndb_struct_na_base_pair_step.tilt 
_ndb_struct_na_base_pair_step.roll 
_ndb_struct_na_base_pair_step.twist 
_ndb_struct_na_base_pair_step.x_displacement 
_ndb_struct_na_base_pair_step.y_displacement 
_ndb_struct_na_base_pair_step.helical_rise 
_ndb_struct_na_base_pair_step.inclination 
_ndb_struct_na_base_pair_step.tip 
_ndb_struct_na_base_pair_step.helical_twist 
_ndb_struct_na_base_pair_step.step_number 
_ndb_struct_na_base_pair_step.step_name 
_ndb_struct_na_base_pair_step.i_auth_asym_id_1 
_ndb_struct_na_base_pair_step.i_auth_seq_id_1 
_ndb_struct_na_base_pair_step.i_PDB_ins_code_1 
_ndb_struct_na_base_pair_step.j_auth_asym_id_1 
_ndb_struct_na_base_pair_step.j_auth_seq_id_1 
_ndb_struct_na_base_pair_step.j_PDB_ins_code_1 
_ndb_struct_na_base_pair_step.i_auth_asym_id_2 
_ndb_struct_na_base_pair_step.i_auth_seq_id_2 
_ndb_struct_na_base_pair_step.i_PDB_ins_code_2 
_ndb_struct_na_base_pair_step.j_auth_asym_id_2 
_ndb_struct_na_base_pair_step.j_auth_seq_id_2 
_ndb_struct_na_base_pair_step.j_PDB_ins_code_2 
1 A DG 1 1_555 B DC 10 1_555 A DC 2  1_555 B DG 9 1_555 0.474  -1.255 3.181 2.733  0.830  38.712 -1.987 -0.389 3.179 1.250  -4.116 
38.814 1 AA_DG101DC102:DG209DC210_BB A 101 ? B 210 ? A 102 ? B 209 ? 
1 A DC 2 1_555 B DG 9  1_555 A DG 3  1_555 B DC 8 1_555 -0.134 -1.906 3.372 -2.805 12.548 29.057 -5.607 -0.228 2.369 23.605 5.276  
31.718 2 AA_DC102DG103:DC208DG209_BB A 102 ? B 209 ? A 103 ? B 208 ? 
1 A DG 3 1_555 B DC 8  1_555 A DT 4  1_555 B DA 7 1_555 -1.009 -1.418 3.075 -0.259 5.846  34.934 -3.111 1.625  2.816 9.655  0.427  
35.406 3 AA_DG103DT104:DA207DC208_BB A 103 ? B 208 ? A 104 ? B 207 ? 
1 A DA 7 1_555 B DT 4  1_555 A DC 8  1_555 B DG 3 1_555 0.234  -1.779 3.185 1.259  4.571  29.602 -4.321 -0.210 2.891 8.874  -2.443 
29.971 4 AA_DA107DC108:DG203DT204_BB A 107 ? B 204 ? A 108 ? B 203 ? 
1 A DC 8 1_555 B DG 3  1_555 A DG 9  1_555 B DC 2 1_555 -0.484 -2.004 3.548 1.287  13.028 29.413 -5.857 1.095  2.441 24.204 -2.391 
32.136 5 AA_DC108DG109:DC202DG203_BB A 108 ? B 203 ? A 109 ? B 202 ? 
1 A DG 9 1_555 B DC 2  1_555 A DC 10 1_555 B DG 1 1_555 0.491  -1.628 3.238 0.138  1.009  34.531 -2.894 -0.805 3.193 1.699  -0.232 
34.545 6 AA_DG109DC110:DG201DC202_BB A 109 ? B 202 ? A 110 ? B 201 ? 
# 
loop_
_pdbx_entity_nonpoly.entity_id 
_pdbx_entity_nonpoly.name 
_pdbx_entity_nonpoly.comp_id 
2 'STRONTIUM ION' SR  
3 water           HOH 
# 
_pdbx_initial_refinement_model.id               1 
_pdbx_initial_refinement_model.entity_id_list   ? 
_pdbx_initial_refinement_model.type             'experimental model' 
_pdbx_initial_refinement_model.source_name      PDB 
_pdbx_initial_refinement_model.accession_code   3EY2 
_pdbx_initial_refinement_model.details          'PDB ENTRY 3EY2' 
# 
